data_5DJ4
#
_entry.id   5DJ4
#
_cell.length_a   293.029
_cell.length_b   293.029
_cell.length_c   293.029
_cell.angle_alpha   90.00
_cell.angle_beta   90.00
_cell.angle_gamma   90.00
#
_symmetry.space_group_name_H-M   'I 2 3'
#
loop_
_entity.id
_entity.type
_entity.pdbx_description
1 polymer Sestrin-2
2 non-polymer LEUCINE
3 water water
#
_entity_poly.entity_id   1
_entity_poly.type   'polypeptide(L)'
_entity_poly.pdbx_seq_one_letter_code
;MIVADSECRAELKDYLRFAPGGVGDSGPGEEQRESRARRGPRGPSAFIPVEEVLREGAESLEQHLGLEALMSSGRVDNLA
VVMGLHPDYFTSFWRLHYLLLHTDGPLASSWRHYIAIMAAARHQCSYLVGSHMAEFLQTGGDPEWLLGLHRAPEKLRKLS
EINKLLAHRPWLITKEHIQALLKTGEHTWSLAELIQALVLLTHCHSLSSFVFGCGILPEGDADGSPAPQAPTPPSEQSSP
PSRDPLNNSGGFESARDVEALMERMQQLQESLLRDEGTSQEEMESRFELEKSESLLVTPSADILEPSPHPDMLCFVEDPT
FGYEDFTRRGAQAPPTFRAQDYTWEDHGYSLIQRLYPEGGQLLDEKFQAAYSLTYNTIAMHSGVDTSVLRRAIWNYIHCV
FGIRYDDYDYGEVNQLLERNLKVYIKTVACYPEKTTRRMYNLFWRHFRHSEKVHVNLLLLEARMQAALLYALRAITRYMT
;
_entity_poly.pdbx_strand_id   A,B,C,D,E
#
# COMPACT_ATOMS: atom_id res chain seq x y z
N GLY A 66 8.57 -27.08 32.89
CA GLY A 66 9.84 -27.72 33.18
C GLY A 66 9.78 -28.78 34.28
N LEU A 67 10.83 -29.60 34.34
CA LEU A 67 11.01 -30.59 35.40
C LEU A 67 11.28 -29.88 36.72
N GLU A 68 10.28 -29.18 37.24
CA GLU A 68 10.48 -28.18 38.28
C GLU A 68 11.04 -28.75 39.60
N ALA A 69 10.57 -29.91 40.02
CA ALA A 69 11.00 -30.47 41.31
C ALA A 69 12.46 -30.90 41.31
N LEU A 70 12.97 -31.29 40.14
CA LEU A 70 14.35 -31.69 39.94
C LEU A 70 15.27 -30.50 39.89
N MET A 71 14.87 -29.53 39.08
CA MET A 71 15.55 -28.24 38.92
C MET A 71 15.79 -27.55 40.24
N SER A 72 14.74 -27.42 41.04
CA SER A 72 14.84 -26.68 42.28
C SER A 72 15.19 -27.54 43.48
N SER A 73 15.81 -28.68 43.24
CA SER A 73 16.07 -29.62 44.31
C SER A 73 17.47 -29.45 44.83
N GLY A 74 18.38 -29.03 43.97
CA GLY A 74 19.77 -28.87 44.32
C GLY A 74 20.59 -30.14 44.17
N ARG A 75 20.06 -31.12 43.46
CA ARG A 75 20.68 -32.45 43.37
C ARG A 75 21.26 -32.78 42.00
N VAL A 76 20.92 -31.97 41.00
CA VAL A 76 21.58 -32.05 39.71
C VAL A 76 22.30 -30.75 39.42
N ASP A 77 23.25 -30.76 38.50
CA ASP A 77 24.08 -29.59 38.31
C ASP A 77 23.40 -28.51 37.47
N ASN A 78 24.01 -27.33 37.47
CA ASN A 78 23.50 -26.15 36.81
C ASN A 78 23.09 -26.37 35.36
N LEU A 79 23.89 -27.12 34.62
CA LEU A 79 23.62 -27.41 33.22
C LEU A 79 22.33 -28.18 33.06
N ALA A 80 22.16 -29.23 33.84
CA ALA A 80 20.95 -30.05 33.76
C ALA A 80 19.75 -29.28 34.24
N VAL A 81 19.95 -28.31 35.14
CA VAL A 81 18.85 -27.48 35.60
C VAL A 81 18.26 -26.67 34.46
N VAL A 82 19.12 -26.06 33.66
CA VAL A 82 18.66 -25.25 32.54
C VAL A 82 18.10 -26.13 31.41
N MET A 83 18.64 -27.32 31.23
CA MET A 83 18.09 -28.28 30.27
C MET A 83 16.66 -28.67 30.60
N GLY A 84 16.35 -28.71 31.89
CA GLY A 84 15.04 -29.08 32.36
C GLY A 84 13.93 -28.13 31.95
N LEU A 85 14.28 -26.97 31.44
CA LEU A 85 13.32 -26.00 30.92
C LEU A 85 12.51 -26.58 29.75
N HIS A 86 13.08 -27.57 29.06
CA HIS A 86 12.41 -28.27 27.97
C HIS A 86 12.44 -29.78 28.12
N PRO A 87 11.53 -30.32 28.93
CA PRO A 87 11.43 -31.74 29.28
C PRO A 87 11.51 -32.72 28.11
N ASP A 88 11.02 -32.36 26.94
CA ASP A 88 11.07 -33.27 25.81
C ASP A 88 12.43 -33.37 25.19
N TYR A 89 13.24 -32.33 25.37
CA TYR A 89 14.60 -32.38 24.94
C TYR A 89 15.46 -32.99 26.01
N PHE A 90 15.18 -32.66 27.27
CA PHE A 90 15.95 -33.16 28.39
C PHE A 90 16.06 -34.67 28.39
N THR A 91 14.95 -35.35 28.12
CA THR A 91 14.97 -36.81 28.13
C THR A 91 15.96 -37.33 27.10
N SER A 92 15.96 -36.75 25.92
CA SER A 92 16.89 -37.19 24.89
C SER A 92 18.34 -36.84 25.22
N PHE A 93 18.56 -35.63 25.73
CA PHE A 93 19.85 -35.23 26.25
C PHE A 93 20.38 -36.18 27.32
N TRP A 94 19.55 -36.50 28.30
CA TRP A 94 19.98 -37.30 29.42
C TRP A 94 20.36 -38.72 29.03
N ARG A 95 19.54 -39.35 28.21
CA ARG A 95 19.82 -40.67 27.70
C ARG A 95 21.20 -40.79 27.04
N LEU A 96 21.58 -39.82 26.23
CA LEU A 96 22.89 -39.86 25.60
C LEU A 96 23.99 -39.54 26.60
N HIS A 97 23.73 -38.60 27.48
CA HIS A 97 24.68 -38.24 28.50
C HIS A 97 25.03 -39.45 29.38
N TYR A 98 23.99 -40.14 29.85
CA TYR A 98 24.14 -41.33 30.66
C TYR A 98 24.80 -42.47 29.88
N LEU A 99 24.47 -42.61 28.60
CA LEU A 99 25.13 -43.59 27.76
C LEU A 99 26.65 -43.33 27.68
N LEU A 100 27.03 -42.11 27.34
CA LEU A 100 28.43 -41.76 27.15
C LEU A 100 29.26 -41.78 28.40
N LEU A 101 28.68 -41.42 29.52
CA LEU A 101 29.50 -41.23 30.70
C LEU A 101 29.24 -42.25 31.80
N HIS A 102 28.15 -43.00 31.72
CA HIS A 102 27.82 -43.86 32.84
C HIS A 102 27.32 -45.22 32.45
N THR A 103 27.72 -45.66 31.26
CA THR A 103 27.36 -46.95 30.71
C THR A 103 28.59 -47.55 30.05
N ASP A 104 28.86 -48.81 30.31
CA ASP A 104 29.98 -49.52 29.72
C ASP A 104 29.89 -49.54 28.19
N GLY A 105 31.04 -49.34 27.55
CA GLY A 105 31.13 -49.29 26.10
C GLY A 105 32.53 -49.61 25.64
N PRO A 106 32.84 -49.30 24.37
CA PRO A 106 34.17 -49.56 23.81
C PRO A 106 35.32 -48.97 24.64
N LEU A 107 35.11 -47.81 25.25
CA LEU A 107 36.17 -47.13 25.99
C LEU A 107 35.91 -47.13 27.48
N ALA A 108 36.98 -47.26 28.25
CA ALA A 108 36.93 -47.24 29.70
C ALA A 108 36.46 -45.88 30.20
N SER A 109 35.78 -45.89 31.34
CA SER A 109 35.25 -44.70 32.00
C SER A 109 36.21 -43.52 32.04
N SER A 110 37.47 -43.77 32.42
CA SER A 110 38.45 -42.71 32.56
C SER A 110 38.91 -42.15 31.24
N TRP A 111 38.99 -43.00 30.22
CA TRP A 111 39.29 -42.54 28.87
C TRP A 111 38.21 -41.63 28.33
N ARG A 112 36.97 -41.90 28.68
CA ARG A 112 35.86 -41.15 28.15
C ARG A 112 35.77 -39.77 28.78
N HIS A 113 36.00 -39.68 30.08
CA HIS A 113 36.13 -38.41 30.76
C HIS A 113 37.32 -37.61 30.30
N TYR A 114 38.44 -38.28 30.07
CA TYR A 114 39.59 -37.58 29.58
C TYR A 114 39.37 -37.06 28.17
N ILE A 115 38.72 -37.83 27.30
CA ILE A 115 38.41 -37.38 25.96
C ILE A 115 37.52 -36.13 26.02
N ALA A 116 36.59 -36.12 26.98
CA ALA A 116 35.73 -34.96 27.19
C ALA A 116 36.47 -33.72 27.70
N ILE A 117 37.53 -33.90 28.46
CA ILE A 117 38.37 -32.79 28.91
C ILE A 117 39.07 -32.17 27.70
N MET A 118 39.60 -33.00 26.82
CA MET A 118 40.23 -32.53 25.60
C MET A 118 39.28 -31.75 24.71
N ALA A 119 38.03 -32.20 24.65
CA ALA A 119 37.01 -31.57 23.84
C ALA A 119 36.60 -30.20 24.37
N ALA A 120 36.36 -30.12 25.68
CA ALA A 120 35.92 -28.88 26.31
C ALA A 120 37.03 -27.84 26.36
N ALA A 121 38.27 -28.30 26.32
CA ALA A 121 39.41 -27.42 26.37
C ALA A 121 39.54 -26.62 25.08
N ARG A 122 39.06 -27.17 23.97
CA ARG A 122 39.06 -26.45 22.70
C ARG A 122 38.36 -25.10 22.80
N HIS A 123 37.34 -25.00 23.65
CA HIS A 123 36.61 -23.76 23.81
C HIS A 123 36.88 -23.13 25.15
N GLN A 124 37.91 -23.60 25.82
CA GLN A 124 38.32 -23.05 27.12
C GLN A 124 37.14 -23.09 28.10
N CYS A 125 36.39 -24.18 28.08
CA CYS A 125 35.18 -24.32 28.90
C CYS A 125 35.45 -24.93 30.27
N SER A 126 35.75 -24.12 31.27
CA SER A 126 36.13 -24.63 32.59
C SER A 126 35.01 -25.32 33.31
N TYR A 127 33.77 -24.98 33.00
CA TYR A 127 32.66 -25.69 33.60
C TYR A 127 32.75 -27.18 33.28
N LEU A 128 32.99 -27.50 32.02
CA LEU A 128 33.03 -28.86 31.54
C LEU A 128 34.36 -29.55 31.80
N VAL A 129 35.46 -28.81 31.71
CA VAL A 129 36.75 -29.37 32.03
C VAL A 129 36.79 -29.75 33.49
N GLY A 130 36.40 -28.82 34.37
CA GLY A 130 36.43 -29.05 35.80
C GLY A 130 35.53 -30.17 36.27
N SER A 131 34.40 -30.33 35.59
CA SER A 131 33.44 -31.36 35.84
C SER A 131 33.97 -32.75 35.43
N HIS A 132 34.55 -32.86 34.26
CA HIS A 132 35.15 -34.11 33.84
C HIS A 132 36.49 -34.42 34.51
N MET A 133 37.21 -33.40 34.97
CA MET A 133 38.42 -33.63 35.73
C MET A 133 38.08 -34.34 37.04
N ALA A 134 37.02 -33.90 37.72
CA ALA A 134 36.61 -34.53 38.98
C ALA A 134 36.12 -35.96 38.78
N GLU A 135 35.31 -36.20 37.76
CA GLU A 135 34.85 -37.55 37.45
C GLU A 135 35.97 -38.48 37.05
N PHE A 136 36.90 -38.00 36.25
CA PHE A 136 38.07 -38.75 35.88
C PHE A 136 38.78 -39.29 37.12
N LEU A 137 38.92 -38.44 38.13
CA LEU A 137 39.58 -38.85 39.35
C LEU A 137 38.74 -39.80 40.19
N GLN A 138 37.45 -39.53 40.35
CA GLN A 138 36.54 -40.42 41.08
C GLN A 138 36.37 -41.79 40.45
N THR A 139 36.70 -41.93 39.18
CA THR A 139 36.51 -43.17 38.47
C THR A 139 37.82 -43.94 38.26
N GLY A 140 38.89 -43.46 38.88
CA GLY A 140 40.15 -44.18 38.89
C GLY A 140 41.13 -43.79 37.82
N GLY A 141 40.97 -42.59 37.27
CA GLY A 141 41.91 -42.12 36.30
C GLY A 141 43.21 -41.74 36.96
N ASP A 142 44.30 -42.02 36.28
CA ASP A 142 45.64 -41.63 36.68
C ASP A 142 45.74 -40.11 36.79
N PRO A 143 45.95 -39.58 38.00
CA PRO A 143 45.97 -38.13 38.21
C PRO A 143 47.03 -37.40 37.40
N GLU A 144 48.05 -38.13 36.96
CA GLU A 144 49.15 -37.50 36.26
C GLU A 144 48.74 -37.03 34.88
N TRP A 145 47.68 -37.62 34.32
CA TRP A 145 47.16 -37.19 33.03
C TRP A 145 46.65 -35.77 33.09
N LEU A 146 46.31 -35.30 34.27
CA LEU A 146 45.74 -33.97 34.45
C LEU A 146 46.80 -32.87 34.50
N LEU A 147 48.06 -33.27 34.38
CA LEU A 147 49.14 -32.31 34.22
C LEU A 147 49.26 -31.91 32.75
N GLY A 148 48.52 -32.58 31.88
CA GLY A 148 48.50 -32.21 30.48
C GLY A 148 48.61 -33.40 29.56
N LEU A 149 48.32 -33.17 28.28
CA LEU A 149 48.28 -34.22 27.26
C LEU A 149 49.52 -35.08 27.15
N HIS A 150 50.68 -34.48 27.40
CA HIS A 150 51.94 -35.14 27.17
C HIS A 150 52.12 -36.33 28.09
N ARG A 151 51.37 -36.32 29.19
CA ARG A 151 51.43 -37.41 30.17
C ARG A 151 50.40 -38.50 29.87
N ALA A 152 49.61 -38.30 28.83
CA ALA A 152 48.55 -39.21 28.45
C ALA A 152 49.01 -40.16 27.34
N PRO A 153 48.41 -41.36 27.25
CA PRO A 153 48.82 -42.37 26.27
C PRO A 153 48.84 -41.85 24.86
N GLU A 154 49.77 -42.32 24.05
CA GLU A 154 49.87 -41.89 22.66
C GLU A 154 48.54 -42.08 21.91
N LYS A 155 47.81 -43.14 22.25
CA LYS A 155 46.53 -43.39 21.62
C LYS A 155 45.53 -42.23 21.80
N LEU A 156 45.47 -41.68 23.00
CA LEU A 156 44.65 -40.51 23.30
C LEU A 156 45.16 -39.24 22.63
N ARG A 157 46.46 -39.10 22.51
CA ARG A 157 47.08 -37.93 21.88
C ARG A 157 46.83 -37.81 20.39
N LYS A 158 46.67 -38.93 19.70
CA LYS A 158 46.39 -38.97 18.27
C LYS A 158 45.06 -38.32 17.93
N LEU A 159 44.26 -38.11 18.97
CA LEU A 159 42.94 -37.53 18.83
C LEU A 159 42.95 -36.02 18.74
N SER A 160 44.09 -35.39 19.01
CA SER A 160 44.16 -33.94 19.09
C SER A 160 43.79 -33.23 17.80
N GLU A 161 44.27 -33.75 16.69
CA GLU A 161 44.04 -33.12 15.41
C GLU A 161 42.56 -33.09 15.09
N ILE A 162 41.89 -34.23 15.22
CA ILE A 162 40.50 -34.32 14.83
C ILE A 162 39.59 -33.66 15.87
N ASN A 163 40.04 -33.59 17.12
CA ASN A 163 39.39 -32.77 18.13
C ASN A 163 39.34 -31.31 17.69
N LYS A 164 40.50 -30.75 17.39
CA LYS A 164 40.61 -29.39 16.90
C LYS A 164 39.79 -29.13 15.63
N LEU A 165 39.81 -30.06 14.69
CA LEU A 165 39.09 -29.86 13.44
C LEU A 165 37.60 -29.99 13.63
N LEU A 166 37.17 -30.98 14.38
CA LEU A 166 35.77 -31.14 14.74
C LEU A 166 35.22 -29.88 15.37
N ALA A 167 35.95 -29.31 16.32
CA ALA A 167 35.50 -28.12 17.04
C ALA A 167 35.43 -26.85 16.20
N HIS A 168 36.36 -26.64 15.29
CA HIS A 168 36.47 -25.34 14.65
C HIS A 168 36.22 -25.34 13.16
N ARG A 169 36.69 -26.37 12.47
CA ARG A 169 36.60 -26.46 11.02
C ARG A 169 36.36 -27.89 10.58
N PRO A 170 35.17 -28.44 10.85
CA PRO A 170 34.97 -29.87 10.57
C PRO A 170 35.09 -30.22 9.09
N TRP A 171 34.86 -29.26 8.22
CA TRP A 171 34.91 -29.50 6.78
C TRP A 171 36.31 -29.89 6.29
N LEU A 172 37.33 -29.57 7.08
CA LEU A 172 38.69 -29.99 6.78
C LEU A 172 39.01 -31.45 7.14
N ILE A 173 38.09 -32.16 7.79
CA ILE A 173 38.34 -33.56 8.11
C ILE A 173 38.35 -34.43 6.87
N THR A 174 39.36 -35.27 6.79
CA THR A 174 39.75 -35.92 5.57
C THR A 174 40.03 -37.39 5.88
N LYS A 175 40.00 -38.24 4.88
CA LYS A 175 40.23 -39.65 5.14
C LYS A 175 41.65 -39.97 5.59
N GLU A 176 42.56 -39.02 5.38
CA GLU A 176 43.93 -39.19 5.82
C GLU A 176 44.02 -39.01 7.33
N HIS A 177 43.08 -38.26 7.90
CA HIS A 177 43.00 -38.11 9.34
C HIS A 177 42.54 -39.41 9.96
N ILE A 178 41.52 -40.01 9.37
CA ILE A 178 41.00 -41.32 9.74
C ILE A 178 42.06 -42.39 9.62
N GLN A 179 42.86 -42.32 8.56
CA GLN A 179 43.94 -43.26 8.35
C GLN A 179 44.99 -43.22 9.46
N ALA A 180 45.35 -42.03 9.92
CA ALA A 180 46.34 -41.90 10.99
C ALA A 180 45.80 -42.48 12.28
N LEU A 181 44.49 -42.39 12.46
CA LEU A 181 43.82 -42.89 13.65
C LEU A 181 43.74 -44.42 13.67
N LEU A 182 43.50 -45.02 12.52
CA LEU A 182 43.30 -46.47 12.44
C LEU A 182 44.60 -47.23 12.16
N LYS A 183 45.69 -46.49 12.13
CA LYS A 183 47.02 -47.01 11.80
C LYS A 183 47.47 -48.14 12.72
N THR A 184 47.84 -49.28 12.12
CA THR A 184 48.33 -50.45 12.87
C THR A 184 49.57 -50.13 13.70
N GLY A 185 49.56 -50.55 14.96
CA GLY A 185 50.64 -50.22 15.88
C GLY A 185 50.43 -50.87 17.25
N GLU A 186 50.96 -50.26 18.30
CA GLU A 186 50.89 -50.89 19.62
C GLU A 186 49.53 -50.67 20.27
N HIS A 187 48.96 -49.50 20.03
CA HIS A 187 47.61 -49.19 20.51
C HIS A 187 46.86 -48.43 19.41
N THR A 188 45.97 -49.18 18.75
CA THR A 188 45.31 -48.76 17.53
C THR A 188 43.87 -48.45 17.85
N TRP A 189 43.29 -47.45 17.20
CA TRP A 189 41.87 -47.23 17.36
C TRP A 189 41.08 -48.23 16.53
N SER A 190 40.12 -48.91 17.15
CA SER A 190 39.18 -49.68 16.37
C SER A 190 38.09 -48.73 15.92
N LEU A 191 37.20 -49.18 15.04
CA LEU A 191 36.15 -48.32 14.53
C LEU A 191 35.04 -48.06 15.55
N ALA A 192 34.78 -49.00 16.45
CA ALA A 192 33.78 -48.76 17.48
C ALA A 192 34.33 -47.78 18.52
N GLU A 193 35.60 -47.93 18.86
CA GLU A 193 36.27 -46.98 19.74
C GLU A 193 36.32 -45.60 19.15
N LEU A 194 36.69 -45.51 17.88
CA LEU A 194 36.79 -44.22 17.22
C LEU A 194 35.43 -43.54 17.16
N ILE A 195 34.39 -44.30 16.83
CA ILE A 195 33.07 -43.72 16.72
C ILE A 195 32.57 -43.22 18.06
N GLN A 196 32.80 -43.96 19.12
CA GLN A 196 32.41 -43.47 20.44
C GLN A 196 33.15 -42.18 20.81
N ALA A 197 34.42 -42.09 20.46
CA ALA A 197 35.22 -40.88 20.69
C ALA A 197 34.79 -39.68 19.85
N LEU A 198 34.37 -39.90 18.61
CA LEU A 198 33.83 -38.80 17.82
C LEU A 198 32.55 -38.27 18.41
N VAL A 199 31.73 -39.18 18.90
CA VAL A 199 30.49 -38.80 19.56
C VAL A 199 30.78 -38.06 20.87
N LEU A 200 31.76 -38.51 21.64
CA LEU A 200 32.17 -37.81 22.83
C LEU A 200 32.71 -36.40 22.56
N LEU A 201 33.59 -36.28 21.57
CA LEU A 201 34.18 -35.02 21.22
C LEU A 201 33.14 -34.00 20.78
N THR A 202 32.28 -34.37 19.84
CA THR A 202 31.29 -33.44 19.32
C THR A 202 30.23 -33.10 20.37
N HIS A 203 29.89 -34.07 21.22
CA HIS A 203 28.96 -33.87 22.31
C HIS A 203 29.46 -32.80 23.29
N CYS A 204 30.71 -32.88 23.74
CA CYS A 204 31.22 -31.83 24.61
C CYS A 204 31.54 -30.50 23.91
N HIS A 205 31.77 -30.48 22.60
CA HIS A 205 31.89 -29.22 21.88
C HIS A 205 30.55 -28.52 21.89
N SER A 206 29.51 -29.27 21.57
CA SER A 206 28.17 -28.72 21.53
C SER A 206 27.68 -28.31 22.91
N LEU A 207 28.20 -28.95 23.94
CA LEU A 207 27.84 -28.64 25.31
C LEU A 207 28.57 -27.42 25.83
N SER A 208 29.71 -27.11 25.20
CA SER A 208 30.43 -25.91 25.50
C SER A 208 29.69 -24.71 24.92
N SER A 209 29.02 -24.93 23.80
CA SER A 209 28.17 -23.91 23.21
C SER A 209 27.02 -23.58 24.12
N PHE A 210 26.39 -24.63 24.65
CA PHE A 210 25.26 -24.49 25.55
C PHE A 210 25.65 -23.81 26.86
N VAL A 211 26.79 -24.20 27.41
CA VAL A 211 27.23 -23.64 28.67
C VAL A 211 27.46 -22.14 28.56
N PHE A 212 28.15 -21.72 27.51
CA PHE A 212 28.41 -20.31 27.27
C PHE A 212 27.20 -19.53 26.78
N GLY A 213 26.42 -20.12 25.88
CA GLY A 213 25.23 -19.45 25.40
C GLY A 213 24.15 -19.20 26.44
N CYS A 214 24.06 -20.07 27.43
CA CYS A 214 23.09 -19.89 28.50
C CYS A 214 23.69 -19.29 29.76
N GLY A 215 24.97 -18.95 29.70
CA GLY A 215 25.64 -18.34 30.82
C GLY A 215 25.65 -19.21 32.06
N ILE A 216 25.85 -20.51 31.87
CA ILE A 216 25.87 -21.46 32.98
C ILE A 216 27.01 -21.19 33.97
N LEU A 217 26.63 -20.98 35.23
CA LEU A 217 27.56 -20.60 36.28
C LEU A 217 28.28 -21.82 36.88
N PRO A 218 29.47 -21.59 37.45
CA PRO A 218 30.18 -22.65 38.19
C PRO A 218 29.35 -23.20 39.35
N GLU A 219 29.61 -24.45 39.71
CA GLU A 219 28.95 -25.06 40.85
C GLU A 219 29.44 -24.48 42.17
N GLY A 220 30.65 -23.92 42.15
CA GLY A 220 31.23 -23.25 43.30
C GLY A 220 30.53 -21.94 43.65
N ASP A 221 30.91 -21.37 44.79
CA ASP A 221 30.32 -20.12 45.25
C ASP A 221 31.28 -18.94 45.06
N PRO A 233 21.89 -18.55 41.62
CA PRO A 233 21.29 -18.98 40.35
C PRO A 233 22.18 -19.96 39.56
N PRO A 234 21.59 -20.78 38.68
CA PRO A 234 22.33 -21.64 37.74
C PRO A 234 22.86 -20.94 36.50
N SER A 235 22.44 -19.70 36.25
CA SER A 235 22.86 -18.98 35.06
C SER A 235 23.08 -17.49 35.32
N GLU A 236 24.11 -16.92 34.70
CA GLU A 236 24.34 -15.49 34.82
C GLU A 236 23.48 -14.73 33.83
N GLN A 237 22.72 -15.45 33.03
CA GLN A 237 21.97 -14.82 31.96
C GLN A 237 20.48 -15.14 32.03
N SER A 238 20.09 -16.38 32.31
CA SER A 238 18.69 -16.68 32.59
C SER A 238 18.46 -16.57 34.07
N SER A 239 17.25 -16.89 34.51
CA SER A 239 16.90 -16.89 35.93
C SER A 239 15.63 -17.71 36.13
N PRO A 240 15.75 -19.07 36.17
CA PRO A 240 14.60 -19.98 36.25
C PRO A 240 13.50 -19.49 37.19
N ARG A 256 5.29 -3.77 18.01
CA ARG A 256 6.00 -5.00 18.34
C ARG A 256 6.55 -5.66 17.09
N ASP A 257 7.87 -5.83 17.05
CA ASP A 257 8.54 -6.49 15.95
C ASP A 257 8.28 -8.00 15.92
N VAL A 258 7.68 -8.52 16.98
CA VAL A 258 7.17 -9.87 17.00
C VAL A 258 6.07 -10.03 15.94
N GLU A 259 5.22 -9.02 15.86
CA GLU A 259 4.09 -9.06 14.94
C GLU A 259 4.57 -8.90 13.50
N ALA A 260 5.65 -8.14 13.32
CA ALA A 260 6.29 -8.05 12.02
C ALA A 260 6.81 -9.42 11.61
N LEU A 261 7.44 -10.10 12.57
CA LEU A 261 8.02 -11.42 12.32
C LEU A 261 6.94 -12.46 12.06
N MET A 262 5.86 -12.41 12.82
CA MET A 262 4.76 -13.35 12.63
C MET A 262 4.12 -13.17 11.26
N GLU A 263 4.09 -11.93 10.79
CA GLU A 263 3.50 -11.62 9.48
C GLU A 263 4.36 -12.19 8.37
N ARG A 264 5.66 -12.02 8.50
CA ARG A 264 6.59 -12.46 7.49
C ARG A 264 6.66 -13.97 7.42
N MET A 265 6.26 -14.62 8.50
CA MET A 265 6.21 -16.08 8.54
C MET A 265 5.02 -16.58 7.77
N GLN A 266 3.88 -15.90 7.96
CA GLN A 266 2.64 -16.24 7.26
C GLN A 266 2.79 -16.12 5.75
N GLN A 267 3.48 -15.09 5.30
CA GLN A 267 3.73 -14.89 3.88
C GLN A 267 4.41 -16.10 3.27
N LEU A 268 5.42 -16.61 3.96
CA LEU A 268 6.20 -17.73 3.45
C LEU A 268 5.34 -18.98 3.32
N GLN A 269 4.52 -19.23 4.34
CA GLN A 269 3.69 -20.42 4.35
C GLN A 269 2.69 -20.43 3.21
N GLU A 270 2.13 -19.25 2.94
CA GLU A 270 1.12 -19.09 1.90
C GLU A 270 1.65 -19.52 0.53
N SER A 271 2.87 -19.08 0.21
CA SER A 271 3.51 -19.45 -1.04
C SER A 271 3.77 -20.96 -1.11
N GLU A 281 18.11 -18.74 -10.66
CA GLU A 281 19.19 -19.56 -10.11
C GLU A 281 20.00 -18.80 -9.06
N GLU A 282 19.40 -17.75 -8.52
CA GLU A 282 20.04 -16.92 -7.51
C GLU A 282 20.19 -17.71 -6.21
N MET A 283 19.53 -18.86 -6.14
CA MET A 283 19.48 -19.67 -4.94
C MET A 283 20.84 -20.19 -4.48
N GLU A 284 21.75 -20.37 -5.42
CA GLU A 284 23.11 -20.78 -5.10
C GLU A 284 23.93 -19.57 -4.70
N SER A 285 23.52 -18.40 -5.16
CA SER A 285 24.22 -17.16 -4.84
C SER A 285 23.87 -16.67 -3.44
N ARG A 286 22.63 -16.93 -3.02
CA ARG A 286 22.13 -16.49 -1.73
C ARG A 286 22.73 -17.29 -0.61
N PHE A 287 23.16 -18.50 -0.93
CA PHE A 287 23.86 -19.33 0.01
C PHE A 287 25.26 -18.80 0.23
N GLU A 288 25.95 -18.50 -0.87
CA GLU A 288 27.32 -17.99 -0.81
C GLU A 288 27.39 -16.68 -0.06
N LEU A 289 26.33 -15.89 -0.14
CA LEU A 289 26.28 -14.60 0.51
C LEU A 289 26.17 -14.74 2.01
N GLU A 290 25.29 -15.63 2.44
CA GLU A 290 25.03 -15.89 3.84
C GLU A 290 26.19 -16.58 4.56
N LYS A 291 27.01 -17.27 3.78
CA LYS A 291 28.09 -18.09 4.32
C LYS A 291 29.38 -17.29 4.48
N SER A 292 29.56 -16.30 3.62
CA SER A 292 30.76 -15.48 3.62
C SER A 292 30.62 -14.25 4.51
N GLU A 293 29.40 -14.03 5.00
CA GLU A 293 29.11 -12.92 5.88
C GLU A 293 29.85 -13.10 7.20
N SER A 294 30.42 -12.01 7.72
CA SER A 294 31.28 -12.09 8.89
C SER A 294 30.76 -11.25 10.05
N LEU A 295 30.63 -11.86 11.23
CA LEU A 295 30.06 -11.18 12.38
C LEU A 295 30.71 -11.61 13.70
N PRO A 310 43.93 -21.01 30.51
CA PRO A 310 45.37 -21.06 30.78
C PRO A 310 45.79 -22.42 31.31
N ASP A 311 45.11 -22.88 32.35
CA ASP A 311 45.27 -24.22 32.89
C ASP A 311 44.79 -25.28 31.91
N MET A 312 43.95 -24.86 30.97
CA MET A 312 43.33 -25.78 30.03
C MET A 312 44.18 -25.93 28.79
N LEU A 313 45.13 -25.03 28.63
CA LEU A 313 46.01 -25.03 27.47
C LEU A 313 46.83 -26.31 27.35
N CYS A 314 47.09 -26.97 28.46
CA CYS A 314 47.91 -28.16 28.42
C CYS A 314 47.13 -29.39 27.94
N PHE A 315 45.89 -29.20 27.54
CA PHE A 315 45.10 -30.31 27.02
C PHE A 315 44.84 -30.17 25.53
N VAL A 316 45.44 -29.15 24.91
CA VAL A 316 45.26 -28.92 23.49
C VAL A 316 46.56 -28.70 22.73
N GLU A 317 46.51 -28.96 21.43
CA GLU A 317 47.49 -28.52 20.46
C GLU A 317 46.90 -27.34 19.70
N ASP A 318 47.70 -26.33 19.41
CA ASP A 318 47.28 -25.23 18.55
C ASP A 318 46.10 -24.48 19.12
N PRO A 319 46.30 -23.83 20.27
CA PRO A 319 45.21 -23.23 21.06
C PRO A 319 44.41 -22.15 20.32
N THR A 320 45.05 -21.43 19.41
CA THR A 320 44.42 -20.29 18.77
C THR A 320 43.75 -20.62 17.46
N PHE A 321 43.86 -21.87 17.03
CA PHE A 321 43.10 -22.35 15.88
C PHE A 321 41.61 -22.26 16.19
N GLY A 322 40.87 -21.66 15.26
CA GLY A 322 39.46 -21.42 15.45
C GLY A 322 38.78 -21.37 14.11
N TYR A 323 37.52 -20.99 14.11
CA TYR A 323 36.73 -20.94 12.89
C TYR A 323 37.35 -20.01 11.86
N GLU A 324 37.76 -18.82 12.29
CA GLU A 324 38.36 -17.83 11.40
C GLU A 324 39.84 -18.10 11.16
N ASP A 325 40.24 -17.99 9.89
CA ASP A 325 41.60 -18.22 9.50
C ASP A 325 42.34 -16.88 9.36
N PHE A 326 43.17 -16.59 10.34
CA PHE A 326 43.88 -15.32 10.37
C PHE A 326 45.17 -15.38 9.57
N THR A 327 45.53 -16.56 9.09
CA THR A 327 46.71 -16.73 8.28
C THR A 327 46.35 -16.37 6.82
N ARG A 328 45.11 -15.94 6.62
CA ARG A 328 44.62 -15.50 5.32
C ARG A 328 43.75 -14.26 5.45
N ARG A 329 43.80 -13.38 4.46
CA ARG A 329 42.94 -12.21 4.43
C ARG A 329 41.50 -12.61 4.12
N GLY A 330 40.56 -11.75 4.49
CA GLY A 330 39.16 -12.02 4.21
C GLY A 330 38.57 -13.00 5.20
N ALA A 331 37.27 -12.88 5.42
CA ALA A 331 36.58 -13.69 6.41
C ALA A 331 36.54 -15.16 6.02
N GLN A 332 36.15 -16.00 6.98
CA GLN A 332 36.10 -17.44 6.79
C GLN A 332 34.92 -17.87 5.92
N ALA A 333 35.24 -18.65 4.90
CA ALA A 333 34.23 -19.24 4.05
C ALA A 333 34.60 -20.69 3.81
N PRO A 334 33.87 -21.61 4.47
CA PRO A 334 34.10 -23.02 4.20
C PRO A 334 33.65 -23.37 2.79
N PRO A 335 34.25 -24.38 2.18
CA PRO A 335 33.76 -24.82 0.87
C PRO A 335 32.33 -25.30 0.96
N THR A 336 31.62 -25.23 -0.16
CA THR A 336 30.21 -25.58 -0.19
C THR A 336 30.06 -27.07 -0.35
N PHE A 337 29.25 -27.65 0.52
CA PHE A 337 28.99 -29.07 0.51
C PHE A 337 27.53 -29.26 0.20
N ARG A 338 27.23 -30.08 -0.79
CA ARG A 338 25.84 -30.32 -1.16
C ARG A 338 25.24 -31.34 -0.21
N ALA A 339 24.29 -30.88 0.61
CA ALA A 339 23.77 -31.63 1.73
C ALA A 339 23.39 -33.05 1.40
N GLN A 340 22.92 -33.26 0.18
CA GLN A 340 22.39 -34.54 -0.25
C GLN A 340 23.49 -35.56 -0.50
N ASP A 341 24.73 -35.12 -0.62
CA ASP A 341 25.85 -36.00 -0.90
C ASP A 341 26.15 -36.92 0.29
N TYR A 342 25.85 -36.44 1.49
CA TYR A 342 26.03 -37.22 2.71
C TYR A 342 25.14 -36.71 3.83
N THR A 343 23.99 -37.35 4.05
CA THR A 343 23.05 -36.90 5.06
C THR A 343 23.01 -37.79 6.28
N TRP A 344 22.45 -37.28 7.37
CA TRP A 344 22.21 -38.10 8.55
C TRP A 344 21.19 -39.20 8.25
N GLU A 345 20.04 -38.80 7.76
CA GLU A 345 18.94 -39.70 7.49
C GLU A 345 19.32 -40.88 6.60
N ASP A 346 20.08 -40.61 5.53
CA ASP A 346 20.40 -41.61 4.52
C ASP A 346 21.78 -42.26 4.65
N HIS A 347 22.74 -41.59 5.30
CA HIS A 347 24.12 -42.09 5.33
C HIS A 347 24.74 -42.19 6.72
N GLY A 348 24.71 -41.12 7.50
CA GLY A 348 25.44 -41.06 8.74
C GLY A 348 24.89 -41.87 9.85
N TYR A 349 23.59 -41.79 10.07
CA TYR A 349 22.86 -42.62 11.03
C TYR A 349 23.17 -44.09 10.84
N SER A 350 22.99 -44.56 9.62
CA SER A 350 23.23 -45.95 9.32
C SER A 350 24.68 -46.38 9.58
N LEU A 351 25.66 -45.52 9.33
CA LEU A 351 27.04 -45.84 9.64
C LEU A 351 27.26 -45.98 11.12
N ILE A 352 26.67 -45.11 11.92
CA ILE A 352 26.87 -45.16 13.34
C ILE A 352 26.14 -46.33 13.99
N GLN A 353 24.97 -46.69 13.50
CA GLN A 353 24.29 -47.81 14.11
C GLN A 353 24.98 -49.12 13.79
N ARG A 354 25.76 -49.15 12.72
CA ARG A 354 26.57 -50.32 12.40
C ARG A 354 27.84 -50.44 13.22
N LEU A 355 28.42 -49.31 13.61
CA LEU A 355 29.69 -49.30 14.32
C LEU A 355 29.54 -49.04 15.80
N TYR A 356 28.41 -48.48 16.20
CA TYR A 356 28.16 -48.14 17.59
C TYR A 356 26.65 -48.14 17.79
N PRO A 357 26.00 -49.29 17.63
CA PRO A 357 24.54 -49.37 17.56
C PRO A 357 23.82 -48.61 18.66
N GLU A 358 24.30 -48.79 19.88
CA GLU A 358 23.61 -48.31 21.06
C GLU A 358 23.61 -46.78 21.15
N GLY A 359 24.38 -46.13 20.28
CA GLY A 359 24.51 -44.69 20.29
C GLY A 359 23.88 -43.96 19.13
N GLY A 360 23.79 -44.60 17.98
CA GLY A 360 23.13 -44.03 16.83
C GLY A 360 21.67 -43.77 16.99
N GLN A 361 20.94 -44.71 17.56
CA GLN A 361 19.52 -44.50 17.81
C GLN A 361 19.25 -43.30 18.74
N LEU A 362 20.04 -43.19 19.80
CA LEU A 362 19.95 -42.13 20.78
C LEU A 362 20.29 -40.77 20.20
N LEU A 363 21.30 -40.72 19.33
CA LEU A 363 21.59 -39.53 18.56
C LEU A 363 20.45 -39.16 17.62
N ASP A 364 19.96 -40.10 16.84
CA ASP A 364 18.87 -39.81 15.92
C ASP A 364 17.64 -39.28 16.65
N GLU A 365 17.33 -39.85 17.80
CA GLU A 365 16.25 -39.37 18.63
C GLU A 365 16.48 -37.95 19.18
N LYS A 366 17.71 -37.62 19.53
CA LYS A 366 18.06 -36.29 19.99
C LYS A 366 17.99 -35.24 18.87
N PHE A 367 18.47 -35.58 17.68
CA PHE A 367 18.39 -34.69 16.53
C PHE A 367 16.95 -34.36 16.20
N GLN A 368 16.07 -35.34 16.23
CA GLN A 368 14.69 -35.12 15.90
C GLN A 368 13.95 -34.47 17.06
N ALA A 369 14.40 -34.69 18.29
CA ALA A 369 13.74 -34.10 19.43
C ALA A 369 13.91 -32.59 19.42
N ALA A 370 15.05 -32.14 18.96
CA ALA A 370 15.38 -30.73 18.94
C ALA A 370 14.80 -30.04 17.70
N TYR A 371 14.88 -30.71 16.56
CA TYR A 371 14.42 -30.14 15.32
C TYR A 371 12.91 -29.93 15.31
N SER A 372 12.16 -30.78 15.99
CA SER A 372 10.73 -30.69 15.96
C SER A 372 10.10 -30.11 17.23
N LEU A 373 10.92 -29.82 18.22
CA LEU A 373 10.43 -29.23 19.46
C LEU A 373 9.68 -27.92 19.22
N THR A 374 8.45 -27.85 19.72
CA THR A 374 7.64 -26.65 19.59
C THR A 374 6.50 -26.62 20.59
N TYR A 375 6.11 -25.43 21.01
CA TYR A 375 4.97 -25.22 21.88
C TYR A 375 3.92 -24.44 21.13
N ASN A 376 4.22 -24.19 19.86
CA ASN A 376 3.38 -23.37 18.99
C ASN A 376 3.16 -21.99 19.57
N THR A 377 4.19 -21.45 20.20
CA THR A 377 4.13 -20.12 20.77
C THR A 377 5.22 -19.33 20.10
N ILE A 378 5.12 -18.00 20.11
CA ILE A 378 6.12 -17.20 19.42
C ILE A 378 6.72 -16.12 20.31
N ALA A 379 5.97 -15.61 21.26
CA ALA A 379 6.54 -14.81 22.33
C ALA A 379 5.46 -14.63 23.37
N MET A 380 4.62 -13.63 23.17
CA MET A 380 3.42 -13.50 23.97
C MET A 380 2.30 -14.27 23.29
N HIS A 381 2.55 -14.73 22.06
CA HIS A 381 1.52 -15.31 21.20
C HIS A 381 1.44 -16.83 21.17
N SER A 382 0.26 -17.32 20.81
CA SER A 382 -0.06 -18.74 20.83
C SER A 382 -0.70 -19.15 19.53
N GLY A 383 -0.79 -20.44 19.28
CA GLY A 383 -1.44 -20.95 18.08
C GLY A 383 -0.68 -20.68 16.80
N VAL A 384 0.63 -20.49 16.92
CA VAL A 384 1.49 -20.20 15.78
C VAL A 384 2.37 -21.37 15.36
N ASP A 385 2.32 -21.74 14.09
CA ASP A 385 3.31 -22.65 13.51
C ASP A 385 4.62 -21.90 13.37
N THR A 386 5.68 -22.40 14.01
CA THR A 386 6.95 -21.70 13.99
C THR A 386 8.03 -22.40 13.20
N SER A 387 7.66 -23.40 12.42
CA SER A 387 8.64 -24.25 11.78
C SER A 387 9.50 -23.57 10.71
N VAL A 388 9.02 -22.48 10.11
CA VAL A 388 9.83 -21.71 9.18
C VAL A 388 10.99 -21.05 9.89
N LEU A 389 10.70 -20.56 11.09
CA LEU A 389 11.66 -19.86 11.92
C LEU A 389 12.73 -20.80 12.43
N ARG A 390 12.29 -21.96 12.91
CA ARG A 390 13.20 -22.93 13.48
C ARG A 390 14.05 -23.59 12.42
N ARG A 391 13.49 -23.73 11.22
CA ARG A 391 14.21 -24.27 10.09
C ARG A 391 15.32 -23.33 9.65
N ALA A 392 15.06 -22.04 9.78
CA ALA A 392 16.01 -21.02 9.37
C ALA A 392 17.18 -20.93 10.34
N ILE A 393 16.91 -21.14 11.63
CA ILE A 393 17.97 -21.20 12.64
C ILE A 393 18.89 -22.39 12.40
N TRP A 394 18.28 -23.53 12.14
CA TRP A 394 18.99 -24.75 11.82
C TRP A 394 19.79 -24.60 10.55
N ASN A 395 19.14 -24.19 9.47
CA ASN A 395 19.79 -24.11 8.17
C ASN A 395 20.86 -23.02 8.08
N TYR A 396 20.71 -21.95 8.84
CA TYR A 396 21.75 -20.95 8.95
C TYR A 396 23.03 -21.51 9.57
N ILE A 397 22.90 -22.26 10.65
CA ILE A 397 24.05 -22.85 11.33
C ILE A 397 24.75 -23.87 10.47
N HIS A 398 23.99 -24.65 9.73
CA HIS A 398 24.58 -25.58 8.81
C HIS A 398 25.28 -24.87 7.67
N CYS A 399 24.72 -23.72 7.26
CA CYS A 399 25.32 -22.85 6.27
C CYS A 399 26.68 -22.35 6.73
N VAL A 400 26.74 -21.89 7.97
CA VAL A 400 27.98 -21.51 8.63
C VAL A 400 29.06 -22.61 8.55
N PHE A 401 28.65 -23.87 8.43
CA PHE A 401 29.61 -24.96 8.35
C PHE A 401 29.67 -25.54 6.95
N GLY A 402 29.06 -24.82 6.00
CA GLY A 402 29.26 -25.07 4.58
C GLY A 402 28.24 -25.96 3.91
N ILE A 403 27.23 -26.38 4.65
CA ILE A 403 26.27 -27.35 4.15
C ILE A 403 25.08 -26.66 3.46
N ARG A 404 24.87 -26.96 2.18
CA ARG A 404 23.79 -26.33 1.42
C ARG A 404 22.67 -27.31 1.11
N TYR A 405 21.45 -26.94 1.50
CA TYR A 405 20.25 -27.66 1.09
C TYR A 405 19.68 -27.08 -0.21
N ASP A 406 19.53 -27.94 -1.22
CA ASP A 406 19.07 -27.53 -2.55
C ASP A 406 17.78 -26.73 -2.58
N ASP A 407 16.75 -27.30 -1.99
CA ASP A 407 15.40 -26.78 -2.15
C ASP A 407 15.09 -25.73 -1.10
N TYR A 408 16.12 -25.05 -0.61
CA TYR A 408 15.89 -24.03 0.39
C TYR A 408 16.28 -22.66 -0.12
N ASP A 409 15.41 -21.68 0.08
CA ASP A 409 15.73 -20.30 -0.26
C ASP A 409 16.42 -19.65 0.93
N TYR A 410 17.72 -19.42 0.80
CA TYR A 410 18.49 -18.86 1.89
C TYR A 410 18.23 -17.38 2.11
N GLY A 411 17.40 -16.79 1.26
CA GLY A 411 16.89 -15.47 1.52
C GLY A 411 16.00 -15.44 2.74
N GLU A 412 15.46 -16.58 3.12
CA GLU A 412 14.55 -16.66 4.25
C GLU A 412 15.26 -16.39 5.56
N VAL A 413 16.56 -16.62 5.57
CA VAL A 413 17.34 -16.39 6.77
C VAL A 413 17.29 -14.91 7.18
N ASN A 414 17.54 -14.01 6.24
CA ASN A 414 17.53 -12.58 6.54
C ASN A 414 16.15 -12.03 6.79
N GLN A 415 15.15 -12.64 6.16
CA GLN A 415 13.77 -12.27 6.41
C GLN A 415 13.32 -12.63 7.83
N LEU A 416 13.91 -13.69 8.39
CA LEU A 416 13.42 -14.27 9.64
C LEU A 416 14.32 -14.04 10.85
N LEU A 417 15.62 -14.03 10.63
CA LEU A 417 16.57 -13.90 11.72
C LEU A 417 17.12 -12.48 11.78
N GLU A 418 16.76 -11.76 12.84
CA GLU A 418 17.23 -10.39 12.99
C GLU A 418 18.73 -10.42 13.18
N ARG A 419 19.41 -9.30 12.98
CA ARG A 419 20.87 -9.30 12.96
C ARG A 419 21.49 -9.63 14.32
N ASN A 420 20.87 -9.19 15.40
CA ASN A 420 21.40 -9.49 16.72
C ASN A 420 21.29 -10.95 17.06
N LEU A 421 20.35 -11.63 16.42
CA LEU A 421 20.17 -13.06 16.62
C LEU A 421 21.24 -13.83 15.89
N LYS A 422 21.62 -13.37 14.69
CA LYS A 422 22.67 -14.02 13.92
C LYS A 422 24.05 -13.85 14.53
N VAL A 423 24.30 -12.70 15.12
CA VAL A 423 25.55 -12.47 15.83
C VAL A 423 25.65 -13.41 17.03
N TYR A 424 24.55 -13.57 17.77
CA TYR A 424 24.51 -14.48 18.92
C TYR A 424 24.68 -15.95 18.49
N ILE A 425 23.87 -16.39 17.54
CA ILE A 425 23.95 -17.74 17.01
C ILE A 425 25.34 -18.09 16.53
N LYS A 426 25.95 -17.21 15.75
CA LYS A 426 27.26 -17.48 15.16
C LYS A 426 28.40 -17.41 16.17
N THR A 427 28.26 -16.54 17.17
CA THR A 427 29.23 -16.49 18.25
C THR A 427 29.16 -17.75 19.13
N VAL A 428 27.95 -18.27 19.35
CA VAL A 428 27.78 -19.39 20.26
C VAL A 428 28.20 -20.68 19.59
N ALA A 429 28.05 -20.73 18.28
CA ALA A 429 28.44 -21.90 17.52
C ALA A 429 29.94 -21.95 17.18
N CYS A 430 30.57 -20.80 16.99
CA CYS A 430 31.94 -20.77 16.47
C CYS A 430 32.94 -20.21 17.44
N TYR A 431 32.49 -19.38 18.36
CA TYR A 431 33.37 -18.74 19.33
C TYR A 431 32.72 -18.61 20.69
N PRO A 432 32.28 -19.74 21.29
CA PRO A 432 31.45 -19.65 22.49
C PRO A 432 32.09 -18.88 23.66
N GLU A 433 33.40 -18.96 23.85
CA GLU A 433 34.09 -18.22 24.90
C GLU A 433 33.73 -16.73 24.93
N LYS A 434 33.26 -16.24 23.80
CA LYS A 434 33.06 -14.81 23.58
C LYS A 434 31.63 -14.37 23.72
N THR A 435 30.78 -15.21 24.28
CA THR A 435 29.39 -14.82 24.48
C THR A 435 29.29 -13.93 25.71
N THR A 436 28.49 -12.88 25.60
CA THR A 436 28.33 -11.96 26.71
C THR A 436 26.87 -11.85 27.08
N ARG A 437 26.61 -11.39 28.30
CA ARG A 437 25.27 -11.07 28.74
C ARG A 437 24.61 -10.02 27.85
N ARG A 438 25.36 -9.00 27.46
CA ARG A 438 24.83 -7.98 26.56
C ARG A 438 24.39 -8.59 25.24
N MET A 439 25.16 -9.52 24.73
CA MET A 439 24.87 -10.16 23.45
C MET A 439 23.63 -11.05 23.55
N TYR A 440 23.51 -11.75 24.67
CA TYR A 440 22.32 -12.52 25.00
C TYR A 440 21.10 -11.62 25.15
N ASN A 441 21.26 -10.49 25.83
CA ASN A 441 20.14 -9.58 26.04
C ASN A 441 19.71 -8.82 24.81
N LEU A 442 20.65 -8.60 23.88
CA LEU A 442 20.39 -7.70 22.76
C LEU A 442 19.43 -8.24 21.73
N PHE A 443 19.37 -9.55 21.55
CA PHE A 443 18.49 -10.11 20.53
C PHE A 443 17.17 -10.53 21.14
N TRP A 444 16.14 -10.59 20.31
CA TRP A 444 14.81 -11.00 20.71
C TRP A 444 14.38 -10.43 22.06
N ARG A 445 14.39 -9.10 22.15
CA ARG A 445 14.14 -8.42 23.42
C ARG A 445 12.79 -8.78 24.05
N HIS A 446 11.80 -9.09 23.22
CA HIS A 446 10.45 -9.37 23.71
C HIS A 446 10.11 -10.86 23.81
N PHE A 447 11.09 -11.72 23.60
CA PHE A 447 10.89 -13.16 23.71
C PHE A 447 11.14 -13.63 25.13
N ARG A 448 10.65 -14.82 25.43
CA ARG A 448 10.83 -15.42 26.74
C ARG A 448 12.21 -16.04 26.84
N HIS A 449 12.73 -16.18 28.05
CA HIS A 449 14.02 -16.79 28.29
C HIS A 449 14.09 -18.22 27.79
N SER A 450 12.98 -18.93 27.94
CA SER A 450 12.90 -20.32 27.59
C SER A 450 13.08 -20.49 26.11
N GLU A 451 12.69 -19.46 25.35
CA GLU A 451 12.81 -19.50 23.90
C GLU A 451 14.23 -19.25 23.49
N LYS A 452 14.98 -18.55 24.33
CA LYS A 452 16.39 -18.34 24.12
C LYS A 452 17.15 -19.64 24.37
N VAL A 453 16.74 -20.36 25.40
CA VAL A 453 17.32 -21.66 25.69
C VAL A 453 17.01 -22.64 24.56
N HIS A 454 15.82 -22.54 24.01
CA HIS A 454 15.34 -23.33 22.88
C HIS A 454 16.22 -23.10 21.66
N VAL A 455 16.61 -21.85 21.41
CA VAL A 455 17.49 -21.52 20.29
C VAL A 455 18.84 -22.19 20.47
N ASN A 456 19.31 -22.22 21.71
CA ASN A 456 20.55 -22.86 22.05
C ASN A 456 20.54 -24.37 21.84
N LEU A 457 19.40 -25.02 22.04
CA LEU A 457 19.25 -26.45 21.78
C LEU A 457 19.32 -26.76 20.31
N LEU A 458 18.61 -25.96 19.54
CA LEU A 458 18.57 -26.08 18.09
C LEU A 458 19.95 -25.94 17.50
N LEU A 459 20.75 -25.09 18.11
CA LEU A 459 22.04 -24.73 17.55
C LEU A 459 23.12 -25.73 17.93
N LEU A 460 23.07 -26.28 19.14
CA LEU A 460 24.04 -27.29 19.51
C LEU A 460 23.80 -28.58 18.72
N GLU A 461 22.54 -28.90 18.44
CA GLU A 461 22.19 -30.05 17.64
C GLU A 461 22.52 -29.89 16.17
N ALA A 462 22.34 -28.69 15.65
CA ALA A 462 22.66 -28.42 14.26
C ALA A 462 24.15 -28.45 14.08
N ARG A 463 24.86 -27.85 15.01
CA ARG A 463 26.32 -27.85 15.01
C ARG A 463 26.93 -29.25 15.13
N MET A 464 26.39 -30.06 16.04
CA MET A 464 26.90 -31.39 16.27
C MET A 464 26.65 -32.33 15.09
N GLN A 465 25.47 -32.24 14.50
CA GLN A 465 25.20 -33.03 13.33
C GLN A 465 26.14 -32.67 12.18
N ALA A 466 26.45 -31.39 12.01
CA ALA A 466 27.38 -31.00 10.97
C ALA A 466 28.79 -31.55 11.19
N ALA A 467 29.31 -31.40 12.40
CA ALA A 467 30.65 -31.89 12.70
C ALA A 467 30.73 -33.41 12.54
N LEU A 468 29.75 -34.11 13.08
CA LEU A 468 29.63 -35.55 12.95
C LEU A 468 29.60 -36.03 11.52
N LEU A 469 28.71 -35.45 10.71
CA LEU A 469 28.58 -35.83 9.30
C LEU A 469 29.86 -35.65 8.48
N TYR A 470 30.62 -34.60 8.74
CA TYR A 470 31.89 -34.45 8.09
C TYR A 470 32.86 -35.56 8.52
N ALA A 471 32.88 -35.90 9.79
CA ALA A 471 33.74 -36.97 10.26
C ALA A 471 33.27 -38.33 9.76
N LEU A 472 31.96 -38.50 9.63
CA LEU A 472 31.41 -39.76 9.18
C LEU A 472 31.61 -39.96 7.70
N ARG A 473 31.53 -38.87 6.93
CA ARG A 473 31.85 -38.88 5.52
C ARG A 473 33.31 -39.24 5.26
N ALA A 474 34.20 -38.79 6.13
CA ALA A 474 35.61 -39.09 6.02
C ALA A 474 35.90 -40.55 6.30
N ILE A 475 35.17 -41.13 7.26
CA ILE A 475 35.32 -42.54 7.58
C ILE A 475 34.84 -43.36 6.40
N THR A 476 33.76 -42.95 5.77
CA THR A 476 33.22 -43.67 4.64
C THR A 476 34.20 -43.64 3.47
N ARG A 477 34.78 -42.49 3.20
CA ARG A 477 35.74 -42.37 2.11
C ARG A 477 36.98 -43.19 2.38
N TYR A 478 37.37 -43.33 3.64
CA TYR A 478 38.55 -44.13 3.98
C TYR A 478 38.31 -45.60 3.78
N MET A 479 37.13 -46.08 4.18
CA MET A 479 36.74 -47.48 4.06
C MET A 479 36.70 -47.98 2.62
N THR A 480 36.41 -47.08 1.68
CA THR A 480 36.39 -47.44 0.27
C THR A 480 37.81 -47.60 -0.26
N GLY B 66 20.45 32.03 -21.33
CA GLY B 66 19.72 33.11 -21.98
C GLY B 66 20.62 34.05 -22.78
N LEU B 67 20.01 34.90 -23.60
CA LEU B 67 20.73 35.94 -24.35
C LEU B 67 21.13 37.11 -23.46
N GLU B 68 21.94 36.84 -22.44
CA GLU B 68 22.17 37.81 -21.37
C GLU B 68 22.64 39.21 -21.81
N ALA B 69 23.54 39.29 -22.77
CA ALA B 69 24.08 40.60 -23.18
C ALA B 69 23.04 41.45 -23.89
N LEU B 70 22.15 40.81 -24.63
CA LEU B 70 21.02 41.52 -25.24
C LEU B 70 20.08 42.02 -24.17
N MET B 71 19.64 41.10 -23.32
CA MET B 71 18.68 41.36 -22.25
C MET B 71 19.14 42.47 -21.31
N SER B 72 20.39 42.44 -20.91
CA SER B 72 20.90 43.46 -20.01
C SER B 72 21.52 44.67 -20.71
N SER B 73 21.20 44.89 -21.98
CA SER B 73 21.79 45.99 -22.71
C SER B 73 20.94 47.24 -22.65
N GLY B 74 19.66 47.07 -22.39
CA GLY B 74 18.74 48.19 -22.45
C GLY B 74 18.48 48.71 -23.86
N ARG B 75 18.76 47.91 -24.87
CA ARG B 75 18.58 48.32 -26.27
C ARG B 75 17.34 47.73 -26.90
N VAL B 76 16.75 46.73 -26.26
CA VAL B 76 15.54 46.11 -26.75
C VAL B 76 14.46 46.25 -25.69
N ASP B 77 13.19 46.15 -26.07
CA ASP B 77 12.13 46.47 -25.12
C ASP B 77 11.86 45.32 -24.16
N ASN B 78 11.12 45.62 -23.09
CA ASN B 78 10.87 44.70 -21.99
C ASN B 78 10.28 43.35 -22.35
N LEU B 79 9.44 43.30 -23.38
CA LEU B 79 8.87 42.05 -23.86
C LEU B 79 9.93 41.14 -24.44
N ALA B 80 10.85 41.73 -25.21
CA ALA B 80 11.93 40.99 -25.84
C ALA B 80 12.93 40.49 -24.83
N VAL B 81 13.19 41.30 -23.81
CA VAL B 81 14.06 40.90 -22.72
C VAL B 81 13.63 39.61 -22.05
N VAL B 82 12.34 39.45 -21.76
CA VAL B 82 11.82 38.25 -21.11
C VAL B 82 11.68 37.06 -22.10
N MET B 83 11.38 37.34 -23.37
CA MET B 83 11.45 36.30 -24.40
C MET B 83 12.83 35.67 -24.46
N GLY B 84 13.85 36.47 -24.18
CA GLY B 84 15.22 36.06 -24.35
C GLY B 84 15.67 35.06 -23.32
N LEU B 85 14.81 34.80 -22.35
CA LEU B 85 15.02 33.75 -21.36
C LEU B 85 15.05 32.38 -22.02
N HIS B 86 14.37 32.24 -23.15
CA HIS B 86 14.35 30.99 -23.90
C HIS B 86 14.79 31.18 -25.33
N PRO B 87 16.11 31.21 -25.56
CA PRO B 87 16.71 31.51 -26.86
C PRO B 87 16.17 30.71 -28.04
N ASP B 88 15.84 29.43 -27.88
CA ASP B 88 15.36 28.67 -29.05
C ASP B 88 13.95 29.08 -29.41
N TYR B 89 13.23 29.68 -28.46
CA TYR B 89 11.95 30.24 -28.81
C TYR B 89 12.09 31.65 -29.35
N PHE B 90 13.00 32.43 -28.78
CA PHE B 90 13.21 33.81 -29.15
C PHE B 90 13.49 34.00 -30.63
N THR B 91 14.31 33.12 -31.17
CA THR B 91 14.70 33.22 -32.55
C THR B 91 13.46 33.03 -33.43
N SER B 92 12.62 32.06 -33.11
CA SER B 92 11.37 31.86 -33.82
C SER B 92 10.40 33.03 -33.65
N PHE B 93 10.27 33.53 -32.43
CA PHE B 93 9.47 34.70 -32.15
C PHE B 93 9.97 35.92 -32.92
N TRP B 94 11.28 36.16 -32.87
CA TRP B 94 11.83 37.34 -33.51
C TRP B 94 11.64 37.33 -35.02
N ARG B 95 11.80 36.20 -35.67
CA ARG B 95 11.55 36.10 -37.10
C ARG B 95 10.15 36.49 -37.54
N LEU B 96 9.14 35.98 -36.87
CA LEU B 96 7.78 36.36 -37.18
C LEU B 96 7.52 37.84 -36.88
N HIS B 97 8.01 38.30 -35.74
CA HIS B 97 7.84 39.68 -35.37
C HIS B 97 8.47 40.62 -36.40
N TYR B 98 9.67 40.29 -36.87
CA TYR B 98 10.36 41.11 -37.86
C TYR B 98 9.71 41.03 -39.25
N LEU B 99 9.14 39.88 -39.59
CA LEU B 99 8.37 39.76 -40.81
C LEU B 99 7.11 40.62 -40.78
N LEU B 100 6.32 40.48 -39.72
CA LEU B 100 5.04 41.14 -39.63
C LEU B 100 5.13 42.64 -39.57
N LEU B 101 6.20 43.16 -39.00
CA LEU B 101 6.22 44.57 -38.71
C LEU B 101 7.42 45.30 -39.27
N HIS B 102 8.31 44.62 -39.98
CA HIS B 102 9.50 45.28 -40.46
C HIS B 102 9.95 44.75 -41.81
N THR B 103 9.02 44.12 -42.53
CA THR B 103 9.24 43.53 -43.84
C THR B 103 8.08 43.86 -44.78
N ASP B 104 8.39 44.22 -46.01
CA ASP B 104 7.38 44.45 -47.04
C ASP B 104 6.48 43.25 -47.25
N GLY B 105 5.18 43.50 -47.34
CA GLY B 105 4.20 42.45 -47.51
C GLY B 105 2.95 43.03 -48.12
N PRO B 106 1.86 42.26 -48.15
CA PRO B 106 0.57 42.67 -48.72
C PRO B 106 0.07 44.02 -48.19
N LEU B 107 0.20 44.25 -46.89
CA LEU B 107 -0.29 45.47 -46.25
C LEU B 107 0.82 46.45 -45.90
N ALA B 108 0.54 47.73 -46.08
CA ALA B 108 1.45 48.81 -45.73
C ALA B 108 1.76 48.84 -44.24
N SER B 109 2.93 49.35 -43.91
CA SER B 109 3.41 49.46 -42.55
C SER B 109 2.40 50.03 -41.57
N SER B 110 1.77 51.14 -41.95
CA SER B 110 0.85 51.82 -41.06
C SER B 110 -0.39 50.97 -40.80
N TRP B 111 -0.86 50.29 -41.82
CA TRP B 111 -1.99 49.40 -41.67
C TRP B 111 -1.69 48.26 -40.73
N ARG B 112 -0.49 47.73 -40.79
CA ARG B 112 -0.11 46.59 -39.97
C ARG B 112 0.03 46.97 -38.51
N HIS B 113 0.49 48.18 -38.22
CA HIS B 113 0.53 48.65 -36.86
C HIS B 113 -0.82 49.00 -36.33
N TYR B 114 -1.69 49.52 -37.20
CA TYR B 114 -3.03 49.83 -36.80
C TYR B 114 -3.81 48.57 -36.43
N ILE B 115 -3.60 47.51 -37.20
CA ILE B 115 -4.24 46.24 -36.96
C ILE B 115 -3.73 45.65 -35.64
N ALA B 116 -2.47 45.90 -35.33
CA ALA B 116 -1.92 45.50 -34.06
C ALA B 116 -2.54 46.29 -32.88
N ILE B 117 -2.93 47.54 -33.12
CA ILE B 117 -3.59 48.35 -32.12
C ILE B 117 -5.01 47.83 -31.87
N MET B 118 -5.74 47.49 -32.93
CA MET B 118 -7.06 46.90 -32.82
C MET B 118 -7.07 45.59 -32.05
N ALA B 119 -6.06 44.78 -32.28
CA ALA B 119 -5.94 43.47 -31.66
C ALA B 119 -5.64 43.56 -30.19
N ALA B 120 -4.68 44.40 -29.81
CA ALA B 120 -4.25 44.51 -28.43
C ALA B 120 -5.29 45.20 -27.55
N ALA B 121 -6.14 46.00 -28.18
CA ALA B 121 -7.18 46.71 -27.49
C ALA B 121 -8.25 45.73 -26.99
N ARG B 122 -8.41 44.61 -27.67
CA ARG B 122 -9.37 43.60 -27.24
C ARG B 122 -9.13 43.19 -25.80
N HIS B 123 -7.89 43.22 -25.35
CA HIS B 123 -7.58 42.87 -23.97
C HIS B 123 -7.06 44.04 -23.17
N GLN B 124 -7.33 45.26 -23.61
CA GLN B 124 -6.92 46.44 -22.86
C GLN B 124 -5.41 46.47 -22.63
N CYS B 125 -4.63 46.05 -23.62
CA CYS B 125 -3.20 45.91 -23.42
C CYS B 125 -2.44 47.16 -23.81
N SER B 126 -2.26 48.08 -22.87
CA SER B 126 -1.66 49.36 -23.19
C SER B 126 -0.21 49.23 -23.55
N TYR B 127 0.46 48.18 -23.08
CA TYR B 127 1.85 47.97 -23.46
C TYR B 127 1.99 47.87 -24.97
N LEU B 128 1.14 47.07 -25.59
CA LEU B 128 1.15 46.82 -27.02
C LEU B 128 0.46 47.91 -27.82
N VAL B 129 -0.58 48.51 -27.27
CA VAL B 129 -1.26 49.58 -27.96
C VAL B 129 -0.37 50.81 -28.09
N GLY B 130 0.29 51.18 -27.01
CA GLY B 130 1.16 52.34 -27.01
C GLY B 130 2.42 52.10 -27.80
N SER B 131 2.91 50.88 -27.77
CA SER B 131 4.05 50.46 -28.57
C SER B 131 3.75 50.61 -30.06
N HIS B 132 2.60 50.11 -30.48
CA HIS B 132 2.21 50.18 -31.87
C HIS B 132 1.70 51.53 -32.32
N MET B 133 1.22 52.32 -31.38
CA MET B 133 0.78 53.67 -31.67
C MET B 133 1.97 54.52 -32.02
N ALA B 134 3.09 54.28 -31.34
CA ALA B 134 4.27 55.05 -31.59
C ALA B 134 4.86 54.69 -32.93
N GLU B 135 4.93 53.41 -33.26
CA GLU B 135 5.42 52.94 -34.55
C GLU B 135 4.57 53.37 -35.72
N PHE B 136 3.26 53.30 -35.55
CA PHE B 136 2.30 53.82 -36.50
C PHE B 136 2.62 55.26 -36.90
N LEU B 137 2.90 56.09 -35.89
CA LEU B 137 3.21 57.47 -36.11
C LEU B 137 4.55 57.67 -36.81
N GLN B 138 5.59 56.97 -36.35
CA GLN B 138 6.92 57.05 -36.95
C GLN B 138 7.00 56.52 -38.37
N THR B 139 6.03 55.70 -38.76
CA THR B 139 6.05 55.09 -40.07
C THR B 139 5.12 55.81 -41.05
N GLY B 140 4.63 56.97 -40.65
CA GLY B 140 3.85 57.80 -41.53
C GLY B 140 2.36 57.59 -41.51
N GLY B 141 1.86 56.93 -40.49
CA GLY B 141 0.43 56.75 -40.35
C GLY B 141 -0.26 58.04 -40.00
N ASP B 142 -1.45 58.21 -40.55
CA ASP B 142 -2.34 59.34 -40.29
C ASP B 142 -2.69 59.40 -38.80
N PRO B 143 -2.21 60.43 -38.10
CA PRO B 143 -2.39 60.57 -36.66
C PRO B 143 -3.84 60.59 -36.29
N GLU B 144 -4.68 61.01 -37.22
CA GLU B 144 -6.08 61.12 -36.93
C GLU B 144 -6.77 59.79 -36.73
N TRP B 145 -6.18 58.71 -37.22
CA TRP B 145 -6.72 57.38 -36.97
C TRP B 145 -6.62 57.03 -35.50
N LEU B 146 -5.70 57.67 -34.77
CA LEU B 146 -5.54 57.34 -33.36
C LEU B 146 -6.62 57.93 -32.47
N LEU B 147 -7.56 58.67 -33.06
CA LEU B 147 -8.67 59.20 -32.30
C LEU B 147 -9.78 58.18 -32.24
N GLY B 148 -9.60 57.05 -32.91
CA GLY B 148 -10.57 55.99 -32.86
C GLY B 148 -10.87 55.38 -34.21
N LEU B 149 -11.48 54.21 -34.18
CA LEU B 149 -11.83 53.42 -35.36
C LEU B 149 -12.67 54.13 -36.38
N HIS B 150 -13.52 55.04 -35.94
CA HIS B 150 -14.44 55.70 -36.84
C HIS B 150 -13.71 56.62 -37.79
N ARG B 151 -12.45 56.91 -37.50
CA ARG B 151 -11.63 57.78 -38.34
C ARG B 151 -10.75 56.98 -39.29
N ALA B 152 -10.84 55.67 -39.20
CA ALA B 152 -10.05 54.76 -40.00
C ALA B 152 -10.84 54.31 -41.23
N PRO B 153 -10.14 53.89 -42.30
CA PRO B 153 -10.83 53.49 -43.54
C PRO B 153 -11.80 52.36 -43.30
N GLU B 154 -12.85 52.30 -44.11
CA GLU B 154 -13.86 51.28 -43.94
C GLU B 154 -13.30 49.87 -44.03
N LYS B 155 -12.30 49.67 -44.88
CA LYS B 155 -11.66 48.39 -45.03
C LYS B 155 -11.07 47.87 -43.71
N LEU B 156 -10.48 48.76 -42.93
CA LEU B 156 -9.95 48.41 -41.63
C LEU B 156 -11.05 48.16 -40.61
N ARG B 157 -12.13 48.93 -40.66
CA ARG B 157 -13.25 48.75 -39.74
C ARG B 157 -13.95 47.41 -39.89
N LYS B 158 -14.02 46.90 -41.12
CA LYS B 158 -14.62 45.61 -41.42
C LYS B 158 -13.99 44.48 -40.66
N LEU B 159 -12.80 44.71 -40.14
CA LEU B 159 -12.04 43.73 -39.40
C LEU B 159 -12.49 43.59 -37.95
N SER B 160 -13.36 44.46 -37.48
CA SER B 160 -13.75 44.46 -36.07
C SER B 160 -14.37 43.16 -35.58
N GLU B 161 -15.34 42.66 -36.31
CA GLU B 161 -16.02 41.46 -35.88
C GLU B 161 -15.06 40.28 -35.76
N ILE B 162 -14.21 40.04 -36.74
CA ILE B 162 -13.37 38.87 -36.68
C ILE B 162 -12.24 39.06 -35.65
N ASN B 163 -11.74 40.27 -35.49
CA ASN B 163 -10.86 40.62 -34.37
C ASN B 163 -11.47 40.19 -33.02
N LYS B 164 -12.67 40.65 -32.72
CA LYS B 164 -13.40 40.27 -31.53
C LYS B 164 -13.61 38.76 -31.35
N LEU B 165 -13.99 38.06 -32.42
CA LEU B 165 -14.18 36.64 -32.37
C LEU B 165 -12.88 35.89 -32.19
N LEU B 166 -11.85 36.25 -32.94
CA LEU B 166 -10.52 35.68 -32.80
C LEU B 166 -10.01 35.72 -31.36
N ALA B 167 -10.13 36.89 -30.72
CA ALA B 167 -9.64 37.08 -29.36
C ALA B 167 -10.39 36.26 -28.32
N HIS B 168 -11.72 36.21 -28.43
CA HIS B 168 -12.56 35.73 -27.32
C HIS B 168 -13.29 34.44 -27.57
N ARG B 169 -13.80 34.24 -28.80
CA ARG B 169 -14.60 33.06 -29.11
C ARG B 169 -14.41 32.63 -30.54
N PRO B 170 -13.22 32.10 -30.88
CA PRO B 170 -12.85 31.88 -32.27
C PRO B 170 -13.72 30.86 -32.97
N TRP B 171 -14.31 29.97 -32.21
CA TRP B 171 -15.12 28.88 -32.78
C TRP B 171 -16.39 29.39 -33.45
N LEU B 172 -16.73 30.65 -33.18
CA LEU B 172 -17.88 31.27 -33.77
C LEU B 172 -17.62 31.82 -35.16
N ILE B 173 -16.36 31.82 -35.59
CA ILE B 173 -16.02 32.31 -36.94
C ILE B 173 -16.52 31.35 -38.02
N THR B 174 -17.10 31.94 -39.04
CA THR B 174 -18.02 31.28 -39.93
C THR B 174 -17.71 31.76 -41.34
N LYS B 175 -18.05 30.98 -42.36
CA LYS B 175 -17.74 31.37 -43.72
C LYS B 175 -18.42 32.68 -44.14
N GLU B 176 -19.43 33.09 -43.38
CA GLU B 176 -20.15 34.33 -43.62
C GLU B 176 -19.40 35.55 -43.09
N HIS B 177 -18.49 35.35 -42.15
CA HIS B 177 -17.57 36.42 -41.76
C HIS B 177 -16.54 36.63 -42.84
N ILE B 178 -16.07 35.53 -43.44
CA ILE B 178 -15.11 35.59 -44.54
C ILE B 178 -15.74 36.25 -45.75
N GLN B 179 -17.01 35.93 -45.99
CA GLN B 179 -17.78 36.54 -47.07
C GLN B 179 -17.90 38.06 -46.97
N ALA B 180 -18.17 38.58 -45.78
CA ALA B 180 -18.29 40.01 -45.57
C ALA B 180 -16.95 40.71 -45.79
N LEU B 181 -15.87 40.00 -45.53
CA LEU B 181 -14.52 40.56 -45.63
C LEU B 181 -14.05 40.62 -47.08
N LEU B 182 -14.47 39.66 -47.90
CA LEU B 182 -14.01 39.58 -49.29
C LEU B 182 -15.03 40.13 -50.29
N LYS B 183 -16.17 40.63 -49.81
CA LYS B 183 -17.23 41.18 -50.66
C LYS B 183 -16.72 42.30 -51.54
N THR B 184 -17.06 42.26 -52.84
CA THR B 184 -16.56 43.26 -53.79
C THR B 184 -16.99 44.67 -53.42
N GLY B 185 -16.16 45.64 -53.79
CA GLY B 185 -16.35 47.01 -53.37
C GLY B 185 -15.13 47.83 -53.70
N GLU B 186 -15.10 49.06 -53.23
CA GLU B 186 -14.07 50.03 -53.63
C GLU B 186 -12.71 49.67 -53.04
N HIS B 187 -12.73 49.13 -51.83
CA HIS B 187 -11.51 48.64 -51.21
C HIS B 187 -11.84 47.29 -50.56
N THR B 188 -11.51 46.22 -51.29
CA THR B 188 -11.85 44.86 -50.92
C THR B 188 -10.64 44.18 -50.32
N TRP B 189 -10.85 43.22 -49.43
CA TRP B 189 -9.76 42.42 -48.93
C TRP B 189 -9.41 41.30 -49.89
N SER B 190 -8.17 41.24 -50.34
CA SER B 190 -7.72 40.06 -51.07
C SER B 190 -7.42 38.98 -50.06
N LEU B 191 -7.23 37.75 -50.50
CA LEU B 191 -6.93 36.67 -49.59
C LEU B 191 -5.55 36.76 -48.95
N ALA B 192 -4.56 37.30 -49.66
CA ALA B 192 -3.24 37.44 -49.07
C ALA B 192 -3.23 38.54 -48.01
N GLU B 193 -3.92 39.64 -48.26
CA GLU B 193 -4.11 40.68 -47.26
C GLU B 193 -4.86 40.18 -46.03
N LEU B 194 -5.95 39.46 -46.25
CA LEU B 194 -6.72 38.88 -45.17
C LEU B 194 -5.90 37.92 -44.33
N ILE B 195 -5.13 37.04 -44.97
CA ILE B 195 -4.31 36.10 -44.23
C ILE B 195 -3.22 36.81 -43.43
N GLN B 196 -2.63 37.86 -43.98
CA GLN B 196 -1.67 38.61 -43.20
C GLN B 196 -2.34 39.34 -42.02
N ALA B 197 -3.56 39.83 -42.25
CA ALA B 197 -4.32 40.45 -41.18
C ALA B 197 -4.72 39.44 -40.09
N LEU B 198 -5.14 38.24 -40.44
CA LEU B 198 -5.43 37.21 -39.43
C LEU B 198 -4.23 36.85 -38.60
N VAL B 199 -3.08 36.70 -39.25
CA VAL B 199 -1.83 36.44 -38.56
C VAL B 199 -1.44 37.58 -37.61
N LEU B 200 -1.58 38.83 -38.04
CA LEU B 200 -1.31 39.97 -37.16
C LEU B 200 -2.23 40.01 -35.93
N LEU B 201 -3.53 39.87 -36.16
CA LEU B 201 -4.50 39.88 -35.09
C LEU B 201 -4.23 38.82 -34.02
N THR B 202 -4.05 37.57 -34.42
CA THR B 202 -3.82 36.49 -33.46
C THR B 202 -2.44 36.57 -32.80
N HIS B 203 -1.44 37.03 -33.54
CA HIS B 203 -0.14 37.30 -32.98
C HIS B 203 -0.23 38.28 -31.80
N CYS B 204 -0.86 39.43 -31.99
CA CYS B 204 -1.01 40.39 -30.88
C CYS B 204 -2.00 39.98 -29.80
N HIS B 205 -3.03 39.18 -30.11
CA HIS B 205 -3.86 38.62 -29.06
C HIS B 205 -3.01 37.75 -28.14
N SER B 206 -2.13 36.97 -28.74
CA SER B 206 -1.33 36.02 -27.98
C SER B 206 -0.17 36.69 -27.26
N LEU B 207 0.35 37.77 -27.82
CA LEU B 207 1.34 38.60 -27.15
C LEU B 207 0.75 39.37 -25.99
N SER B 208 -0.55 39.65 -26.05
CA SER B 208 -1.25 40.28 -24.94
C SER B 208 -1.35 39.31 -23.78
N SER B 209 -1.55 38.04 -24.07
CA SER B 209 -1.48 37.00 -23.07
C SER B 209 -0.13 36.97 -22.39
N PHE B 210 0.92 37.04 -23.18
CA PHE B 210 2.29 37.01 -22.67
C PHE B 210 2.63 38.22 -21.79
N VAL B 211 2.25 39.40 -22.23
CA VAL B 211 2.53 40.61 -21.49
C VAL B 211 1.87 40.58 -20.11
N PHE B 212 0.61 40.17 -20.06
CA PHE B 212 -0.15 40.11 -18.82
C PHE B 212 0.26 38.94 -17.95
N GLY B 213 0.44 37.78 -18.55
CA GLY B 213 0.89 36.63 -17.82
C GLY B 213 2.28 36.74 -17.22
N CYS B 214 3.15 37.52 -17.84
CA CYS B 214 4.51 37.67 -17.36
C CYS B 214 4.70 38.98 -16.63
N GLY B 215 3.61 39.70 -16.40
CA GLY B 215 3.64 40.95 -15.68
C GLY B 215 4.56 41.98 -16.30
N ILE B 216 4.58 42.06 -17.62
CA ILE B 216 5.55 42.90 -18.29
C ILE B 216 5.24 44.37 -18.11
N LEU B 217 6.24 45.12 -17.66
CA LEU B 217 6.09 46.52 -17.23
C LEU B 217 6.26 47.50 -18.37
N PRO B 218 5.68 48.70 -18.22
CA PRO B 218 5.83 49.73 -19.26
C PRO B 218 7.29 50.17 -19.40
N GLU B 219 7.64 50.78 -20.52
CA GLU B 219 9.00 51.27 -20.74
C GLU B 219 9.28 52.57 -19.99
N GLY B 220 10.49 52.69 -19.46
CA GLY B 220 10.88 53.87 -18.72
C GLY B 220 11.62 53.57 -17.43
N PRO B 233 12.14 45.21 -12.91
CA PRO B 233 12.22 46.28 -13.92
C PRO B 233 11.70 45.91 -15.32
N PRO B 234 12.03 44.73 -15.90
CA PRO B 234 11.28 44.34 -17.10
C PRO B 234 9.93 43.72 -16.76
N SER B 235 9.84 43.07 -15.61
CA SER B 235 8.63 42.40 -15.19
C SER B 235 8.27 42.76 -13.76
N GLU B 236 6.98 42.82 -13.45
CA GLU B 236 6.54 43.05 -12.09
C GLU B 236 6.36 41.74 -11.36
N GLN B 237 6.60 40.65 -12.07
CA GLN B 237 6.33 39.33 -11.52
C GLN B 237 7.58 38.45 -11.56
N SER B 238 8.37 38.50 -12.64
CA SER B 238 9.69 37.86 -12.66
C SER B 238 10.75 38.88 -12.27
N SER B 239 12.02 38.50 -12.29
CA SER B 239 13.05 39.42 -11.84
C SER B 239 14.49 39.16 -12.30
N PRO B 240 14.74 39.07 -13.63
CA PRO B 240 16.12 38.82 -14.09
C PRO B 240 17.09 39.98 -13.80
N ARG B 256 8.83 17.35 -3.21
CA ARG B 256 7.63 17.53 -2.40
C ARG B 256 6.42 17.21 -3.25
N ASP B 257 5.57 18.22 -3.48
CA ASP B 257 4.50 18.07 -4.45
C ASP B 257 5.09 17.96 -5.87
N VAL B 258 6.32 18.44 -6.02
CA VAL B 258 7.07 18.25 -7.26
C VAL B 258 7.44 16.79 -7.45
N GLU B 259 7.94 16.16 -6.38
CA GLU B 259 8.29 14.75 -6.42
C GLU B 259 7.05 13.90 -6.59
N ALA B 260 5.91 14.42 -6.14
CA ALA B 260 4.64 13.77 -6.43
C ALA B 260 4.36 13.84 -7.92
N LEU B 261 4.49 15.03 -8.49
CA LEU B 261 4.23 15.23 -9.91
C LEU B 261 5.13 14.39 -10.77
N MET B 262 6.40 14.27 -10.39
CA MET B 262 7.35 13.49 -11.17
C MET B 262 6.99 12.00 -11.18
N GLU B 263 6.35 11.56 -10.12
CA GLU B 263 5.94 10.16 -10.02
C GLU B 263 4.81 9.84 -10.98
N ARG B 264 3.87 10.76 -11.13
CA ARG B 264 2.73 10.52 -11.99
C ARG B 264 3.11 10.56 -13.46
N MET B 265 4.16 11.28 -13.78
CA MET B 265 4.65 11.33 -15.15
C MET B 265 5.29 10.00 -15.53
N GLN B 266 5.97 9.37 -14.58
CA GLN B 266 6.57 8.06 -14.78
C GLN B 266 5.52 6.99 -14.98
N GLN B 267 4.48 7.04 -14.15
CA GLN B 267 3.37 6.11 -14.26
C GLN B 267 2.70 6.17 -15.63
N LEU B 268 2.65 7.36 -16.21
CA LEU B 268 1.96 7.53 -17.47
C LEU B 268 2.74 6.95 -18.64
N GLN B 269 4.06 6.89 -18.50
CA GLN B 269 4.92 6.37 -19.56
C GLN B 269 4.70 4.86 -19.81
N GLU B 270 4.14 4.17 -18.84
CA GLU B 270 3.83 2.75 -19.01
C GLU B 270 2.64 2.54 -19.93
N SER B 271 2.87 2.63 -21.23
CA SER B 271 1.82 2.41 -22.22
C SER B 271 2.36 1.64 -23.42
N GLU B 281 -15.81 3.84 -23.96
CA GLU B 281 -15.53 5.13 -24.60
C GLU B 281 -15.88 6.30 -23.67
N GLU B 282 -15.22 6.33 -22.51
CA GLU B 282 -15.44 7.38 -21.53
C GLU B 282 -14.61 8.60 -21.92
N MET B 283 -13.83 8.45 -22.98
CA MET B 283 -12.97 9.50 -23.50
C MET B 283 -13.72 10.79 -23.76
N GLU B 284 -14.81 10.71 -24.53
CA GLU B 284 -15.59 11.88 -24.90
C GLU B 284 -16.21 12.55 -23.70
N SER B 285 -16.29 11.81 -22.60
CA SER B 285 -16.91 12.32 -21.40
C SER B 285 -15.96 13.15 -20.56
N ARG B 286 -14.72 12.71 -20.48
CA ARG B 286 -13.72 13.39 -19.69
C ARG B 286 -13.30 14.69 -20.37
N PHE B 287 -13.54 14.77 -21.67
CA PHE B 287 -13.34 16.01 -22.40
C PHE B 287 -14.41 17.03 -22.05
N GLU B 288 -15.67 16.62 -22.15
CA GLU B 288 -16.79 17.50 -21.81
C GLU B 288 -16.68 18.04 -20.40
N LEU B 289 -16.26 17.19 -19.48
CA LEU B 289 -16.04 17.60 -18.09
C LEU B 289 -15.04 18.74 -17.99
N GLU B 290 -13.96 18.62 -18.74
CA GLU B 290 -12.84 19.54 -18.67
C GLU B 290 -13.15 20.86 -19.35
N LYS B 291 -14.02 20.79 -20.34
CA LYS B 291 -14.31 21.91 -21.21
C LYS B 291 -15.36 22.81 -20.57
N SER B 292 -16.16 22.23 -19.69
CA SER B 292 -17.24 22.94 -19.06
C SER B 292 -16.87 23.49 -17.68
N GLU B 293 -15.77 22.99 -17.12
CA GLU B 293 -15.27 23.46 -15.84
C GLU B 293 -15.08 24.97 -15.87
N SER B 294 -15.32 25.63 -14.75
CA SER B 294 -15.32 27.09 -14.73
C SER B 294 -14.47 27.71 -13.64
N LEU B 295 -13.51 28.56 -14.03
CA LEU B 295 -12.61 29.21 -13.10
C LEU B 295 -12.42 30.69 -13.45
N PRO B 310 -9.56 52.61 -21.63
CA PRO B 310 -10.49 53.74 -21.59
C PRO B 310 -10.31 54.69 -22.77
N ASP B 311 -9.06 54.88 -23.18
CA ASP B 311 -8.76 55.55 -24.46
C ASP B 311 -8.45 54.47 -25.48
N MET B 312 -8.43 53.23 -25.02
CA MET B 312 -8.31 52.06 -25.87
C MET B 312 -9.69 51.59 -26.31
N LEU B 313 -10.71 51.96 -25.55
CA LEU B 313 -12.09 51.61 -25.86
C LEU B 313 -12.51 52.05 -27.26
N CYS B 314 -11.83 53.04 -27.80
CA CYS B 314 -12.25 53.61 -29.06
C CYS B 314 -11.65 52.88 -30.27
N PHE B 315 -11.00 51.76 -30.04
CA PHE B 315 -10.48 50.95 -31.13
C PHE B 315 -11.21 49.62 -31.23
N VAL B 316 -12.22 49.44 -30.39
CA VAL B 316 -13.02 48.21 -30.44
C VAL B 316 -14.51 48.49 -30.58
N GLU B 317 -15.24 47.44 -30.93
CA GLU B 317 -16.69 47.40 -30.93
C GLU B 317 -17.11 46.25 -30.03
N ASP B 318 -18.06 46.50 -29.14
CA ASP B 318 -18.51 45.51 -28.18
C ASP B 318 -17.39 45.10 -27.25
N PRO B 319 -16.95 46.03 -26.38
CA PRO B 319 -15.78 45.90 -25.52
C PRO B 319 -15.88 44.84 -24.42
N THR B 320 -17.07 44.40 -24.10
CA THR B 320 -17.25 43.53 -22.95
C THR B 320 -17.48 42.11 -23.40
N PHE B 321 -17.56 41.92 -24.71
CA PHE B 321 -17.60 40.60 -25.29
C PHE B 321 -16.33 39.89 -24.85
N GLY B 322 -16.49 38.66 -24.40
CA GLY B 322 -15.37 37.91 -23.84
C GLY B 322 -15.64 36.44 -23.95
N TYR B 323 -14.74 35.65 -23.40
CA TYR B 323 -14.85 34.21 -23.48
C TYR B 323 -16.15 33.76 -22.86
N GLU B 324 -16.52 34.40 -21.75
CA GLU B 324 -17.72 34.04 -21.00
C GLU B 324 -18.96 34.77 -21.52
N ASP B 325 -20.04 34.04 -21.70
CA ASP B 325 -21.29 34.60 -22.19
C ASP B 325 -22.24 34.85 -21.01
N PHE B 326 -22.49 36.12 -20.72
CA PHE B 326 -23.37 36.47 -19.61
C PHE B 326 -24.82 36.60 -20.05
N THR B 327 -25.05 36.52 -21.36
CA THR B 327 -26.39 36.47 -21.93
C THR B 327 -27.06 35.14 -21.55
N ARG B 328 -26.26 34.12 -21.31
CA ARG B 328 -26.78 32.81 -20.94
C ARG B 328 -26.26 32.35 -19.58
N ARG B 329 -27.12 31.65 -18.84
CA ARG B 329 -26.73 31.07 -17.56
C ARG B 329 -25.77 29.88 -17.75
N GLY B 330 -25.02 29.56 -16.71
CA GLY B 330 -24.00 28.53 -16.81
C GLY B 330 -22.74 29.08 -17.42
N ALA B 331 -21.64 28.36 -17.25
CA ALA B 331 -20.36 28.79 -17.79
C ALA B 331 -20.29 28.57 -19.29
N GLN B 332 -19.21 29.08 -19.90
CA GLN B 332 -19.02 28.96 -21.34
C GLN B 332 -18.60 27.56 -21.73
N ALA B 333 -19.30 27.01 -22.73
CA ALA B 333 -18.95 25.73 -23.28
C ALA B 333 -18.89 25.87 -24.79
N PRO B 334 -17.68 25.99 -25.34
CA PRO B 334 -17.55 25.97 -26.79
C PRO B 334 -17.99 24.63 -27.33
N PRO B 335 -18.58 24.59 -28.52
CA PRO B 335 -18.93 23.29 -29.07
C PRO B 335 -17.69 22.44 -29.24
N THR B 336 -17.84 21.13 -29.17
CA THR B 336 -16.69 20.25 -29.36
C THR B 336 -16.34 20.15 -30.83
N PHE B 337 -15.09 20.42 -31.13
CA PHE B 337 -14.58 20.30 -32.49
C PHE B 337 -13.58 19.15 -32.50
N ARG B 338 -13.74 18.25 -33.44
CA ARG B 338 -12.83 17.11 -33.58
C ARG B 338 -11.55 17.51 -34.31
N ALA B 339 -10.43 17.46 -33.59
CA ALA B 339 -9.17 18.04 -34.03
C ALA B 339 -8.74 17.60 -35.41
N GLN B 340 -9.05 16.36 -35.76
CA GLN B 340 -8.60 15.76 -36.99
C GLN B 340 -9.38 16.22 -38.21
N ASP B 341 -10.46 16.93 -37.98
CA ASP B 341 -11.27 17.50 -39.05
C ASP B 341 -10.56 18.65 -39.75
N TYR B 342 -9.69 19.32 -39.00
CA TYR B 342 -8.94 20.45 -39.50
C TYR B 342 -7.72 20.76 -38.63
N THR B 343 -6.57 20.23 -39.02
CA THR B 343 -5.36 20.38 -38.25
C THR B 343 -4.39 21.40 -38.85
N TRP B 344 -3.39 21.79 -38.08
CA TRP B 344 -2.36 22.63 -38.63
C TRP B 344 -1.50 21.83 -39.61
N GLU B 345 -0.97 20.70 -39.16
CA GLU B 345 -0.08 19.86 -39.92
C GLU B 345 -0.51 19.57 -41.37
N ASP B 346 -1.78 19.23 -41.58
CA ASP B 346 -2.20 18.88 -42.93
C ASP B 346 -3.38 19.66 -43.50
N HIS B 347 -3.78 20.76 -42.88
CA HIS B 347 -4.81 21.63 -43.46
C HIS B 347 -4.43 23.10 -43.38
N GLY B 348 -4.23 23.61 -42.18
CA GLY B 348 -3.95 25.02 -41.97
C GLY B 348 -2.62 25.52 -42.47
N TYR B 349 -1.56 24.75 -42.22
CA TYR B 349 -0.23 25.09 -42.71
C TYR B 349 -0.22 25.22 -44.22
N SER B 350 -0.73 24.20 -44.88
CA SER B 350 -0.82 24.18 -46.31
C SER B 350 -1.59 25.35 -46.92
N LEU B 351 -2.64 25.82 -46.27
CA LEU B 351 -3.43 26.96 -46.73
C LEU B 351 -2.67 28.28 -46.62
N ILE B 352 -1.97 28.49 -45.51
CA ILE B 352 -1.26 29.73 -45.29
C ILE B 352 -0.05 29.83 -46.21
N GLN B 353 0.58 28.72 -46.52
CA GLN B 353 1.75 28.80 -47.36
C GLN B 353 1.36 28.96 -48.83
N ARG B 354 0.10 28.69 -49.15
CA ARG B 354 -0.41 28.95 -50.49
C ARG B 354 -0.84 30.38 -50.67
N LEU B 355 -1.26 31.01 -49.58
CA LEU B 355 -1.83 32.35 -49.60
C LEU B 355 -0.87 33.40 -49.06
N TYR B 356 0.15 32.98 -48.33
CA TYR B 356 1.07 33.89 -47.67
C TYR B 356 2.36 33.14 -47.31
N PRO B 357 3.15 32.76 -48.31
CA PRO B 357 4.29 31.84 -48.13
C PRO B 357 5.31 32.27 -47.08
N GLU B 358 5.70 33.54 -47.14
CA GLU B 358 6.65 34.11 -46.18
C GLU B 358 6.28 33.81 -44.73
N GLY B 359 4.99 33.83 -44.43
CA GLY B 359 4.54 33.70 -43.06
C GLY B 359 4.22 32.30 -42.58
N GLY B 360 3.83 31.42 -43.49
CA GLY B 360 3.45 30.08 -43.11
C GLY B 360 4.57 29.25 -42.53
N GLN B 361 5.72 29.29 -43.16
CA GLN B 361 6.87 28.55 -42.65
C GLN B 361 7.35 29.06 -41.29
N LEU B 362 7.36 30.37 -41.11
CA LEU B 362 7.73 30.98 -39.84
C LEU B 362 6.76 30.60 -38.72
N LEU B 363 5.47 30.58 -39.02
CA LEU B 363 4.47 30.09 -38.07
C LEU B 363 4.68 28.63 -37.72
N ASP B 364 4.85 27.78 -38.72
CA ASP B 364 5.07 26.37 -38.44
C ASP B 364 6.31 26.14 -37.58
N GLU B 365 7.43 26.75 -37.94
CA GLU B 365 8.64 26.68 -37.13
C GLU B 365 8.42 27.19 -35.71
N LYS B 366 7.70 28.28 -35.54
CA LYS B 366 7.32 28.75 -34.21
C LYS B 366 6.45 27.80 -33.39
N PHE B 367 5.43 27.18 -33.99
CA PHE B 367 4.60 26.22 -33.27
C PHE B 367 5.43 25.06 -32.76
N GLN B 368 6.35 24.56 -33.58
CA GLN B 368 7.16 23.43 -33.21
C GLN B 368 8.28 23.82 -32.23
N ALA B 369 8.68 25.09 -32.23
CA ALA B 369 9.71 25.51 -31.30
C ALA B 369 9.16 25.62 -29.89
N ALA B 370 7.87 25.91 -29.74
CA ALA B 370 7.27 26.03 -28.43
C ALA B 370 6.79 24.67 -27.91
N TYR B 371 6.29 23.83 -28.79
CA TYR B 371 5.73 22.56 -28.42
C TYR B 371 6.80 21.58 -27.98
N SER B 372 8.01 21.73 -28.49
CA SER B 372 9.04 20.74 -28.28
C SER B 372 10.18 21.28 -27.45
N LEU B 373 10.08 22.56 -27.08
CA LEU B 373 11.04 23.16 -26.19
C LEU B 373 11.10 22.43 -24.87
N THR B 374 12.30 21.99 -24.50
CA THR B 374 12.52 21.37 -23.22
C THR B 374 13.99 21.45 -22.83
N TYR B 375 14.26 21.50 -21.53
CA TYR B 375 15.61 21.43 -21.02
C TYR B 375 15.75 20.17 -20.19
N ASN B 376 14.73 19.31 -20.27
CA ASN B 376 14.64 18.07 -19.53
C ASN B 376 14.78 18.26 -18.03
N THR B 377 14.24 19.35 -17.51
CA THR B 377 14.28 19.64 -16.10
C THR B 377 12.88 19.84 -15.55
N ILE B 378 12.73 19.72 -14.24
CA ILE B 378 11.53 20.13 -13.52
C ILE B 378 11.94 20.74 -12.19
N ALA B 379 11.62 22.01 -12.00
CA ALA B 379 12.06 22.75 -10.82
C ALA B 379 13.53 22.45 -10.55
N MET B 380 13.85 21.89 -9.39
CA MET B 380 15.25 21.61 -9.05
C MET B 380 15.75 20.28 -9.59
N HIS B 381 14.89 19.52 -10.25
CA HIS B 381 15.28 18.23 -10.81
C HIS B 381 15.71 18.31 -12.28
N SER B 382 16.57 17.38 -12.68
CA SER B 382 17.04 17.33 -14.05
C SER B 382 17.07 15.88 -14.53
N GLY B 383 17.22 15.68 -15.83
CA GLY B 383 17.22 14.35 -16.40
C GLY B 383 15.82 13.80 -16.57
N VAL B 384 14.84 14.70 -16.66
CA VAL B 384 13.42 14.31 -16.71
C VAL B 384 12.78 14.56 -18.07
N ASP B 385 12.09 13.56 -18.61
CA ASP B 385 11.23 13.77 -19.77
C ASP B 385 9.93 14.44 -19.31
N THR B 386 9.72 15.69 -19.68
CA THR B 386 8.56 16.45 -19.24
C THR B 386 7.48 16.52 -20.28
N SER B 387 7.61 15.72 -21.32
CA SER B 387 6.75 15.87 -22.46
C SER B 387 5.28 15.56 -22.20
N VAL B 388 4.94 14.79 -21.18
CA VAL B 388 3.54 14.55 -20.84
C VAL B 388 2.93 15.75 -20.14
N LEU B 389 3.75 16.45 -19.37
CA LEU B 389 3.32 17.65 -18.69
C LEU B 389 3.03 18.73 -19.70
N ARG B 390 3.97 18.95 -20.62
CA ARG B 390 3.82 20.00 -21.61
C ARG B 390 2.68 19.71 -22.58
N ARG B 391 2.45 18.45 -22.88
CA ARG B 391 1.33 18.05 -23.72
C ARG B 391 -0.01 18.33 -23.03
N ALA B 392 -0.02 18.20 -21.72
CA ALA B 392 -1.24 18.44 -20.95
C ALA B 392 -1.57 19.92 -20.94
N ILE B 393 -0.55 20.77 -20.87
CA ILE B 393 -0.74 22.20 -20.90
C ILE B 393 -1.31 22.64 -22.23
N TRP B 394 -0.72 22.15 -23.31
CA TRP B 394 -1.18 22.43 -24.66
C TRP B 394 -2.61 21.94 -24.88
N ASN B 395 -2.91 20.71 -24.47
CA ASN B 395 -4.23 20.13 -24.76
C ASN B 395 -5.34 20.66 -23.87
N TYR B 396 -4.99 21.10 -22.67
CA TYR B 396 -5.93 21.79 -21.83
C TYR B 396 -6.41 23.09 -22.46
N ILE B 397 -5.49 23.86 -23.00
CA ILE B 397 -5.81 25.13 -23.67
C ILE B 397 -6.60 24.92 -24.94
N HIS B 398 -6.30 23.88 -25.71
CA HIS B 398 -7.08 23.63 -26.89
C HIS B 398 -8.45 23.15 -26.52
N CYS B 399 -8.55 22.51 -25.35
CA CYS B 399 -9.83 22.06 -24.81
C CYS B 399 -10.69 23.25 -24.46
N VAL B 400 -10.10 24.22 -23.79
CA VAL B 400 -10.75 25.48 -23.49
C VAL B 400 -11.31 26.18 -24.75
N PHE B 401 -10.74 25.86 -25.91
CA PHE B 401 -11.24 26.44 -27.15
C PHE B 401 -12.02 25.44 -28.00
N GLY B 402 -12.35 24.30 -27.41
CA GLY B 402 -13.28 23.37 -28.02
C GLY B 402 -12.65 22.23 -28.79
N ILE B 403 -11.33 22.22 -28.91
CA ILE B 403 -10.65 21.23 -29.74
C ILE B 403 -10.31 19.96 -28.97
N ARG B 404 -10.85 18.83 -29.45
CA ARG B 404 -10.60 17.54 -28.84
C ARG B 404 -9.75 16.66 -29.73
N TYR B 405 -8.68 16.12 -29.17
CA TYR B 405 -7.88 15.09 -29.81
C TYR B 405 -8.38 13.70 -29.44
N ASP B 406 -8.64 12.90 -30.46
CA ASP B 406 -9.23 11.58 -30.30
C ASP B 406 -8.46 10.62 -29.40
N ASP B 407 -7.15 10.58 -29.55
CA ASP B 407 -6.39 9.57 -28.84
C ASP B 407 -5.81 10.08 -27.52
N TYR B 408 -6.40 11.13 -26.96
CA TYR B 408 -5.90 11.70 -25.73
C TYR B 408 -6.85 11.45 -24.56
N ASP B 409 -6.30 10.98 -23.45
CA ASP B 409 -7.06 10.82 -22.23
C ASP B 409 -7.03 12.12 -21.44
N TYR B 410 -8.16 12.80 -21.35
CA TYR B 410 -8.21 14.11 -20.73
C TYR B 410 -8.20 14.04 -19.22
N GLY B 411 -8.18 12.82 -18.69
CA GLY B 411 -8.00 12.62 -17.27
C GLY B 411 -6.57 12.95 -16.87
N GLU B 412 -5.65 12.88 -17.83
CA GLU B 412 -4.25 13.20 -17.59
C GLU B 412 -4.08 14.64 -17.17
N VAL B 413 -4.99 15.49 -17.61
CA VAL B 413 -4.95 16.90 -17.25
C VAL B 413 -5.04 17.13 -15.74
N ASN B 414 -6.08 16.60 -15.09
CA ASN B 414 -6.22 16.77 -13.64
C ASN B 414 -5.15 16.05 -12.84
N GLN B 415 -4.57 15.02 -13.43
CA GLN B 415 -3.48 14.31 -12.80
C GLN B 415 -2.18 15.11 -12.77
N LEU B 416 -1.96 15.95 -13.78
CA LEU B 416 -0.67 16.63 -14.00
C LEU B 416 -0.71 18.13 -13.74
N LEU B 417 -1.87 18.73 -13.94
CA LEU B 417 -2.04 20.16 -13.82
C LEU B 417 -2.71 20.54 -12.51
N GLU B 418 -1.96 21.06 -11.55
CA GLU B 418 -2.55 21.41 -10.27
C GLU B 418 -3.63 22.49 -10.45
N ARG B 419 -4.48 22.68 -9.46
CA ARG B 419 -5.61 23.58 -9.66
C ARG B 419 -5.18 25.02 -9.88
N ASN B 420 -4.18 25.47 -9.16
CA ASN B 420 -3.75 26.85 -9.26
C ASN B 420 -3.11 27.16 -10.61
N LEU B 421 -2.54 26.14 -11.22
CA LEU B 421 -1.96 26.23 -12.56
C LEU B 421 -3.06 26.36 -13.59
N LYS B 422 -4.10 25.55 -13.47
CA LYS B 422 -5.24 25.62 -14.36
C LYS B 422 -5.96 26.97 -14.30
N VAL B 423 -6.05 27.57 -13.13
CA VAL B 423 -6.73 28.86 -13.00
C VAL B 423 -5.92 29.97 -13.66
N TYR B 424 -4.59 29.86 -13.55
CA TYR B 424 -3.67 30.81 -14.14
C TYR B 424 -3.65 30.73 -15.66
N ILE B 425 -3.54 29.52 -16.19
CA ILE B 425 -3.57 29.27 -17.63
C ILE B 425 -4.86 29.74 -18.26
N LYS B 426 -5.98 29.49 -17.60
CA LYS B 426 -7.27 29.83 -18.17
C LYS B 426 -7.47 31.34 -18.14
N THR B 427 -6.93 31.99 -17.12
CA THR B 427 -7.05 33.43 -17.00
C THR B 427 -6.17 34.12 -18.03
N VAL B 428 -4.97 33.60 -18.26
CA VAL B 428 -4.05 34.23 -19.19
C VAL B 428 -4.49 34.01 -20.62
N ALA B 429 -5.03 32.84 -20.93
CA ALA B 429 -5.56 32.57 -22.26
C ALA B 429 -6.88 33.29 -22.57
N CYS B 430 -7.76 33.44 -21.58
CA CYS B 430 -9.12 33.94 -21.84
C CYS B 430 -9.43 35.31 -21.28
N TYR B 431 -8.74 35.70 -20.21
CA TYR B 431 -8.99 36.98 -19.55
C TYR B 431 -7.72 37.64 -19.07
N PRO B 432 -6.74 37.84 -19.96
CA PRO B 432 -5.41 38.25 -19.53
C PRO B 432 -5.37 39.49 -18.65
N GLU B 433 -6.28 40.44 -18.85
CA GLU B 433 -6.28 41.67 -18.05
C GLU B 433 -6.38 41.41 -16.57
N LYS B 434 -6.94 40.26 -16.21
CA LYS B 434 -7.26 39.98 -14.83
C LYS B 434 -6.15 39.25 -14.10
N THR B 435 -5.08 38.91 -14.80
CA THR B 435 -3.93 38.25 -14.18
C THR B 435 -3.30 39.11 -13.10
N THR B 436 -3.03 38.51 -11.95
CA THR B 436 -2.47 39.24 -10.83
C THR B 436 -1.16 38.62 -10.40
N ARG B 437 -0.38 39.38 -9.64
CA ARG B 437 0.86 38.87 -9.10
C ARG B 437 0.61 37.71 -8.13
N ARG B 438 -0.48 37.78 -7.38
CA ARG B 438 -0.88 36.71 -6.48
C ARG B 438 -1.14 35.42 -7.25
N MET B 439 -1.91 35.53 -8.32
CA MET B 439 -2.23 34.38 -9.15
C MET B 439 -0.99 33.72 -9.76
N TYR B 440 -0.05 34.54 -10.21
CA TYR B 440 1.23 34.06 -10.71
C TYR B 440 2.05 33.37 -9.63
N ASN B 441 2.01 33.89 -8.41
CA ASN B 441 2.85 33.34 -7.35
C ASN B 441 2.30 32.05 -6.72
N LEU B 442 1.00 31.84 -6.82
CA LEU B 442 0.35 30.72 -6.15
C LEU B 442 0.62 29.35 -6.75
N PHE B 443 0.78 29.28 -8.07
CA PHE B 443 0.96 27.98 -8.68
C PHE B 443 2.45 27.67 -8.79
N TRP B 444 2.77 26.38 -8.84
CA TRP B 444 4.14 25.92 -9.02
C TRP B 444 5.14 26.63 -8.13
N ARG B 445 4.88 26.64 -6.84
CA ARG B 445 5.67 27.46 -5.90
C ARG B 445 7.15 27.07 -5.86
N HIS B 446 7.48 25.83 -6.21
CA HIS B 446 8.87 25.38 -6.18
C HIS B 446 9.56 25.41 -7.56
N PHE B 447 8.83 25.79 -8.60
CA PHE B 447 9.39 25.82 -9.94
C PHE B 447 10.13 27.11 -10.16
N ARG B 448 10.94 27.16 -11.21
CA ARG B 448 11.72 28.33 -11.52
C ARG B 448 10.90 29.34 -12.33
N HIS B 449 11.23 30.62 -12.21
CA HIS B 449 10.56 31.66 -13.01
C HIS B 449 10.63 31.42 -14.51
N SER B 450 11.72 30.84 -14.97
CA SER B 450 11.92 30.61 -16.38
C SER B 450 10.97 29.54 -16.86
N GLU B 451 10.53 28.69 -15.94
CA GLU B 451 9.56 27.64 -16.25
C GLU B 451 8.15 28.17 -16.30
N LYS B 452 7.90 29.22 -15.56
CA LYS B 452 6.63 29.94 -15.61
C LYS B 452 6.50 30.68 -16.94
N VAL B 453 7.61 31.19 -17.44
CA VAL B 453 7.64 31.87 -18.71
C VAL B 453 7.48 30.84 -19.81
N HIS B 454 8.10 29.68 -19.61
CA HIS B 454 7.95 28.55 -20.49
C HIS B 454 6.48 28.18 -20.65
N VAL B 455 5.74 28.18 -19.57
CA VAL B 455 4.31 27.90 -19.59
C VAL B 455 3.58 28.91 -20.47
N ASN B 456 3.97 30.18 -20.34
CA ASN B 456 3.37 31.27 -21.09
C ASN B 456 3.62 31.18 -22.58
N LEU B 457 4.76 30.60 -22.95
CA LEU B 457 5.13 30.35 -24.33
C LEU B 457 4.26 29.32 -24.96
N LEU B 458 4.08 28.25 -24.23
CA LEU B 458 3.25 27.12 -24.60
C LEU B 458 1.82 27.54 -24.80
N LEU B 459 1.32 28.34 -23.88
CA LEU B 459 -0.08 28.71 -23.89
C LEU B 459 -0.41 29.73 -24.96
N LEU B 460 0.51 30.65 -25.27
CA LEU B 460 0.24 31.65 -26.30
C LEU B 460 0.24 30.99 -27.67
N GLU B 461 1.09 30.00 -27.86
CA GLU B 461 1.14 29.26 -29.10
C GLU B 461 -0.04 28.31 -29.31
N ALA B 462 -0.43 27.59 -28.26
CA ALA B 462 -1.64 26.80 -28.28
C ALA B 462 -2.85 27.65 -28.61
N ARG B 463 -2.97 28.79 -27.94
CA ARG B 463 -4.07 29.72 -28.15
C ARG B 463 -4.12 30.29 -29.57
N MET B 464 -2.97 30.58 -30.15
CA MET B 464 -2.90 31.17 -31.47
C MET B 464 -3.17 30.14 -32.56
N GLN B 465 -2.64 28.94 -32.41
CA GLN B 465 -2.95 27.89 -33.34
C GLN B 465 -4.45 27.59 -33.36
N ALA B 466 -5.09 27.57 -32.21
CA ALA B 466 -6.53 27.35 -32.14
C ALA B 466 -7.32 28.47 -32.82
N ALA B 467 -7.02 29.72 -32.51
CA ALA B 467 -7.71 30.84 -33.14
C ALA B 467 -7.59 30.82 -34.65
N LEU B 468 -6.36 30.66 -35.12
CA LEU B 468 -6.06 30.56 -36.54
C LEU B 468 -6.74 29.42 -37.27
N LEU B 469 -6.71 28.20 -36.72
CA LEU B 469 -7.38 27.06 -37.34
C LEU B 469 -8.87 27.27 -37.52
N TYR B 470 -9.53 27.87 -36.55
CA TYR B 470 -10.91 28.22 -36.73
C TYR B 470 -11.09 29.24 -37.86
N ALA B 471 -10.19 30.20 -37.97
CA ALA B 471 -10.27 31.18 -39.04
C ALA B 471 -9.95 30.57 -40.38
N LEU B 472 -8.95 29.70 -40.43
CA LEU B 472 -8.53 29.06 -41.66
C LEU B 472 -9.59 28.10 -42.15
N ARG B 473 -10.22 27.39 -41.22
CA ARG B 473 -11.33 26.48 -41.52
C ARG B 473 -12.52 27.18 -42.15
N ALA B 474 -12.78 28.39 -41.69
CA ALA B 474 -13.86 29.21 -42.21
C ALA B 474 -13.56 29.72 -43.61
N ILE B 475 -12.30 30.01 -43.89
CA ILE B 475 -11.87 30.44 -45.22
C ILE B 475 -12.00 29.28 -46.20
N THR B 476 -11.59 28.09 -45.77
CA THR B 476 -11.71 26.89 -46.57
C THR B 476 -13.17 26.60 -46.93
N ARG B 477 -14.06 26.63 -45.95
CA ARG B 477 -15.48 26.43 -46.22
C ARG B 477 -16.06 27.49 -47.15
N TYR B 478 -15.52 28.70 -47.12
CA TYR B 478 -16.00 29.76 -48.01
C TYR B 478 -15.55 29.53 -49.46
N MET B 479 -14.33 29.03 -49.61
CA MET B 479 -13.72 28.78 -50.92
C MET B 479 -14.30 27.56 -51.64
N THR B 480 -15.18 26.84 -50.96
CA THR B 480 -15.87 25.73 -51.58
C THR B 480 -17.18 26.23 -52.19
N GLY C 66 -36.77 -5.60 23.33
CA GLY C 66 -36.77 -6.56 24.42
C GLY C 66 -38.17 -6.79 24.96
N LEU C 67 -38.31 -7.77 25.85
CA LEU C 67 -39.57 -8.05 26.54
C LEU C 67 -39.67 -7.21 27.80
N GLU C 68 -39.61 -5.89 27.66
CA GLU C 68 -39.33 -5.02 28.78
C GLU C 68 -40.31 -5.15 29.94
N ALA C 69 -41.60 -5.33 29.65
CA ALA C 69 -42.61 -5.40 30.69
C ALA C 69 -42.40 -6.60 31.60
N LEU C 70 -41.99 -7.72 31.01
CA LEU C 70 -41.68 -8.93 31.76
C LEU C 70 -40.44 -8.71 32.60
N MET C 71 -39.45 -8.11 31.98
CA MET C 71 -38.13 -7.97 32.58
C MET C 71 -38.17 -6.98 33.73
N SER C 72 -39.03 -5.97 33.59
CA SER C 72 -39.19 -4.94 34.61
C SER C 72 -40.22 -5.30 35.67
N SER C 73 -40.83 -6.48 35.56
CA SER C 73 -41.93 -6.82 36.43
C SER C 73 -41.41 -7.14 37.81
N GLY C 74 -40.63 -8.20 37.92
CA GLY C 74 -40.15 -8.70 39.18
C GLY C 74 -40.77 -10.05 39.48
N ARG C 75 -41.25 -10.72 38.45
CA ARG C 75 -42.02 -11.94 38.60
C ARG C 75 -41.31 -13.13 37.98
N VAL C 76 -40.23 -12.86 37.26
CA VAL C 76 -39.36 -13.89 36.73
C VAL C 76 -37.94 -13.68 37.28
N ASP C 77 -37.14 -14.74 37.28
CA ASP C 77 -35.83 -14.64 37.94
C ASP C 77 -34.79 -13.93 37.07
N ASN C 78 -33.68 -13.56 37.69
CA ASN C 78 -32.65 -12.78 37.03
C ASN C 78 -32.11 -13.39 35.76
N LEU C 79 -32.02 -14.72 35.72
CA LEU C 79 -31.60 -15.42 34.52
C LEU C 79 -32.56 -15.14 33.37
N ALA C 80 -33.84 -15.28 33.65
CA ALA C 80 -34.89 -15.03 32.66
C ALA C 80 -34.97 -13.57 32.26
N VAL C 81 -34.60 -12.66 33.14
CA VAL C 81 -34.60 -11.26 32.78
C VAL C 81 -33.59 -11.01 31.68
N VAL C 82 -32.36 -11.50 31.86
CA VAL C 82 -31.28 -11.30 30.90
C VAL C 82 -31.50 -12.08 29.59
N MET C 83 -32.15 -13.23 29.65
CA MET C 83 -32.61 -13.92 28.44
C MET C 83 -33.52 -13.07 27.57
N GLY C 84 -34.33 -12.24 28.22
CA GLY C 84 -35.35 -11.49 27.52
C GLY C 84 -34.79 -10.35 26.70
N LEU C 85 -33.49 -10.11 26.86
CA LEU C 85 -32.76 -9.17 26.03
C LEU C 85 -32.85 -9.56 24.55
N HIS C 86 -33.05 -10.85 24.32
CA HIS C 86 -33.20 -11.39 22.98
C HIS C 86 -34.45 -12.25 22.85
N PRO C 87 -35.61 -11.60 22.69
CA PRO C 87 -36.94 -12.21 22.60
C PRO C 87 -37.05 -13.41 21.67
N ASP C 88 -36.40 -13.37 20.51
CA ASP C 88 -36.53 -14.48 19.58
C ASP C 88 -35.76 -15.74 20.03
N TYR C 89 -34.76 -15.56 20.88
CA TYR C 89 -34.14 -16.71 21.50
C TYR C 89 -34.90 -17.12 22.75
N PHE C 90 -35.35 -16.14 23.52
CA PHE C 90 -36.05 -16.38 24.78
C PHE C 90 -37.25 -17.30 24.61
N THR C 91 -37.98 -17.16 23.52
CA THR C 91 -39.14 -18.00 23.31
C THR C 91 -38.72 -19.45 23.13
N SER C 92 -37.64 -19.68 22.41
CA SER C 92 -37.14 -21.04 22.21
C SER C 92 -36.56 -21.60 23.50
N PHE C 93 -35.90 -20.74 24.26
CA PHE C 93 -35.40 -21.11 25.57
C PHE C 93 -36.54 -21.44 26.51
N TRP C 94 -37.59 -20.64 26.52
CA TRP C 94 -38.66 -20.87 27.47
C TRP C 94 -39.41 -22.16 27.22
N ARG C 95 -39.68 -22.49 25.97
CA ARG C 95 -40.36 -23.73 25.64
C ARG C 95 -39.64 -24.96 26.20
N LEU C 96 -38.33 -25.00 26.05
CA LEU C 96 -37.61 -26.18 26.49
C LEU C 96 -37.61 -26.25 27.99
N HIS C 97 -37.27 -25.12 28.63
CA HIS C 97 -37.27 -25.04 30.07
C HIS C 97 -38.60 -25.51 30.64
N TYR C 98 -39.69 -25.07 30.03
CA TYR C 98 -41.02 -25.45 30.50
C TYR C 98 -41.29 -26.94 30.26
N LEU C 99 -40.82 -27.48 29.14
CA LEU C 99 -40.96 -28.91 28.89
C LEU C 99 -40.16 -29.75 29.89
N LEU C 100 -38.94 -29.33 30.16
CA LEU C 100 -38.04 -30.11 30.99
C LEU C 100 -38.43 -30.05 32.44
N LEU C 101 -39.05 -28.96 32.86
CA LEU C 101 -39.20 -28.75 34.28
C LEU C 101 -40.62 -28.49 34.74
N HIS C 102 -41.58 -28.48 33.83
CA HIS C 102 -42.95 -28.19 34.22
C HIS C 102 -43.98 -28.95 33.40
N THR C 103 -43.55 -30.06 32.81
CA THR C 103 -44.36 -30.87 31.93
C THR C 103 -44.15 -32.35 32.24
N ASP C 104 -45.24 -33.07 32.44
CA ASP C 104 -45.17 -34.52 32.66
C ASP C 104 -44.35 -35.21 31.59
N GLY C 105 -43.35 -35.97 32.04
CA GLY C 105 -42.48 -36.75 31.18
C GLY C 105 -42.23 -38.05 31.89
N PRO C 106 -41.29 -38.87 31.39
CA PRO C 106 -41.00 -40.15 32.05
C PRO C 106 -40.52 -39.99 33.51
N LEU C 107 -39.56 -39.10 33.77
CA LEU C 107 -39.02 -38.89 35.12
C LEU C 107 -39.88 -37.98 35.98
N ALA C 108 -40.11 -38.38 37.22
CA ALA C 108 -40.87 -37.59 38.19
C ALA C 108 -40.21 -36.23 38.42
N SER C 109 -41.03 -35.27 38.79
CA SER C 109 -40.61 -33.88 38.92
C SER C 109 -39.41 -33.69 39.83
N SER C 110 -39.39 -34.39 40.95
CA SER C 110 -38.33 -34.23 41.93
C SER C 110 -37.01 -34.81 41.43
N TRP C 111 -37.07 -35.85 40.61
CA TRP C 111 -35.87 -36.43 40.04
C TRP C 111 -35.26 -35.47 39.03
N ARG C 112 -36.12 -34.79 38.29
CA ARG C 112 -35.66 -33.82 37.32
C ARG C 112 -34.98 -32.62 37.98
N HIS C 113 -35.50 -32.18 39.11
CA HIS C 113 -34.86 -31.10 39.85
C HIS C 113 -33.57 -31.54 40.50
N TYR C 114 -33.53 -32.79 40.95
CA TYR C 114 -32.31 -33.32 41.54
C TYR C 114 -31.22 -33.54 40.51
N ILE C 115 -31.61 -34.01 39.33
CA ILE C 115 -30.67 -34.20 38.23
C ILE C 115 -30.05 -32.86 37.83
N ALA C 116 -30.88 -31.82 37.81
CA ALA C 116 -30.40 -30.47 37.55
C ALA C 116 -29.41 -29.95 38.60
N ILE C 117 -29.54 -30.38 39.84
CA ILE C 117 -28.62 -30.02 40.91
C ILE C 117 -27.26 -30.69 40.67
N MET C 118 -27.28 -31.96 40.31
CA MET C 118 -26.07 -32.68 40.00
C MET C 118 -25.33 -32.02 38.85
N ALA C 119 -26.08 -31.55 37.87
CA ALA C 119 -25.48 -30.93 36.69
C ALA C 119 -24.84 -29.60 37.00
N ALA C 120 -25.56 -28.75 37.74
CA ALA C 120 -25.06 -27.43 38.05
C ALA C 120 -23.92 -27.48 39.05
N ALA C 121 -23.86 -28.55 39.82
CA ALA C 121 -22.79 -28.70 40.79
C ALA C 121 -21.44 -28.94 40.12
N ARG C 122 -21.43 -29.50 38.91
CA ARG C 122 -20.20 -29.68 38.18
C ARG C 122 -19.45 -28.38 38.00
N HIS C 123 -20.16 -27.26 37.94
CA HIS C 123 -19.51 -25.96 37.78
C HIS C 123 -19.66 -25.06 38.99
N GLN C 124 -19.98 -25.63 40.13
CA GLN C 124 -20.02 -24.86 41.38
C GLN C 124 -20.97 -23.67 41.27
N CYS C 125 -22.06 -23.85 40.53
CA CYS C 125 -23.02 -22.80 40.21
C CYS C 125 -24.17 -22.69 41.22
N SER C 126 -24.04 -21.82 42.21
CA SER C 126 -25.03 -21.71 43.29
C SER C 126 -26.38 -21.20 42.82
N TYR C 127 -26.38 -20.38 41.78
CA TYR C 127 -27.62 -19.81 41.30
C TYR C 127 -28.60 -20.90 40.97
N LEU C 128 -28.11 -21.90 40.28
CA LEU C 128 -28.92 -22.94 39.70
C LEU C 128 -29.12 -24.08 40.68
N VAL C 129 -28.14 -24.32 41.54
CA VAL C 129 -28.30 -25.35 42.54
C VAL C 129 -29.31 -24.93 43.59
N GLY C 130 -29.20 -23.68 44.06
CA GLY C 130 -30.12 -23.15 45.06
C GLY C 130 -31.54 -23.04 44.56
N SER C 131 -31.66 -22.60 43.32
CA SER C 131 -32.91 -22.56 42.60
C SER C 131 -33.55 -23.94 42.50
N HIS C 132 -32.76 -24.95 42.20
CA HIS C 132 -33.31 -26.29 42.03
C HIS C 132 -33.50 -27.04 43.34
N MET C 133 -32.72 -26.69 44.36
CA MET C 133 -32.93 -27.26 45.68
C MET C 133 -34.26 -26.81 46.21
N ALA C 134 -34.60 -25.55 45.99
CA ALA C 134 -35.86 -25.01 46.48
C ALA C 134 -37.02 -25.62 45.74
N GLU C 135 -36.88 -25.80 44.42
CA GLU C 135 -37.94 -26.41 43.62
C GLU C 135 -38.09 -27.89 43.86
N PHE C 136 -36.99 -28.56 44.18
CA PHE C 136 -37.01 -29.97 44.56
C PHE C 136 -37.82 -30.15 45.84
N LEU C 137 -37.65 -29.21 46.76
CA LEU C 137 -38.38 -29.24 48.01
C LEU C 137 -39.86 -28.92 47.85
N GLN C 138 -40.23 -27.93 47.03
CA GLN C 138 -41.66 -27.58 46.86
C GLN C 138 -42.41 -28.62 46.07
N THR C 139 -41.71 -29.57 45.47
CA THR C 139 -42.40 -30.51 44.61
C THR C 139 -42.42 -31.94 45.19
N GLY C 140 -42.05 -32.08 46.46
CA GLY C 140 -42.19 -33.34 47.15
C GLY C 140 -40.93 -34.14 47.31
N GLY C 141 -39.80 -33.56 46.94
CA GLY C 141 -38.53 -34.23 47.09
C GLY C 141 -38.23 -34.58 48.53
N ASP C 142 -37.61 -35.74 48.73
CA ASP C 142 -37.11 -36.17 50.02
C ASP C 142 -35.99 -35.26 50.43
N PRO C 143 -36.16 -34.49 51.51
CA PRO C 143 -35.17 -33.49 51.89
C PRO C 143 -33.81 -34.09 52.21
N GLU C 144 -33.77 -35.39 52.49
CA GLU C 144 -32.53 -36.04 52.91
C GLU C 144 -31.53 -36.07 51.78
N TRP C 145 -32.02 -36.10 50.54
CA TRP C 145 -31.15 -36.12 49.39
C TRP C 145 -30.31 -34.86 49.29
N LEU C 146 -30.73 -33.80 49.95
CA LEU C 146 -30.00 -32.55 49.86
C LEU C 146 -28.79 -32.54 50.78
N LEU C 147 -28.68 -33.60 51.59
CA LEU C 147 -27.51 -33.76 52.43
C LEU C 147 -26.31 -34.23 51.61
N GLY C 148 -26.58 -34.67 50.38
CA GLY C 148 -25.51 -35.08 49.49
C GLY C 148 -25.91 -36.27 48.66
N LEU C 149 -25.11 -36.55 47.63
CA LEU C 149 -25.40 -37.59 46.66
C LEU C 149 -25.55 -38.96 47.28
N HIS C 150 -24.72 -39.25 48.28
CA HIS C 150 -24.72 -40.55 48.95
C HIS C 150 -26.06 -40.90 49.57
N ARG C 151 -26.93 -39.93 49.74
CA ARG C 151 -28.27 -40.21 50.25
C ARG C 151 -29.30 -40.40 49.15
N ALA C 152 -28.91 -40.14 47.91
CA ALA C 152 -29.79 -40.33 46.77
C ALA C 152 -29.75 -41.77 46.26
N PRO C 153 -30.83 -42.23 45.59
CA PRO C 153 -30.90 -43.62 45.10
C PRO C 153 -29.76 -44.01 44.19
N GLU C 154 -29.49 -45.30 44.09
CA GLU C 154 -28.47 -45.80 43.19
C GLU C 154 -28.68 -45.36 41.74
N LYS C 155 -29.92 -45.44 41.27
CA LYS C 155 -30.23 -45.11 39.90
C LYS C 155 -29.79 -43.71 39.53
N LEU C 156 -29.84 -42.80 40.48
CA LEU C 156 -29.42 -41.42 40.27
C LEU C 156 -27.92 -41.28 40.43
N ARG C 157 -27.35 -42.00 41.37
CA ARG C 157 -25.91 -41.97 41.58
C ARG C 157 -25.12 -42.47 40.36
N LYS C 158 -25.70 -43.40 39.61
CA LYS C 158 -25.05 -43.99 38.44
C LYS C 158 -24.87 -42.98 37.31
N LEU C 159 -25.46 -41.81 37.48
CA LEU C 159 -25.51 -40.81 36.44
C LEU C 159 -24.32 -39.86 36.58
N SER C 160 -23.53 -40.04 37.62
CA SER C 160 -22.43 -39.13 37.92
C SER C 160 -21.31 -39.15 36.90
N GLU C 161 -21.07 -40.32 36.31
CA GLU C 161 -19.96 -40.46 35.38
C GLU C 161 -20.28 -39.72 34.10
N ILE C 162 -21.44 -39.99 33.53
CA ILE C 162 -21.80 -39.35 32.28
C ILE C 162 -22.06 -37.85 32.49
N ASN C 163 -22.53 -37.47 33.68
CA ASN C 163 -22.64 -36.07 34.07
C ASN C 163 -21.30 -35.38 33.99
N LYS C 164 -20.32 -35.94 34.65
CA LYS C 164 -18.97 -35.39 34.67
C LYS C 164 -18.34 -35.30 33.27
N LEU C 165 -18.61 -36.29 32.43
CA LEU C 165 -18.03 -36.31 31.10
C LEU C 165 -18.73 -35.32 30.19
N LEU C 166 -20.06 -35.35 30.18
CA LEU C 166 -20.85 -34.35 29.47
C LEU C 166 -20.42 -32.92 29.75
N ALA C 167 -20.10 -32.65 31.00
CA ALA C 167 -19.76 -31.32 31.45
C ALA C 167 -18.38 -30.85 31.05
N HIS C 168 -17.43 -31.77 30.98
CA HIS C 168 -16.03 -31.38 30.89
C HIS C 168 -15.31 -31.95 29.69
N ARG C 169 -15.59 -33.21 29.37
CA ARG C 169 -14.93 -33.90 28.29
C ARG C 169 -15.89 -34.87 27.61
N PRO C 170 -16.87 -34.34 26.88
CA PRO C 170 -17.94 -35.14 26.27
C PRO C 170 -17.43 -36.22 25.34
N TRP C 171 -16.26 -36.02 24.74
CA TRP C 171 -15.75 -36.96 23.75
C TRP C 171 -15.39 -38.32 24.35
N LEU C 172 -15.09 -38.35 25.65
CA LEU C 172 -14.83 -39.58 26.36
C LEU C 172 -16.06 -40.45 26.57
N ILE C 173 -17.23 -39.96 26.22
CA ILE C 173 -18.43 -40.76 26.40
C ILE C 173 -18.48 -41.84 25.34
N THR C 174 -18.73 -43.05 25.78
CA THR C 174 -18.71 -44.19 24.90
C THR C 174 -19.85 -45.13 25.25
N LYS C 175 -20.12 -46.09 24.36
CA LYS C 175 -21.28 -46.95 24.52
C LYS C 175 -21.18 -47.84 25.75
N GLU C 176 -20.00 -47.92 26.33
CA GLU C 176 -19.82 -48.65 27.58
C GLU C 176 -20.58 -47.96 28.70
N HIS C 177 -20.57 -46.63 28.69
CA HIS C 177 -21.26 -45.83 29.68
C HIS C 177 -22.75 -45.96 29.52
N ILE C 178 -23.21 -46.06 28.28
CA ILE C 178 -24.61 -46.26 27.99
C ILE C 178 -25.09 -47.60 28.50
N GLN C 179 -24.29 -48.64 28.27
CA GLN C 179 -24.67 -49.98 28.69
C GLN C 179 -24.66 -50.14 30.21
N ALA C 180 -23.72 -49.47 30.87
CA ALA C 180 -23.68 -49.48 32.33
C ALA C 180 -24.97 -48.90 32.90
N LEU C 181 -25.46 -47.83 32.28
CA LEU C 181 -26.66 -47.17 32.75
C LEU C 181 -27.91 -47.98 32.45
N LEU C 182 -28.01 -48.48 31.23
CA LEU C 182 -29.22 -49.15 30.78
C LEU C 182 -29.41 -50.56 31.33
N LYS C 183 -28.34 -51.18 31.82
CA LYS C 183 -28.44 -52.53 32.40
C LYS C 183 -27.30 -52.90 33.31
N THR C 184 -27.34 -52.39 34.53
CA THR C 184 -26.39 -52.75 35.60
C THR C 184 -26.88 -52.14 36.90
N GLY C 185 -27.36 -52.99 37.80
CA GLY C 185 -27.92 -52.53 39.07
C GLY C 185 -29.34 -53.03 39.27
N GLU C 186 -29.84 -52.89 40.49
CA GLU C 186 -31.20 -53.30 40.80
C GLU C 186 -32.16 -52.49 39.97
N HIS C 187 -31.98 -51.17 39.99
CA HIS C 187 -32.88 -50.28 39.28
C HIS C 187 -32.16 -49.57 38.13
N THR C 188 -32.74 -49.75 36.97
CA THR C 188 -32.05 -49.56 35.71
C THR C 188 -32.76 -48.49 34.89
N TRP C 189 -32.00 -47.73 34.12
CA TRP C 189 -32.57 -46.72 33.27
C TRP C 189 -33.17 -47.34 32.02
N SER C 190 -34.40 -46.96 31.69
CA SER C 190 -34.91 -47.25 30.37
C SER C 190 -34.27 -46.21 29.46
N LEU C 191 -34.34 -46.43 28.15
CA LEU C 191 -33.77 -45.45 27.22
C LEU C 191 -34.55 -44.14 27.27
N ALA C 192 -35.87 -44.23 27.25
CA ALA C 192 -36.74 -43.06 27.33
C ALA C 192 -36.36 -42.16 28.48
N GLU C 193 -36.18 -42.75 29.65
CA GLU C 193 -35.75 -42.02 30.85
C GLU C 193 -34.37 -41.42 30.69
N LEU C 194 -33.45 -42.20 30.16
CA LEU C 194 -32.07 -41.79 30.05
C LEU C 194 -31.91 -40.59 29.14
N ILE C 195 -32.62 -40.59 28.02
CA ILE C 195 -32.52 -39.49 27.08
C ILE C 195 -32.96 -38.21 27.71
N GLN C 196 -34.07 -38.25 28.44
CA GLN C 196 -34.55 -37.07 29.13
C GLN C 196 -33.49 -36.59 30.10
N ALA C 197 -32.87 -37.53 30.81
CA ALA C 197 -31.84 -37.18 31.76
C ALA C 197 -30.64 -36.54 31.07
N LEU C 198 -30.26 -37.04 29.92
CA LEU C 198 -29.14 -36.46 29.19
C LEU C 198 -29.41 -35.01 28.80
N VAL C 199 -30.62 -34.75 28.34
CA VAL C 199 -31.02 -33.39 27.97
C VAL C 199 -31.02 -32.47 29.19
N LEU C 200 -31.57 -32.94 30.30
CA LEU C 200 -31.58 -32.19 31.56
C LEU C 200 -30.20 -31.76 31.97
N LEU C 201 -29.28 -32.70 31.98
CA LEU C 201 -27.90 -32.43 32.35
C LEU C 201 -27.22 -31.42 31.44
N THR C 202 -27.32 -31.59 30.13
CA THR C 202 -26.57 -30.72 29.23
C THR C 202 -27.20 -29.35 29.21
N HIS C 203 -28.52 -29.31 29.40
CA HIS C 203 -29.26 -28.08 29.57
C HIS C 203 -28.71 -27.25 30.72
N CYS C 204 -28.59 -27.86 31.89
CA CYS C 204 -28.09 -27.15 33.05
C CYS C 204 -26.58 -26.87 33.04
N HIS C 205 -25.82 -27.63 32.27
CA HIS C 205 -24.41 -27.29 32.10
C HIS C 205 -24.29 -26.00 31.33
N SER C 206 -25.09 -25.86 30.29
CA SER C 206 -25.00 -24.73 29.40
C SER C 206 -25.60 -23.49 30.05
N LEU C 207 -26.59 -23.69 30.91
CA LEU C 207 -27.19 -22.58 31.64
C LEU C 207 -26.24 -22.09 32.72
N SER C 208 -25.34 -22.95 33.18
CA SER C 208 -24.30 -22.56 34.12
C SER C 208 -23.26 -21.70 33.41
N SER C 209 -23.01 -21.99 32.15
CA SER C 209 -22.17 -21.14 31.33
C SER C 209 -22.79 -19.76 31.18
N PHE C 210 -24.10 -19.73 30.96
CA PHE C 210 -24.81 -18.48 30.77
C PHE C 210 -24.82 -17.65 32.04
N VAL C 211 -25.06 -18.30 33.18
CA VAL C 211 -25.11 -17.60 34.45
C VAL C 211 -23.79 -16.93 34.76
N PHE C 212 -22.71 -17.68 34.70
CA PHE C 212 -21.38 -17.15 34.98
C PHE C 212 -20.91 -16.17 33.94
N GLY C 213 -21.21 -16.46 32.68
CA GLY C 213 -20.88 -15.57 31.58
C GLY C 213 -21.55 -14.22 31.63
N CYS C 214 -22.80 -14.17 32.08
CA CYS C 214 -23.54 -12.92 32.12
C CYS C 214 -23.53 -12.30 33.51
N GLY C 215 -22.83 -12.93 34.43
CA GLY C 215 -22.74 -12.43 35.78
C GLY C 215 -24.06 -12.37 36.51
N ILE C 216 -24.93 -13.34 36.28
CA ILE C 216 -26.23 -13.35 36.94
C ILE C 216 -26.06 -13.39 38.45
N LEU C 217 -26.71 -12.45 39.14
CA LEU C 217 -26.67 -12.36 40.60
C LEU C 217 -27.75 -13.23 41.21
N PRO C 218 -27.57 -13.64 42.47
CA PRO C 218 -28.66 -14.44 43.04
C PRO C 218 -29.83 -13.56 43.51
N GLU C 219 -31.00 -14.17 43.62
CA GLU C 219 -32.20 -13.43 44.01
C GLU C 219 -32.14 -12.86 45.42
N GLY C 220 -32.45 -11.57 45.54
CA GLY C 220 -32.42 -10.90 46.83
C GLY C 220 -31.22 -9.98 47.00
N PRO C 233 -29.22 -5.04 40.78
CA PRO C 233 -29.36 -5.42 39.36
C PRO C 233 -29.56 -6.94 39.23
N PRO C 234 -29.89 -7.43 38.01
CA PRO C 234 -29.92 -8.89 37.80
C PRO C 234 -28.56 -9.44 37.40
N SER C 235 -27.58 -8.56 37.19
CA SER C 235 -26.27 -8.94 36.70
C SER C 235 -25.17 -8.09 37.30
N GLU C 236 -24.07 -8.72 37.70
CA GLU C 236 -22.94 -7.98 38.23
C GLU C 236 -22.13 -7.42 37.06
N GLN C 237 -22.53 -7.78 35.84
CA GLN C 237 -21.74 -7.42 34.67
C GLN C 237 -22.51 -6.60 33.63
N SER C 238 -23.79 -6.91 33.42
CA SER C 238 -24.67 -6.06 32.60
C SER C 238 -25.51 -5.12 33.47
N SER C 239 -25.76 -3.91 32.99
CA SER C 239 -26.54 -2.94 33.74
C SER C 239 -27.96 -2.73 33.15
N PRO C 240 -28.76 -1.81 33.72
CA PRO C 240 -29.96 -1.41 32.97
C PRO C 240 -29.93 0.04 32.53
N ARG C 256 -11.39 2.99 14.89
CA ARG C 256 -11.92 1.89 15.71
C ARG C 256 -11.36 0.56 15.25
N ASP C 257 -11.19 -0.36 16.19
CA ASP C 257 -10.89 -1.74 15.87
C ASP C 257 -12.12 -2.42 15.28
N VAL C 258 -13.28 -1.83 15.55
CA VAL C 258 -14.54 -2.31 14.98
C VAL C 258 -14.50 -2.22 13.47
N GLU C 259 -13.97 -1.11 12.98
CA GLU C 259 -13.94 -0.88 11.54
C GLU C 259 -12.98 -1.86 10.90
N ALA C 260 -11.90 -2.17 11.60
CA ALA C 260 -10.98 -3.20 11.15
C ALA C 260 -11.70 -4.54 11.04
N LEU C 261 -12.53 -4.84 12.03
CA LEU C 261 -13.26 -6.10 12.03
C LEU C 261 -14.24 -6.18 10.87
N MET C 262 -14.94 -5.08 10.61
CA MET C 262 -15.89 -5.04 9.51
C MET C 262 -15.15 -5.15 8.18
N GLU C 263 -13.93 -4.64 8.13
CA GLU C 263 -13.10 -4.77 6.94
C GLU C 263 -12.82 -6.23 6.63
N ARG C 264 -12.32 -6.95 7.63
CA ARG C 264 -11.94 -8.35 7.45
C ARG C 264 -13.14 -9.21 7.11
N MET C 265 -14.30 -8.87 7.68
CA MET C 265 -15.52 -9.57 7.36
C MET C 265 -15.88 -9.34 5.91
N GLN C 266 -15.78 -8.08 5.48
CA GLN C 266 -16.05 -7.70 4.11
C GLN C 266 -15.23 -8.52 3.13
N GLN C 267 -13.92 -8.54 3.32
CA GLN C 267 -13.02 -9.36 2.51
C GLN C 267 -13.60 -10.74 2.34
N LEU C 268 -13.54 -11.55 3.40
CA LEU C 268 -14.02 -12.93 3.41
C LEU C 268 -15.21 -13.25 2.52
N GLN C 269 -16.09 -12.28 2.31
CA GLN C 269 -17.22 -12.48 1.40
C GLN C 269 -16.86 -12.11 -0.04
N GLU C 270 -15.57 -12.12 -0.37
CA GLU C 270 -15.11 -11.82 -1.73
C GLU C 270 -15.64 -12.82 -2.74
N GLU C 281 -3.19 -28.27 1.48
CA GLU C 281 -3.94 -29.11 2.41
C GLU C 281 -3.59 -28.77 3.86
N GLU C 282 -3.40 -27.48 4.11
CA GLU C 282 -3.00 -26.97 5.41
C GLU C 282 -4.23 -26.86 6.31
N MET C 283 -5.40 -27.14 5.76
CA MET C 283 -6.66 -27.01 6.46
C MET C 283 -6.65 -27.64 7.85
N GLU C 284 -6.09 -28.83 7.94
CA GLU C 284 -6.10 -29.57 9.19
C GLU C 284 -5.07 -29.06 10.18
N SER C 285 -4.05 -28.38 9.68
CA SER C 285 -3.04 -27.80 10.55
C SER C 285 -3.58 -26.60 11.31
N ARG C 286 -4.37 -25.79 10.62
CA ARG C 286 -4.95 -24.59 11.22
C ARG C 286 -5.94 -24.97 12.31
N PHE C 287 -6.56 -26.12 12.15
CA PHE C 287 -7.45 -26.67 13.16
C PHE C 287 -6.70 -27.18 14.39
N GLU C 288 -5.63 -27.96 14.19
CA GLU C 288 -4.88 -28.51 15.31
C GLU C 288 -4.23 -27.40 16.13
N LEU C 289 -3.74 -26.38 15.44
CA LEU C 289 -3.16 -25.23 16.10
C LEU C 289 -4.18 -24.59 17.03
N GLU C 290 -5.36 -24.35 16.48
CA GLU C 290 -6.44 -23.66 17.16
C GLU C 290 -6.96 -24.48 18.33
N LYS C 291 -6.86 -25.79 18.22
CA LYS C 291 -7.42 -26.71 19.20
C LYS C 291 -6.51 -26.93 20.41
N SER C 292 -5.20 -26.84 20.18
CA SER C 292 -4.22 -27.19 21.20
C SER C 292 -3.83 -25.97 21.99
N GLU C 293 -4.24 -24.82 21.51
CA GLU C 293 -3.93 -23.53 22.14
C GLU C 293 -4.50 -23.47 23.55
N SER C 294 -3.70 -22.99 24.50
CA SER C 294 -4.16 -22.87 25.88
C SER C 294 -4.35 -21.40 26.25
N LEU C 295 -5.50 -21.09 26.85
CA LEU C 295 -5.81 -19.73 27.25
C LEU C 295 -6.52 -19.68 28.61
N PRO C 310 -18.39 -25.68 48.03
CA PRO C 310 -18.10 -26.33 49.32
C PRO C 310 -19.31 -27.14 49.82
N ASP C 311 -20.47 -26.48 49.84
CA ASP C 311 -21.74 -27.12 50.17
C ASP C 311 -22.26 -27.87 48.96
N MET C 312 -21.73 -27.53 47.79
CA MET C 312 -22.15 -28.16 46.55
C MET C 312 -21.31 -29.37 46.23
N LEU C 313 -20.18 -29.49 46.92
CA LEU C 313 -19.22 -30.55 46.67
C LEU C 313 -19.76 -31.95 46.99
N CYS C 314 -20.90 -32.04 47.66
CA CYS C 314 -21.45 -33.34 48.00
C CYS C 314 -22.48 -33.81 46.98
N PHE C 315 -22.55 -33.15 45.84
CA PHE C 315 -23.43 -33.57 44.77
C PHE C 315 -22.62 -34.05 43.59
N VAL C 316 -21.30 -34.08 43.75
CA VAL C 316 -20.43 -34.60 42.70
C VAL C 316 -19.47 -35.66 43.22
N GLU C 317 -19.02 -36.50 42.30
CA GLU C 317 -17.84 -37.34 42.49
C GLU C 317 -16.74 -36.75 41.63
N ASP C 318 -15.53 -36.66 42.15
CA ASP C 318 -14.38 -36.21 41.37
C ASP C 318 -14.54 -34.77 40.97
N PRO C 319 -14.51 -33.86 41.95
CA PRO C 319 -14.86 -32.45 41.78
C PRO C 319 -13.85 -31.64 40.98
N THR C 320 -12.61 -32.10 40.90
CA THR C 320 -11.58 -31.32 40.25
C THR C 320 -11.40 -31.74 38.80
N PHE C 321 -12.08 -32.81 38.42
CA PHE C 321 -12.14 -33.23 37.02
C PHE C 321 -12.66 -32.06 36.22
N GLY C 322 -11.91 -31.66 35.20
CA GLY C 322 -12.33 -30.55 34.39
C GLY C 322 -11.87 -30.76 32.98
N TYR C 323 -12.04 -29.72 32.17
CA TYR C 323 -11.63 -29.76 30.79
C TYR C 323 -10.14 -30.00 30.70
N GLU C 324 -9.39 -29.28 31.54
CA GLU C 324 -7.94 -29.32 31.48
C GLU C 324 -7.39 -30.45 32.35
N ASP C 325 -6.49 -31.24 31.78
CA ASP C 325 -5.96 -32.41 32.45
C ASP C 325 -4.62 -32.11 33.13
N PHE C 326 -4.64 -32.04 34.45
CA PHE C 326 -3.46 -31.67 35.22
C PHE C 326 -2.57 -32.87 35.54
N THR C 327 -3.11 -34.06 35.35
CA THR C 327 -2.35 -35.27 35.61
C THR C 327 -1.42 -35.60 34.43
N ARG C 328 -1.37 -34.67 33.47
CA ARG C 328 -0.53 -34.86 32.29
C ARG C 328 -0.02 -33.52 31.77
N ARG C 329 1.25 -33.49 31.38
CA ARG C 329 1.87 -32.27 30.90
C ARG C 329 1.27 -31.80 29.58
N GLY C 330 1.43 -30.52 29.29
CA GLY C 330 0.88 -29.94 28.09
C GLY C 330 -0.57 -29.53 28.28
N ALA C 331 -1.08 -28.73 27.36
CA ALA C 331 -2.46 -28.29 27.41
C ALA C 331 -3.39 -29.40 26.93
N GLN C 332 -4.69 -29.24 27.21
CA GLN C 332 -5.66 -30.23 26.79
C GLN C 332 -5.99 -30.10 25.32
N ALA C 333 -5.96 -31.24 24.63
CA ALA C 333 -6.41 -31.32 23.25
C ALA C 333 -7.25 -32.57 23.11
N PRO C 334 -8.55 -32.39 22.84
CA PRO C 334 -9.42 -33.52 22.57
C PRO C 334 -9.07 -34.17 21.24
N PRO C 335 -9.46 -35.43 21.04
CA PRO C 335 -9.25 -36.06 19.74
C PRO C 335 -9.99 -35.29 18.66
N THR C 336 -9.46 -35.23 17.45
CA THR C 336 -10.16 -34.63 16.35
C THR C 336 -11.28 -35.55 15.91
N PHE C 337 -12.45 -34.99 15.68
CA PHE C 337 -13.61 -35.75 15.26
C PHE C 337 -14.19 -35.10 14.02
N ARG C 338 -14.35 -35.87 12.94
CA ARG C 338 -14.85 -35.32 11.70
C ARG C 338 -16.35 -35.12 11.79
N ALA C 339 -16.77 -33.86 11.77
CA ALA C 339 -18.14 -33.48 12.05
C ALA C 339 -19.18 -34.26 11.25
N GLN C 340 -18.79 -34.71 10.07
CA GLN C 340 -19.74 -35.32 9.15
C GLN C 340 -20.02 -36.78 9.50
N ASP C 341 -19.23 -37.34 10.41
CA ASP C 341 -19.46 -38.71 10.86
C ASP C 341 -20.74 -38.79 11.68
N TYR C 342 -21.09 -37.69 12.35
CA TYR C 342 -22.28 -37.64 13.20
C TYR C 342 -22.76 -36.19 13.44
N THR C 343 -23.67 -35.73 12.59
CA THR C 343 -24.21 -34.39 12.70
C THR C 343 -25.55 -34.37 13.42
N TRP C 344 -25.93 -33.20 13.94
CA TRP C 344 -27.27 -33.00 14.46
C TRP C 344 -28.29 -33.17 13.34
N GLU C 345 -28.13 -32.37 12.29
CA GLU C 345 -29.04 -32.33 11.16
C GLU C 345 -29.39 -33.70 10.55
N ASP C 346 -28.42 -34.61 10.52
CA ASP C 346 -28.62 -35.92 9.92
C ASP C 346 -28.81 -37.06 10.92
N HIS C 347 -27.97 -37.11 11.94
CA HIS C 347 -27.94 -38.26 12.86
C HIS C 347 -28.54 -37.96 14.22
N GLY C 348 -28.13 -36.85 14.82
CA GLY C 348 -28.56 -36.50 16.16
C GLY C 348 -30.05 -36.26 16.25
N TYR C 349 -30.54 -35.30 15.47
CA TYR C 349 -31.96 -34.94 15.50
C TYR C 349 -32.85 -36.14 15.25
N SER C 350 -32.39 -37.05 14.42
CA SER C 350 -33.19 -38.21 14.05
C SER C 350 -33.34 -39.18 15.21
N LEU C 351 -32.28 -39.31 16.01
CA LEU C 351 -32.28 -40.22 17.15
C LEU C 351 -33.14 -39.69 18.29
N ILE C 352 -32.87 -38.44 18.70
CA ILE C 352 -33.62 -37.79 19.76
C ILE C 352 -35.11 -37.78 19.45
N GLN C 353 -35.47 -37.49 18.21
CA GLN C 353 -36.87 -37.46 17.82
C GLN C 353 -37.53 -38.83 17.99
N ARG C 354 -36.78 -39.89 17.73
CA ARG C 354 -37.27 -41.25 17.90
C ARG C 354 -37.52 -41.54 19.37
N LEU C 355 -36.60 -41.11 20.21
CA LEU C 355 -36.57 -41.47 21.63
C LEU C 355 -37.29 -40.50 22.57
N TYR C 356 -37.15 -39.20 22.28
CA TYR C 356 -37.72 -38.14 23.09
C TYR C 356 -38.39 -37.13 22.17
N PRO C 357 -39.52 -37.52 21.56
CA PRO C 357 -40.13 -36.79 20.45
C PRO C 357 -40.31 -35.29 20.70
N GLU C 358 -40.93 -34.91 21.80
CA GLU C 358 -41.19 -33.49 22.04
C GLU C 358 -39.93 -32.71 22.35
N GLY C 359 -38.97 -33.34 23.01
CA GLY C 359 -37.73 -32.69 23.34
C GLY C 359 -36.89 -32.37 22.12
N GLY C 360 -36.91 -33.25 21.13
CA GLY C 360 -36.11 -33.09 19.92
C GLY C 360 -36.51 -31.91 19.05
N GLN C 361 -37.80 -31.68 18.90
CA GLN C 361 -38.27 -30.56 18.11
C GLN C 361 -37.90 -29.21 18.74
N LEU C 362 -37.99 -29.14 20.05
CA LEU C 362 -37.65 -27.93 20.78
C LEU C 362 -36.15 -27.69 20.79
N LEU C 363 -35.36 -28.75 20.82
CA LEU C 363 -33.91 -28.62 20.73
C LEU C 363 -33.50 -28.16 19.35
N ASP C 364 -34.11 -28.70 18.31
CA ASP C 364 -33.80 -28.27 16.97
C ASP C 364 -34.10 -26.79 16.75
N GLU C 365 -35.31 -26.36 17.11
CA GLU C 365 -35.68 -24.97 16.94
C GLU C 365 -34.78 -24.04 17.74
N LYS C 366 -34.38 -24.49 18.91
CA LYS C 366 -33.50 -23.70 19.73
C LYS C 366 -32.11 -23.56 19.14
N PHE C 367 -31.60 -24.64 18.55
CA PHE C 367 -30.29 -24.61 17.91
C PHE C 367 -30.29 -23.63 16.74
N GLN C 368 -31.34 -23.68 15.93
CA GLN C 368 -31.42 -22.80 14.78
C GLN C 368 -31.72 -21.36 15.18
N ALA C 369 -32.52 -21.16 16.23
CA ALA C 369 -32.82 -19.81 16.69
C ALA C 369 -31.55 -19.08 17.07
N ALA C 370 -30.66 -19.74 17.80
CA ALA C 370 -29.41 -19.12 18.21
C ALA C 370 -28.42 -18.97 17.06
N TYR C 371 -28.34 -19.99 16.21
CA TYR C 371 -27.38 -19.97 15.13
C TYR C 371 -27.70 -18.86 14.11
N SER C 372 -28.99 -18.65 13.86
CA SER C 372 -29.40 -17.66 12.89
C SER C 372 -29.80 -16.32 13.48
N LEU C 373 -29.78 -16.18 14.80
CA LEU C 373 -30.16 -14.93 15.44
C LEU C 373 -29.30 -13.76 15.04
N THR C 374 -29.88 -12.79 14.35
CA THR C 374 -29.14 -11.57 14.04
C THR C 374 -30.03 -10.35 13.97
N TYR C 375 -29.44 -9.20 14.24
CA TYR C 375 -30.12 -7.92 14.09
C TYR C 375 -29.40 -7.12 13.02
N ASN C 376 -28.46 -7.80 12.37
CA ASN C 376 -27.63 -7.21 11.33
C ASN C 376 -26.88 -5.98 11.80
N THR C 377 -26.38 -6.00 13.03
CA THR C 377 -25.61 -4.88 13.56
C THR C 377 -24.24 -5.31 14.05
N ILE C 378 -23.34 -4.35 14.19
CA ILE C 378 -22.08 -4.58 14.87
C ILE C 378 -21.72 -3.33 15.64
N ALA C 379 -21.63 -3.46 16.96
CA ALA C 379 -21.40 -2.33 17.84
C ALA C 379 -22.32 -1.17 17.47
N MET C 380 -21.78 -0.08 16.94
CA MET C 380 -22.59 1.08 16.59
C MET C 380 -22.97 1.12 15.12
N HIS C 381 -22.65 0.08 14.36
CA HIS C 381 -22.98 0.04 12.94
C HIS C 381 -24.14 -0.87 12.62
N SER C 382 -24.87 -0.54 11.56
CA SER C 382 -25.99 -1.38 11.14
C SER C 382 -25.93 -1.66 9.65
N GLY C 383 -26.77 -2.58 9.19
CA GLY C 383 -26.81 -2.96 7.81
C GLY C 383 -25.76 -3.99 7.47
N VAL C 384 -25.19 -4.58 8.50
CA VAL C 384 -24.06 -5.52 8.37
C VAL C 384 -24.47 -6.98 8.43
N ASP C 385 -23.99 -7.77 7.47
CA ASP C 385 -24.08 -9.23 7.56
C ASP C 385 -23.00 -9.73 8.51
N THR C 386 -23.38 -10.40 9.59
CA THR C 386 -22.39 -10.84 10.58
C THR C 386 -22.18 -12.35 10.64
N SER C 387 -22.75 -13.07 9.68
CA SER C 387 -22.71 -14.52 9.74
C SER C 387 -21.31 -15.13 9.77
N VAL C 388 -20.30 -14.45 9.23
CA VAL C 388 -18.95 -14.99 9.31
C VAL C 388 -18.39 -14.83 10.70
N LEU C 389 -18.84 -13.81 11.41
CA LEU C 389 -18.42 -13.60 12.79
C LEU C 389 -19.08 -14.62 13.69
N ARG C 390 -20.36 -14.84 13.50
CA ARG C 390 -21.11 -15.77 14.32
C ARG C 390 -20.71 -17.22 14.04
N ARG C 391 -20.33 -17.50 12.81
CA ARG C 391 -19.87 -18.83 12.45
C ARG C 391 -18.50 -19.10 13.06
N ALA C 392 -17.69 -18.06 13.15
CA ALA C 392 -16.36 -18.19 13.73
C ALA C 392 -16.46 -18.49 15.22
N ILE C 393 -17.45 -17.89 15.89
CA ILE C 393 -17.68 -18.13 17.31
C ILE C 393 -18.24 -19.53 17.55
N TRP C 394 -19.20 -19.94 16.74
CA TRP C 394 -19.76 -21.27 16.84
C TRP C 394 -18.73 -22.34 16.55
N ASN C 395 -17.92 -22.13 15.52
CA ASN C 395 -16.99 -23.15 15.08
C ASN C 395 -15.75 -23.23 15.96
N TYR C 396 -15.38 -22.10 16.55
CA TYR C 396 -14.32 -22.10 17.53
C TYR C 396 -14.68 -22.94 18.75
N ILE C 397 -15.90 -22.81 19.24
CA ILE C 397 -16.31 -23.57 20.41
C ILE C 397 -16.38 -25.05 20.13
N HIS C 398 -16.81 -25.42 18.93
CA HIS C 398 -16.85 -26.82 18.57
C HIS C 398 -15.46 -27.41 18.39
N CYS C 399 -14.55 -26.58 17.92
CA CYS C 399 -13.13 -26.90 17.82
C CYS C 399 -12.55 -27.24 19.20
N VAL C 400 -12.89 -26.43 20.19
CA VAL C 400 -12.48 -26.65 21.55
C VAL C 400 -12.92 -28.01 22.07
N PHE C 401 -14.04 -28.52 21.55
CA PHE C 401 -14.54 -29.81 21.96
C PHE C 401 -14.22 -30.89 20.95
N GLY C 402 -13.34 -30.57 20.01
CA GLY C 402 -12.79 -31.57 19.13
C GLY C 402 -13.40 -31.71 17.74
N ILE C 403 -14.48 -30.99 17.48
CA ILE C 403 -15.25 -31.20 16.24
C ILE C 403 -14.75 -30.34 15.08
N ARG C 404 -14.19 -30.99 14.06
CA ARG C 404 -13.69 -30.30 12.87
C ARG C 404 -14.70 -30.32 11.74
N TYR C 405 -15.00 -29.16 11.17
CA TYR C 405 -15.80 -29.09 9.95
C TYR C 405 -14.87 -29.04 8.73
N ASP C 406 -15.06 -29.96 7.80
CA ASP C 406 -14.10 -30.16 6.70
C ASP C 406 -13.93 -28.96 5.78
N ASP C 407 -15.03 -28.34 5.40
CA ASP C 407 -14.98 -27.27 4.43
C ASP C 407 -14.98 -25.92 5.11
N TYR C 408 -14.18 -25.78 6.17
CA TYR C 408 -14.06 -24.53 6.89
C TYR C 408 -12.60 -24.14 7.08
N ASP C 409 -12.25 -22.92 6.68
CA ASP C 409 -10.89 -22.42 6.89
C ASP C 409 -10.74 -21.87 8.31
N TYR C 410 -10.16 -22.65 9.21
CA TYR C 410 -10.06 -22.25 10.61
C TYR C 410 -9.16 -21.05 10.83
N GLY C 411 -8.51 -20.58 9.77
CA GLY C 411 -7.71 -19.38 9.87
C GLY C 411 -8.61 -18.18 10.11
N GLU C 412 -9.87 -18.30 9.72
CA GLU C 412 -10.85 -17.25 9.89
C GLU C 412 -11.09 -16.92 11.36
N VAL C 413 -10.91 -17.90 12.23
CA VAL C 413 -11.10 -17.69 13.65
C VAL C 413 -10.19 -16.60 14.21
N ASN C 414 -8.93 -16.60 13.81
CA ASN C 414 -7.98 -15.61 14.31
C ASN C 414 -8.10 -14.27 13.61
N GLN C 415 -8.69 -14.26 12.43
CA GLN C 415 -8.89 -13.02 11.71
C GLN C 415 -10.07 -12.24 12.30
N LEU C 416 -11.02 -12.98 12.88
CA LEU C 416 -12.27 -12.38 13.33
C LEU C 416 -12.41 -12.33 14.84
N LEU C 417 -11.85 -13.30 15.54
CA LEU C 417 -12.01 -13.38 16.99
C LEU C 417 -10.81 -12.84 17.74
N GLU C 418 -10.91 -11.64 18.30
CA GLU C 418 -9.79 -11.05 19.01
C GLU C 418 -9.40 -11.93 20.21
N ARG C 419 -8.22 -11.69 20.78
CA ARG C 419 -7.70 -12.60 21.80
C ARG C 419 -8.54 -12.63 23.07
N ASN C 420 -8.88 -11.46 23.60
CA ASN C 420 -9.67 -11.39 24.82
C ASN C 420 -11.05 -11.98 24.69
N LEU C 421 -11.55 -12.07 23.45
CA LEU C 421 -12.82 -12.72 23.20
C LEU C 421 -12.67 -14.23 23.24
N LYS C 422 -11.57 -14.75 22.74
CA LYS C 422 -11.31 -16.19 22.81
C LYS C 422 -11.01 -16.63 24.24
N VAL C 423 -10.28 -15.80 24.98
CA VAL C 423 -10.03 -16.07 26.37
C VAL C 423 -11.33 -16.15 27.14
N TYR C 424 -12.28 -15.27 26.82
CA TYR C 424 -13.60 -15.22 27.45
C TYR C 424 -14.50 -16.38 27.04
N ILE C 425 -14.58 -16.64 25.75
CA ILE C 425 -15.33 -17.77 25.23
C ILE C 425 -14.90 -19.10 25.86
N LYS C 426 -13.60 -19.33 25.95
CA LYS C 426 -13.11 -20.61 26.42
C LYS C 426 -13.25 -20.74 27.92
N THR C 427 -13.03 -19.64 28.64
CA THR C 427 -13.32 -19.66 30.05
C THR C 427 -14.78 -20.00 30.32
N VAL C 428 -15.69 -19.35 29.61
CA VAL C 428 -17.10 -19.53 29.90
C VAL C 428 -17.57 -20.90 29.44
N ALA C 429 -17.01 -21.41 28.36
CA ALA C 429 -17.37 -22.75 27.87
C ALA C 429 -16.76 -23.90 28.67
N CYS C 430 -15.55 -23.73 29.19
CA CYS C 430 -14.83 -24.84 29.81
C CYS C 430 -14.62 -24.67 31.30
N TYR C 431 -14.63 -23.44 31.77
CA TYR C 431 -14.33 -23.15 33.17
C TYR C 431 -15.15 -21.99 33.72
N PRO C 432 -16.48 -22.05 33.54
CA PRO C 432 -17.35 -20.91 33.81
C PRO C 432 -17.12 -20.26 35.17
N GLU C 433 -16.84 -21.07 36.19
CA GLU C 433 -16.65 -20.58 37.56
C GLU C 433 -15.64 -19.44 37.66
N LYS C 434 -14.72 -19.41 36.72
CA LYS C 434 -13.61 -18.49 36.82
C LYS C 434 -13.80 -17.27 35.95
N THR C 435 -15.01 -17.05 35.45
CA THR C 435 -15.30 -15.85 34.69
C THR C 435 -15.31 -14.66 35.62
N THR C 436 -14.66 -13.57 35.22
CA THR C 436 -14.64 -12.37 36.04
C THR C 436 -15.19 -11.17 35.30
N ARG C 437 -15.49 -10.11 36.04
CA ARG C 437 -15.94 -8.87 35.46
C ARG C 437 -14.86 -8.28 34.56
N ARG C 438 -13.61 -8.30 35.03
CA ARG C 438 -12.50 -7.76 34.26
C ARG C 438 -12.40 -8.45 32.91
N MET C 439 -12.53 -9.77 32.92
CA MET C 439 -12.51 -10.58 31.72
C MET C 439 -13.66 -10.24 30.76
N TYR C 440 -14.83 -9.99 31.33
CA TYR C 440 -16.00 -9.57 30.56
C TYR C 440 -15.82 -8.17 29.98
N ASN C 441 -15.31 -7.22 30.75
CA ASN C 441 -15.14 -5.88 30.24
C ASN C 441 -14.06 -5.78 29.17
N LEU C 442 -13.07 -6.67 29.23
CA LEU C 442 -11.87 -6.54 28.40
C LEU C 442 -12.11 -6.71 26.91
N PHE C 443 -12.89 -7.72 26.52
CA PHE C 443 -13.11 -7.95 25.10
C PHE C 443 -14.21 -7.06 24.57
N TRP C 444 -14.14 -6.72 23.29
CA TRP C 444 -15.16 -5.94 22.62
C TRP C 444 -15.57 -4.68 23.39
N ARG C 445 -14.61 -3.80 23.63
CA ARG C 445 -14.82 -2.63 24.48
C ARG C 445 -15.88 -1.67 23.93
N HIS C 446 -16.06 -1.66 22.61
CA HIS C 446 -17.02 -0.76 21.99
C HIS C 446 -18.33 -1.46 21.57
N PHE C 447 -18.45 -2.74 21.84
CA PHE C 447 -19.68 -3.47 21.53
C PHE C 447 -20.71 -3.21 22.62
N ARG C 448 -21.96 -3.52 22.32
CA ARG C 448 -23.04 -3.30 23.26
C ARG C 448 -23.20 -4.53 24.13
N HIS C 449 -23.63 -4.34 25.37
CA HIS C 449 -23.87 -5.45 26.28
C HIS C 449 -24.81 -6.47 25.66
N SER C 450 -25.82 -5.97 24.96
CA SER C 450 -26.77 -6.84 24.28
C SER C 450 -26.05 -7.85 23.41
N GLU C 451 -24.91 -7.45 22.85
CA GLU C 451 -24.14 -8.30 21.94
C GLU C 451 -23.24 -9.31 22.66
N LYS C 452 -22.74 -8.93 23.82
CA LYS C 452 -22.05 -9.83 24.72
C LYS C 452 -22.94 -10.98 25.19
N VAL C 453 -24.19 -10.66 25.52
CA VAL C 453 -25.17 -11.69 25.88
C VAL C 453 -25.44 -12.61 24.70
N HIS C 454 -25.51 -12.01 23.52
CA HIS C 454 -25.68 -12.73 22.26
C HIS C 454 -24.56 -13.77 22.08
N VAL C 455 -23.33 -13.39 22.42
CA VAL C 455 -22.20 -14.29 22.36
C VAL C 455 -22.39 -15.46 23.29
N ASN C 456 -22.89 -15.17 24.48
CA ASN C 456 -23.19 -16.20 25.47
C ASN C 456 -24.30 -17.14 25.02
N LEU C 457 -25.23 -16.66 24.20
CA LEU C 457 -26.27 -17.52 23.64
C LEU C 457 -25.69 -18.48 22.64
N LEU C 458 -24.83 -17.94 21.78
CA LEU C 458 -24.15 -18.70 20.77
C LEU C 458 -23.33 -19.80 21.40
N LEU C 459 -22.64 -19.47 22.48
CA LEU C 459 -21.69 -20.39 23.05
C LEU C 459 -22.35 -21.50 23.83
N LEU C 460 -23.42 -21.20 24.54
CA LEU C 460 -24.08 -22.24 25.30
C LEU C 460 -24.76 -23.24 24.38
N GLU C 461 -25.24 -22.78 23.23
CA GLU C 461 -25.85 -23.69 22.28
C GLU C 461 -24.81 -24.53 21.52
N ALA C 462 -23.67 -23.94 21.19
CA ALA C 462 -22.62 -24.70 20.53
C ALA C 462 -22.10 -25.77 21.46
N ARG C 463 -21.81 -25.38 22.70
CA ARG C 463 -21.38 -26.31 23.71
C ARG C 463 -22.37 -27.42 23.97
N MET C 464 -23.65 -27.12 23.96
CA MET C 464 -24.64 -28.14 24.23
C MET C 464 -24.84 -29.08 23.05
N GLN C 465 -24.69 -28.58 21.83
CA GLN C 465 -24.82 -29.44 20.68
C GLN C 465 -23.68 -30.46 20.66
N ALA C 466 -22.46 -29.98 20.90
CA ALA C 466 -21.30 -30.85 20.97
C ALA C 466 -21.46 -31.95 22.00
N ALA C 467 -21.84 -31.60 23.22
CA ALA C 467 -21.99 -32.60 24.28
C ALA C 467 -23.06 -33.62 23.93
N LEU C 468 -24.16 -33.16 23.36
CA LEU C 468 -25.26 -34.04 22.98
C LEU C 468 -24.92 -34.99 21.83
N LEU C 469 -24.27 -34.46 20.80
CA LEU C 469 -23.82 -35.30 19.67
C LEU C 469 -22.88 -36.41 20.11
N TYR C 470 -21.94 -36.09 20.98
CA TYR C 470 -21.05 -37.09 21.52
C TYR C 470 -21.84 -38.17 22.25
N ALA C 471 -22.84 -37.77 23.01
CA ALA C 471 -23.63 -38.71 23.77
C ALA C 471 -24.56 -39.50 22.85
N LEU C 472 -25.16 -38.81 21.89
CA LEU C 472 -26.08 -39.48 20.99
C LEU C 472 -25.32 -40.49 20.13
N ARG C 473 -24.07 -40.15 19.80
CA ARG C 473 -23.20 -41.06 19.07
C ARG C 473 -22.87 -42.31 19.88
N ALA C 474 -22.71 -42.16 21.18
CA ALA C 474 -22.43 -43.31 22.04
C ALA C 474 -23.65 -44.19 22.14
N ILE C 475 -24.83 -43.58 22.00
CA ILE C 475 -26.06 -44.34 22.03
C ILE C 475 -26.27 -45.07 20.72
N THR C 476 -25.97 -44.43 19.60
CA THR C 476 -26.13 -45.09 18.31
C THR C 476 -25.19 -46.29 18.18
N ARG C 477 -23.98 -46.15 18.71
CA ARG C 477 -23.02 -47.25 18.69
C ARG C 477 -23.45 -48.37 19.62
N TYR C 478 -24.22 -48.03 20.64
CA TYR C 478 -24.71 -49.03 21.58
C TYR C 478 -25.84 -49.84 20.99
N MET C 479 -26.69 -49.17 20.22
CA MET C 479 -27.93 -49.76 19.73
C MET C 479 -27.73 -50.72 18.56
N THR C 480 -26.59 -50.63 17.89
CA THR C 480 -26.24 -51.66 16.92
C THR C 480 -25.86 -52.92 17.71
N GLY D 66 -29.09 30.70 -10.13
CA GLY D 66 -30.17 31.20 -9.30
C GLY D 66 -31.04 32.24 -10.01
N LEU D 67 -32.35 32.12 -9.82
CA LEU D 67 -33.31 33.12 -10.28
C LEU D 67 -33.34 34.29 -9.31
N GLU D 68 -32.24 35.03 -9.22
CA GLU D 68 -32.04 35.98 -8.13
C GLU D 68 -33.06 37.12 -8.05
N ALA D 69 -33.53 37.64 -9.18
CA ALA D 69 -34.45 38.77 -9.13
C ALA D 69 -35.82 38.37 -8.58
N LEU D 70 -36.24 37.15 -8.90
CA LEU D 70 -37.49 36.61 -8.39
C LEU D 70 -37.37 36.37 -6.90
N MET D 71 -36.27 35.75 -6.50
CA MET D 71 -36.08 35.32 -5.14
C MET D 71 -35.92 36.48 -4.14
N SER D 72 -35.45 37.62 -4.61
CA SER D 72 -35.34 38.78 -3.73
C SER D 72 -36.45 39.79 -3.97
N SER D 73 -37.45 39.41 -4.75
CA SER D 73 -38.51 40.34 -5.07
C SER D 73 -39.46 40.50 -3.90
N GLY D 74 -39.70 39.40 -3.18
CA GLY D 74 -40.65 39.41 -2.09
C GLY D 74 -42.05 39.22 -2.62
N ARG D 75 -42.16 38.73 -3.86
CA ARG D 75 -43.45 38.55 -4.51
C ARG D 75 -43.83 37.07 -4.72
N VAL D 76 -42.93 36.18 -4.34
CA VAL D 76 -43.21 34.74 -4.31
C VAL D 76 -42.92 34.22 -2.92
N ASP D 77 -43.46 33.06 -2.58
CA ASP D 77 -43.36 32.58 -1.22
C ASP D 77 -42.05 31.83 -1.00
N ASN D 78 -41.67 31.68 0.27
CA ASN D 78 -40.43 31.04 0.67
C ASN D 78 -40.14 29.67 0.06
N LEU D 79 -41.17 28.89 -0.21
CA LEU D 79 -40.97 27.61 -0.86
C LEU D 79 -40.41 27.87 -2.25
N ALA D 80 -41.06 28.72 -3.02
CA ALA D 80 -40.61 29.00 -4.38
C ALA D 80 -39.28 29.74 -4.42
N VAL D 81 -38.95 30.48 -3.37
CA VAL D 81 -37.67 31.16 -3.31
C VAL D 81 -36.54 30.16 -3.26
N VAL D 82 -36.65 29.15 -2.40
CA VAL D 82 -35.64 28.12 -2.25
C VAL D 82 -35.53 27.22 -3.48
N MET D 83 -36.66 26.91 -4.11
CA MET D 83 -36.69 26.21 -5.38
C MET D 83 -35.89 26.91 -6.47
N GLY D 84 -35.92 28.24 -6.46
CA GLY D 84 -35.26 29.03 -7.48
C GLY D 84 -33.75 28.99 -7.41
N LEU D 85 -33.23 28.19 -6.48
CA LEU D 85 -31.80 27.98 -6.32
C LEU D 85 -31.32 27.09 -7.43
N HIS D 86 -32.24 26.32 -7.98
CA HIS D 86 -31.97 25.45 -9.10
C HIS D 86 -32.97 25.67 -10.23
N PRO D 87 -32.73 26.68 -11.07
CA PRO D 87 -33.58 27.13 -12.18
C PRO D 87 -34.07 26.04 -13.12
N ASP D 88 -33.25 25.02 -13.38
CA ASP D 88 -33.63 23.98 -14.33
C ASP D 88 -34.67 23.06 -13.78
N TYR D 89 -34.73 22.95 -12.46
CA TYR D 89 -35.75 22.20 -11.78
C TYR D 89 -36.99 23.06 -11.50
N PHE D 90 -36.77 24.32 -11.13
CA PHE D 90 -37.84 25.24 -10.84
C PHE D 90 -38.88 25.31 -11.95
N THR D 91 -38.43 25.39 -13.19
CA THR D 91 -39.33 25.51 -14.31
C THR D 91 -40.26 24.31 -14.39
N SER D 92 -39.70 23.12 -14.20
CA SER D 92 -40.49 21.90 -14.19
C SER D 92 -41.42 21.87 -12.97
N PHE D 93 -40.91 22.26 -11.82
CA PHE D 93 -41.70 22.37 -10.63
C PHE D 93 -42.85 23.35 -10.81
N TRP D 94 -42.57 24.53 -11.38
CA TRP D 94 -43.62 25.51 -11.57
C TRP D 94 -44.71 25.05 -12.52
N ARG D 95 -44.36 24.39 -13.61
CA ARG D 95 -45.34 23.95 -14.58
C ARG D 95 -46.38 23.02 -13.98
N LEU D 96 -45.94 22.14 -13.11
CA LEU D 96 -46.87 21.22 -12.46
C LEU D 96 -47.69 21.95 -11.42
N HIS D 97 -47.04 22.75 -10.59
CA HIS D 97 -47.75 23.54 -9.60
C HIS D 97 -48.84 24.41 -10.24
N TYR D 98 -48.53 25.01 -11.39
CA TYR D 98 -49.49 25.83 -12.08
C TYR D 98 -50.59 25.00 -12.71
N LEU D 99 -50.28 23.78 -13.11
CA LEU D 99 -51.28 22.92 -13.70
C LEU D 99 -52.24 22.40 -12.65
N LEU D 100 -51.71 21.98 -11.52
CA LEU D 100 -52.50 21.30 -10.51
C LEU D 100 -53.40 22.25 -9.76
N LEU D 101 -52.99 23.50 -9.66
CA LEU D 101 -53.70 24.42 -8.80
C LEU D 101 -54.26 25.64 -9.50
N HIS D 102 -53.83 25.90 -10.74
CA HIS D 102 -54.26 27.11 -11.42
C HIS D 102 -54.72 26.88 -12.84
N THR D 103 -55.06 25.65 -13.17
CA THR D 103 -55.55 25.30 -14.50
C THR D 103 -56.85 24.53 -14.36
N ASP D 104 -57.84 24.87 -15.17
CA ASP D 104 -59.11 24.16 -15.17
C ASP D 104 -58.95 22.68 -15.46
N GLY D 105 -59.73 21.86 -14.78
CA GLY D 105 -59.66 20.42 -14.91
C GLY D 105 -60.92 19.78 -14.40
N PRO D 106 -60.88 18.46 -14.15
CA PRO D 106 -62.06 17.71 -13.69
C PRO D 106 -62.47 18.02 -12.26
N LEU D 107 -61.54 18.49 -11.43
CA LEU D 107 -61.87 18.85 -10.06
C LEU D 107 -61.90 20.36 -9.92
N ALA D 108 -62.87 20.86 -9.16
CA ALA D 108 -62.98 22.29 -8.91
C ALA D 108 -61.84 22.76 -8.03
N SER D 109 -61.51 24.03 -8.16
CA SER D 109 -60.39 24.63 -7.46
C SER D 109 -60.45 24.44 -5.94
N SER D 110 -61.63 24.58 -5.34
CA SER D 110 -61.75 24.41 -3.90
C SER D 110 -61.49 22.96 -3.48
N TRP D 111 -61.89 22.01 -4.31
CA TRP D 111 -61.62 20.61 -4.03
C TRP D 111 -60.13 20.32 -4.07
N ARG D 112 -59.43 20.93 -5.02
CA ARG D 112 -58.02 20.69 -5.18
C ARG D 112 -57.21 21.25 -4.02
N HIS D 113 -57.63 22.39 -3.49
CA HIS D 113 -56.98 22.96 -2.32
C HIS D 113 -57.32 22.19 -1.08
N TYR D 114 -58.49 21.59 -1.04
CA TYR D 114 -58.84 20.77 0.10
C TYR D 114 -58.09 19.44 0.09
N ILE D 115 -57.93 18.83 -1.08
CA ILE D 115 -57.15 17.62 -1.22
C ILE D 115 -55.71 17.88 -0.80
N ALA D 116 -55.21 19.07 -1.11
CA ALA D 116 -53.89 19.45 -0.71
C ALA D 116 -53.77 19.66 0.80
N ILE D 117 -54.86 20.04 1.45
CA ILE D 117 -54.85 20.21 2.90
C ILE D 117 -54.82 18.85 3.60
N MET D 118 -55.63 17.92 3.12
CA MET D 118 -55.62 16.54 3.59
C MET D 118 -54.26 15.89 3.46
N ALA D 119 -53.60 16.14 2.33
CA ALA D 119 -52.27 15.59 2.04
C ALA D 119 -51.20 16.10 2.98
N ALA D 120 -51.13 17.41 3.13
CA ALA D 120 -50.09 18.02 3.95
C ALA D 120 -50.28 17.71 5.44
N ALA D 121 -51.51 17.40 5.85
CA ALA D 121 -51.79 17.11 7.24
C ALA D 121 -51.26 15.75 7.68
N ARG D 122 -51.05 14.83 6.75
CA ARG D 122 -50.39 13.56 7.06
C ARG D 122 -49.00 13.76 7.64
N HIS D 123 -48.36 14.88 7.30
CA HIS D 123 -47.04 15.15 7.83
C HIS D 123 -47.01 16.35 8.74
N GLN D 124 -48.17 16.81 9.18
CA GLN D 124 -48.25 17.87 10.17
C GLN D 124 -47.60 19.15 9.63
N CYS D 125 -47.78 19.43 8.34
CA CYS D 125 -47.09 20.50 7.65
C CYS D 125 -47.91 21.78 7.57
N SER D 126 -47.69 22.70 8.50
CA SER D 126 -48.53 23.90 8.59
C SER D 126 -48.26 24.88 7.46
N TYR D 127 -47.06 24.86 6.91
CA TYR D 127 -46.74 25.72 5.79
C TYR D 127 -47.73 25.48 4.66
N LEU D 128 -47.88 24.22 4.27
CA LEU D 128 -48.77 23.86 3.17
C LEU D 128 -50.26 23.88 3.54
N VAL D 129 -50.57 23.53 4.78
CA VAL D 129 -51.96 23.54 5.21
C VAL D 129 -52.50 24.96 5.31
N GLY D 130 -51.72 25.86 5.91
CA GLY D 130 -52.10 27.25 6.02
C GLY D 130 -52.29 27.90 4.67
N SER D 131 -51.29 27.73 3.81
CA SER D 131 -51.33 28.16 2.44
C SER D 131 -52.58 27.71 1.71
N HIS D 132 -52.86 26.41 1.70
CA HIS D 132 -54.03 25.92 0.99
C HIS D 132 -55.35 26.21 1.69
N MET D 133 -55.31 26.40 3.01
CA MET D 133 -56.48 26.88 3.73
C MET D 133 -56.85 28.26 3.21
N ALA D 134 -55.85 29.13 3.07
CA ALA D 134 -56.10 30.48 2.56
C ALA D 134 -56.66 30.47 1.14
N GLU D 135 -56.02 29.75 0.22
CA GLU D 135 -56.50 29.65 -1.16
C GLU D 135 -57.85 28.97 -1.30
N PHE D 136 -58.09 27.97 -0.47
CA PHE D 136 -59.40 27.35 -0.39
C PHE D 136 -60.48 28.39 -0.12
N LEU D 137 -60.21 29.30 0.82
CA LEU D 137 -61.17 30.33 1.16
C LEU D 137 -61.34 31.36 0.04
N GLN D 138 -60.23 31.80 -0.56
CA GLN D 138 -60.27 32.83 -1.60
C GLN D 138 -60.93 32.38 -2.89
N THR D 139 -61.10 31.07 -3.04
CA THR D 139 -61.56 30.51 -4.30
C THR D 139 -62.99 30.01 -4.26
N GLY D 140 -63.65 30.14 -3.11
CA GLY D 140 -65.07 29.82 -3.02
C GLY D 140 -65.39 28.71 -2.06
N GLY D 141 -64.36 28.15 -1.43
CA GLY D 141 -64.54 27.04 -0.54
C GLY D 141 -65.44 27.35 0.64
N ASP D 142 -66.25 26.38 1.00
CA ASP D 142 -67.09 26.46 2.17
C ASP D 142 -66.22 26.41 3.42
N PRO D 143 -66.23 27.49 4.19
CA PRO D 143 -65.41 27.63 5.40
C PRO D 143 -65.67 26.55 6.43
N GLU D 144 -66.84 25.90 6.36
CA GLU D 144 -67.17 24.90 7.37
C GLU D 144 -66.29 23.68 7.27
N TRP D 145 -65.79 23.40 6.07
CA TRP D 145 -64.90 22.29 5.86
C TRP D 145 -63.62 22.47 6.66
N LEU D 146 -63.20 23.69 6.88
CA LEU D 146 -61.93 23.92 7.54
C LEU D 146 -61.97 23.59 9.02
N LEU D 147 -63.17 23.28 9.52
CA LEU D 147 -63.33 22.84 10.90
C LEU D 147 -62.98 21.36 11.08
N GLY D 148 -62.81 20.65 9.98
CA GLY D 148 -62.40 19.26 10.05
C GLY D 148 -62.99 18.42 8.96
N LEU D 149 -62.37 17.26 8.73
CA LEU D 149 -62.75 16.36 7.66
C LEU D 149 -64.21 15.94 7.72
N HIS D 150 -64.74 15.81 8.93
CA HIS D 150 -66.09 15.30 9.11
C HIS D 150 -67.14 16.24 8.56
N ARG D 151 -66.75 17.46 8.23
CA ARG D 151 -67.68 18.44 7.67
C ARG D 151 -67.60 18.49 6.15
N ALA D 152 -66.66 17.75 5.58
CA ALA D 152 -66.46 17.68 4.14
C ALA D 152 -67.33 16.58 3.53
N PRO D 153 -67.62 16.66 2.21
CA PRO D 153 -68.42 15.65 1.53
C PRO D 153 -67.84 14.26 1.65
N GLU D 154 -68.69 13.24 1.54
CA GLU D 154 -68.25 11.86 1.71
C GLU D 154 -67.19 11.51 0.67
N LYS D 155 -67.45 11.92 -0.57
CA LYS D 155 -66.54 11.65 -1.69
C LYS D 155 -65.10 12.05 -1.36
N LEU D 156 -64.95 13.14 -0.63
CA LEU D 156 -63.65 13.61 -0.18
C LEU D 156 -63.12 12.78 1.00
N ARG D 157 -64.01 12.32 1.86
CA ARG D 157 -63.60 11.50 3.01
C ARG D 157 -63.16 10.10 2.61
N LYS D 158 -63.68 9.61 1.49
CA LYS D 158 -63.31 8.29 0.98
C LYS D 158 -61.85 8.27 0.52
N LEU D 159 -61.26 9.45 0.42
CA LEU D 159 -59.90 9.62 -0.06
C LEU D 159 -58.87 9.50 1.04
N SER D 160 -59.30 9.38 2.29
CA SER D 160 -58.37 9.44 3.41
C SER D 160 -57.53 8.19 3.51
N GLU D 161 -58.10 7.05 3.12
CA GLU D 161 -57.40 5.78 3.22
C GLU D 161 -56.22 5.76 2.26
N ILE D 162 -56.45 6.06 0.98
CA ILE D 162 -55.36 6.04 0.01
C ILE D 162 -54.36 7.18 0.24
N ASN D 163 -54.83 8.33 0.73
CA ASN D 163 -53.97 9.42 1.16
C ASN D 163 -52.94 8.91 2.16
N LYS D 164 -53.42 8.29 3.23
CA LYS D 164 -52.56 7.72 4.27
C LYS D 164 -51.55 6.72 3.73
N LEU D 165 -51.99 5.83 2.85
CA LEU D 165 -51.11 4.80 2.31
C LEU D 165 -50.04 5.41 1.40
N LEU D 166 -50.48 6.21 0.44
CA LEU D 166 -49.60 6.99 -0.42
C LEU D 166 -48.49 7.69 0.35
N ALA D 167 -48.87 8.36 1.43
CA ALA D 167 -47.95 9.15 2.21
C ALA D 167 -46.91 8.32 2.94
N HIS D 168 -47.31 7.18 3.51
CA HIS D 168 -46.46 6.48 4.47
C HIS D 168 -46.04 5.06 4.09
N ARG D 169 -46.95 4.34 3.43
CA ARG D 169 -46.72 2.95 3.08
C ARG D 169 -47.35 2.62 1.75
N PRO D 170 -46.82 3.18 0.66
CA PRO D 170 -47.62 3.10 -0.58
C PRO D 170 -47.67 1.72 -1.18
N TRP D 171 -46.83 0.81 -0.70
CA TRP D 171 -46.80 -0.54 -1.27
C TRP D 171 -48.05 -1.32 -0.89
N LEU D 172 -48.81 -0.79 0.06
CA LEU D 172 -50.05 -1.42 0.51
C LEU D 172 -51.25 -1.00 -0.35
N ILE D 173 -51.04 -0.17 -1.35
CA ILE D 173 -52.18 0.22 -2.18
C ILE D 173 -52.52 -0.90 -3.14
N THR D 174 -53.81 -1.12 -3.32
CA THR D 174 -54.33 -2.37 -3.83
C THR D 174 -55.51 -2.06 -4.72
N LYS D 175 -55.76 -2.90 -5.72
CA LYS D 175 -56.85 -2.64 -6.65
C LYS D 175 -58.19 -2.55 -5.94
N GLU D 176 -58.26 -3.04 -4.70
CA GLU D 176 -59.49 -2.98 -3.91
C GLU D 176 -59.76 -1.55 -3.49
N HIS D 177 -58.71 -0.86 -3.09
CA HIS D 177 -58.79 0.56 -2.76
C HIS D 177 -59.35 1.36 -3.91
N ILE D 178 -58.90 1.05 -5.11
CA ILE D 178 -59.39 1.68 -6.32
C ILE D 178 -60.86 1.31 -6.56
N GLN D 179 -61.19 0.07 -6.26
CA GLN D 179 -62.56 -0.40 -6.38
C GLN D 179 -63.50 0.42 -5.49
N ALA D 180 -63.10 0.61 -4.24
CA ALA D 180 -63.89 1.37 -3.29
C ALA D 180 -64.09 2.81 -3.74
N LEU D 181 -63.07 3.39 -4.38
CA LEU D 181 -63.16 4.77 -4.82
C LEU D 181 -64.07 4.95 -6.03
N LEU D 182 -64.06 3.99 -6.96
CA LEU D 182 -64.76 4.16 -8.23
C LEU D 182 -66.16 3.55 -8.21
N LYS D 183 -66.34 2.53 -7.38
CA LYS D 183 -67.67 2.03 -7.04
C LYS D 183 -67.94 2.58 -5.67
N THR D 184 -68.91 2.02 -4.95
CA THR D 184 -69.14 2.36 -3.52
C THR D 184 -69.51 3.83 -3.24
N GLY D 185 -70.63 4.02 -2.54
CA GLY D 185 -70.98 5.35 -2.06
C GLY D 185 -71.93 6.11 -2.96
N GLU D 186 -72.50 7.19 -2.42
CA GLU D 186 -73.48 8.00 -3.13
C GLU D 186 -72.84 8.70 -4.32
N HIS D 187 -71.94 9.63 -4.04
CA HIS D 187 -71.22 10.32 -5.11
C HIS D 187 -69.87 9.65 -5.29
N THR D 188 -69.56 9.30 -6.53
CA THR D 188 -68.49 8.37 -6.79
C THR D 188 -67.41 9.01 -7.64
N TRP D 189 -66.19 8.51 -7.51
CA TRP D 189 -65.07 9.02 -8.29
C TRP D 189 -65.04 8.43 -9.69
N SER D 190 -64.84 9.28 -10.69
CA SER D 190 -64.49 8.79 -12.01
C SER D 190 -63.01 8.52 -12.03
N LEU D 191 -62.54 7.89 -13.09
CA LEU D 191 -61.12 7.61 -13.21
C LEU D 191 -60.34 8.89 -13.42
N ALA D 192 -60.81 9.71 -14.37
CA ALA D 192 -60.15 10.97 -14.65
C ALA D 192 -59.97 11.78 -13.38
N GLU D 193 -61.04 11.92 -12.60
CA GLU D 193 -60.98 12.65 -11.34
C GLU D 193 -60.01 12.03 -10.34
N LEU D 194 -59.99 10.70 -10.25
CA LEU D 194 -59.16 10.05 -9.24
C LEU D 194 -57.67 10.21 -9.51
N ILE D 195 -57.29 10.14 -10.78
CA ILE D 195 -55.91 10.34 -11.17
C ILE D 195 -55.43 11.74 -10.80
N GLN D 196 -56.25 12.75 -11.04
CA GLN D 196 -55.88 14.11 -10.65
C GLN D 196 -55.67 14.19 -9.14
N ALA D 197 -56.60 13.59 -8.39
CA ALA D 197 -56.49 13.59 -6.94
C ALA D 197 -55.23 12.91 -6.46
N LEU D 198 -54.81 11.84 -7.14
CA LEU D 198 -53.61 11.10 -6.75
C LEU D 198 -52.32 11.87 -7.02
N VAL D 199 -52.28 12.55 -8.16
CA VAL D 199 -51.16 13.45 -8.43
C VAL D 199 -51.14 14.57 -7.40
N LEU D 200 -52.31 15.09 -7.06
CA LEU D 200 -52.42 16.13 -6.04
C LEU D 200 -51.85 15.70 -4.71
N LEU D 201 -52.27 14.53 -4.26
CA LEU D 201 -51.85 14.02 -2.96
C LEU D 201 -50.34 13.76 -2.90
N THR D 202 -49.80 13.10 -3.92
CA THR D 202 -48.38 12.74 -3.91
C THR D 202 -47.52 13.98 -4.01
N HIS D 203 -47.97 14.92 -4.83
CA HIS D 203 -47.31 16.20 -5.01
C HIS D 203 -47.15 16.93 -3.69
N CYS D 204 -48.23 17.02 -2.92
CA CYS D 204 -48.17 17.67 -1.62
C CYS D 204 -47.47 16.84 -0.53
N HIS D 205 -47.50 15.52 -0.62
CA HIS D 205 -46.65 14.72 0.25
C HIS D 205 -45.19 15.04 0.02
N SER D 206 -44.82 15.13 -1.25
CA SER D 206 -43.43 15.35 -1.62
C SER D 206 -42.99 16.75 -1.25
N LEU D 207 -43.90 17.70 -1.37
CA LEU D 207 -43.61 19.08 -1.02
C LEU D 207 -43.51 19.28 0.49
N SER D 208 -44.12 18.40 1.25
CA SER D 208 -43.97 18.40 2.70
C SER D 208 -42.58 17.97 3.11
N SER D 209 -42.00 17.02 2.39
CA SER D 209 -40.62 16.64 2.60
C SER D 209 -39.69 17.81 2.36
N PHE D 210 -39.94 18.49 1.25
CA PHE D 210 -39.14 19.62 0.86
C PHE D 210 -39.20 20.77 1.87
N VAL D 211 -40.40 21.10 2.36
CA VAL D 211 -40.54 22.16 3.33
C VAL D 211 -39.77 21.85 4.62
N PHE D 212 -39.98 20.68 5.18
CA PHE D 212 -39.27 20.27 6.39
C PHE D 212 -37.80 20.07 6.15
N GLY D 213 -37.47 19.44 5.04
CA GLY D 213 -36.09 19.21 4.68
C GLY D 213 -35.26 20.46 4.50
N CYS D 214 -35.84 21.50 3.93
CA CYS D 214 -35.10 22.72 3.69
C CYS D 214 -35.36 23.79 4.74
N GLY D 215 -36.16 23.42 5.75
CA GLY D 215 -36.39 24.26 6.91
C GLY D 215 -37.14 25.53 6.55
N ILE D 216 -38.12 25.40 5.68
CA ILE D 216 -38.82 26.55 5.14
C ILE D 216 -39.75 27.19 6.15
N LEU D 217 -39.54 28.48 6.38
CA LEU D 217 -40.27 29.25 7.39
C LEU D 217 -41.60 29.76 6.84
N PRO D 218 -42.58 29.97 7.72
CA PRO D 218 -43.88 30.46 7.25
C PRO D 218 -43.85 31.95 6.92
N GLU D 219 -44.81 32.39 6.12
CA GLU D 219 -44.83 33.75 5.57
C GLU D 219 -45.03 34.81 6.65
N GLY D 220 -44.18 35.82 6.64
CA GLY D 220 -44.18 36.82 7.69
C GLY D 220 -43.84 36.19 9.02
N ASP D 221 -42.57 36.34 9.42
CA ASP D 221 -42.09 35.89 10.72
C ASP D 221 -42.36 34.41 10.96
N PRO D 233 -35.44 35.53 6.90
CA PRO D 233 -34.98 34.59 5.87
C PRO D 233 -36.11 33.67 5.40
N PRO D 234 -35.94 32.98 4.27
CA PRO D 234 -36.90 31.97 3.81
C PRO D 234 -36.71 30.62 4.49
N SER D 235 -35.57 30.41 5.12
CA SER D 235 -35.24 29.10 5.68
C SER D 235 -34.53 29.22 7.03
N GLU D 236 -34.90 28.35 7.96
CA GLU D 236 -34.23 28.30 9.26
C GLU D 236 -32.91 27.58 9.08
N GLN D 237 -32.79 26.86 7.98
CA GLN D 237 -31.62 26.03 7.72
C GLN D 237 -30.64 26.63 6.70
N SER D 238 -31.15 27.14 5.57
CA SER D 238 -30.30 27.76 4.54
C SER D 238 -30.29 29.28 4.68
N SER D 239 -29.20 29.93 4.28
CA SER D 239 -29.13 31.39 4.37
C SER D 239 -28.60 32.08 3.10
N PRO D 240 -29.08 33.30 2.81
CA PRO D 240 -28.57 34.03 1.65
C PRO D 240 -27.25 34.75 1.92
N ARG D 256 -11.11 16.75 2.59
CA ARG D 256 -10.94 15.69 3.57
C ARG D 256 -11.87 14.59 3.17
N ASP D 257 -13.00 14.45 3.87
CA ASP D 257 -13.93 13.42 3.44
C ASP D 257 -14.35 13.59 1.98
N VAL D 258 -14.34 14.83 1.51
CA VAL D 258 -14.75 15.12 0.13
C VAL D 258 -13.81 14.46 -0.87
N GLU D 259 -12.52 14.47 -0.58
CA GLU D 259 -11.55 13.83 -1.47
C GLU D 259 -11.62 12.32 -1.35
N ALA D 260 -11.98 11.84 -0.15
CA ALA D 260 -12.25 10.42 0.02
C ALA D 260 -13.39 10.01 -0.89
N LEU D 261 -14.47 10.76 -0.83
CA LEU D 261 -15.67 10.45 -1.58
C LEU D 261 -15.43 10.50 -3.08
N MET D 262 -14.63 11.46 -3.52
CA MET D 262 -14.35 11.58 -4.94
C MET D 262 -13.52 10.41 -5.44
N GLU D 263 -12.50 10.04 -4.67
CA GLU D 263 -11.68 8.89 -5.03
C GLU D 263 -12.51 7.62 -5.10
N ARG D 264 -13.49 7.49 -4.20
CA ARG D 264 -14.32 6.31 -4.20
C ARG D 264 -15.29 6.31 -5.37
N MET D 265 -15.58 7.48 -5.91
CA MET D 265 -16.45 7.60 -7.08
C MET D 265 -15.72 7.21 -8.36
N GLN D 266 -14.39 7.39 -8.35
CA GLN D 266 -13.57 7.05 -9.51
C GLN D 266 -13.42 5.54 -9.65
N GLN D 267 -13.12 4.86 -8.55
CA GLN D 267 -12.97 3.40 -8.57
C GLN D 267 -14.21 2.66 -9.07
N LEU D 268 -15.37 3.33 -9.10
CA LEU D 268 -16.61 2.67 -9.48
C LEU D 268 -16.65 2.43 -11.00
N GLN D 269 -15.63 2.92 -11.70
CA GLN D 269 -15.23 2.30 -12.98
C GLN D 269 -13.78 2.63 -13.34
N GLU D 281 -24.65 -14.17 -6.51
CA GLU D 281 -26.00 -13.62 -6.43
C GLU D 281 -26.34 -13.16 -5.02
N GLU D 282 -25.43 -12.40 -4.41
CA GLU D 282 -25.67 -11.84 -3.09
C GLU D 282 -26.03 -10.37 -3.23
N MET D 283 -26.22 -9.94 -4.48
CA MET D 283 -26.67 -8.57 -4.73
C MET D 283 -28.12 -8.39 -4.30
N GLU D 284 -28.80 -9.51 -4.10
CA GLU D 284 -30.15 -9.52 -3.60
C GLU D 284 -30.13 -9.50 -2.07
N SER D 285 -28.94 -9.64 -1.51
CA SER D 285 -28.79 -9.67 -0.08
C SER D 285 -28.36 -8.30 0.43
N ARG D 286 -27.55 -7.62 -0.37
CA ARG D 286 -27.11 -6.28 -0.02
C ARG D 286 -28.29 -5.32 -0.03
N PHE D 287 -29.30 -5.67 -0.82
CA PHE D 287 -30.52 -4.90 -0.89
C PHE D 287 -31.33 -5.06 0.38
N GLU D 288 -31.63 -6.31 0.74
CA GLU D 288 -32.38 -6.59 1.96
C GLU D 288 -31.71 -5.97 3.18
N LEU D 289 -30.38 -6.03 3.22
CA LEU D 289 -29.62 -5.44 4.31
C LEU D 289 -29.86 -3.95 4.38
N GLU D 290 -30.01 -3.33 3.22
CA GLU D 290 -30.17 -1.89 3.09
C GLU D 290 -31.57 -1.44 3.43
N LYS D 291 -32.54 -2.30 3.11
CA LYS D 291 -33.95 -2.01 3.26
C LYS D 291 -34.42 -2.16 4.71
N SER D 292 -33.72 -3.01 5.45
CA SER D 292 -34.17 -3.42 6.77
C SER D 292 -33.53 -2.59 7.87
N GLU D 293 -32.55 -1.78 7.50
CA GLU D 293 -31.83 -0.97 8.46
C GLU D 293 -32.76 0.01 9.15
N SER D 294 -32.42 0.42 10.37
CA SER D 294 -33.26 1.32 11.13
C SER D 294 -32.48 2.56 11.58
N LEU D 295 -32.92 3.73 11.13
CA LEU D 295 -32.23 4.98 11.44
C LEU D 295 -33.21 6.11 11.71
N PRO D 310 -51.74 19.70 15.55
CA PRO D 310 -52.77 19.61 16.60
C PRO D 310 -54.12 20.16 16.12
N ASP D 311 -54.06 21.27 15.39
CA ASP D 311 -55.23 21.85 14.74
C ASP D 311 -55.38 21.21 13.36
N MET D 312 -54.32 20.53 12.92
CA MET D 312 -54.35 19.79 11.68
C MET D 312 -54.88 18.37 11.87
N LEU D 313 -54.90 17.91 13.10
CA LEU D 313 -55.36 16.56 13.43
C LEU D 313 -56.78 16.26 12.93
N CYS D 314 -57.56 17.29 12.66
CA CYS D 314 -58.95 17.10 12.25
C CYS D 314 -59.11 16.89 10.75
N PHE D 315 -58.00 16.83 10.03
CA PHE D 315 -58.03 16.59 8.60
C PHE D 315 -57.54 15.20 8.25
N VAL D 316 -57.23 14.40 9.26
CA VAL D 316 -56.77 13.04 9.00
C VAL D 316 -57.49 12.00 9.87
N GLU D 317 -57.67 10.81 9.30
CA GLU D 317 -58.04 9.62 10.04
C GLU D 317 -56.79 8.80 10.30
N ASP D 318 -56.59 8.38 11.54
CA ASP D 318 -55.45 7.55 11.92
C ASP D 318 -54.14 8.30 11.74
N PRO D 319 -53.80 9.17 12.71
CA PRO D 319 -52.68 10.11 12.63
C PRO D 319 -51.31 9.54 13.01
N THR D 320 -51.27 8.43 13.73
CA THR D 320 -50.01 7.84 14.17
C THR D 320 -49.47 6.87 13.13
N PHE D 321 -50.29 6.57 12.14
CA PHE D 321 -49.86 5.72 11.04
C PHE D 321 -48.65 6.39 10.36
N GLY D 322 -47.60 5.62 10.22
CA GLY D 322 -46.35 6.16 9.70
C GLY D 322 -45.59 5.06 9.00
N TYR D 323 -44.35 5.36 8.65
CA TYR D 323 -43.51 4.39 7.99
C TYR D 323 -43.31 3.18 8.88
N GLU D 324 -43.02 3.42 10.15
CA GLU D 324 -42.81 2.34 11.12
C GLU D 324 -44.12 1.83 11.69
N ASP D 325 -44.20 0.51 11.86
CA ASP D 325 -45.34 -0.11 12.50
C ASP D 325 -44.94 -0.57 13.90
N PHE D 326 -45.58 0.00 14.91
CA PHE D 326 -45.26 -0.35 16.30
C PHE D 326 -46.06 -1.55 16.79
N THR D 327 -47.02 -1.99 15.99
CA THR D 327 -47.75 -3.23 16.24
C THR D 327 -46.82 -4.43 16.16
N ARG D 328 -45.81 -4.34 15.29
CA ARG D 328 -44.83 -5.40 15.11
C ARG D 328 -43.49 -5.03 15.75
N ARG D 329 -42.79 -6.00 16.30
CA ARG D 329 -41.44 -5.77 16.78
C ARG D 329 -40.49 -5.61 15.61
N GLY D 330 -39.38 -4.92 15.84
CA GLY D 330 -38.41 -4.69 14.78
C GLY D 330 -38.80 -3.54 13.87
N ALA D 331 -37.91 -3.20 12.96
CA ALA D 331 -38.11 -2.06 12.07
C ALA D 331 -38.92 -2.43 10.83
N GLN D 332 -39.50 -1.41 10.20
CA GLN D 332 -40.30 -1.61 9.00
C GLN D 332 -39.45 -2.06 7.84
N ALA D 333 -39.98 -3.04 7.10
CA ALA D 333 -39.35 -3.52 5.88
C ALA D 333 -40.44 -3.83 4.89
N PRO D 334 -40.62 -2.97 3.91
CA PRO D 334 -41.63 -3.22 2.88
C PRO D 334 -41.27 -4.43 2.08
N PRO D 335 -42.26 -5.15 1.57
CA PRO D 335 -41.96 -6.30 0.72
C PRO D 335 -41.17 -5.87 -0.50
N THR D 336 -40.18 -6.67 -0.90
CA THR D 336 -39.37 -6.35 -2.06
C THR D 336 -40.16 -6.42 -3.36
N PHE D 337 -40.03 -5.38 -4.16
CA PHE D 337 -40.71 -5.29 -5.45
C PHE D 337 -39.65 -5.10 -6.50
N ARG D 338 -39.60 -5.99 -7.48
CA ARG D 338 -38.56 -5.86 -8.49
C ARG D 338 -39.07 -4.90 -9.54
N ALA D 339 -38.24 -3.91 -9.83
CA ALA D 339 -38.65 -2.70 -10.52
C ALA D 339 -39.20 -2.95 -11.91
N GLN D 340 -38.61 -3.86 -12.66
CA GLN D 340 -39.00 -4.08 -14.05
C GLN D 340 -40.44 -4.53 -14.21
N ASP D 341 -41.07 -4.95 -13.13
CA ASP D 341 -42.46 -5.38 -13.18
C ASP D 341 -43.38 -4.18 -13.47
N TYR D 342 -43.03 -3.02 -12.92
CA TYR D 342 -43.78 -1.80 -13.15
C TYR D 342 -42.87 -0.58 -13.06
N THR D 343 -42.49 -0.05 -14.22
CA THR D 343 -41.57 1.07 -14.28
C THR D 343 -42.30 2.33 -14.71
N TRP D 344 -41.65 3.48 -14.54
CA TRP D 344 -42.23 4.70 -15.03
C TRP D 344 -42.08 4.72 -16.54
N GLU D 345 -40.87 4.43 -17.00
CA GLU D 345 -40.50 4.55 -18.40
C GLU D 345 -41.44 3.83 -19.38
N ASP D 346 -41.91 2.63 -19.03
CA ASP D 346 -42.77 1.93 -19.96
C ASP D 346 -43.97 1.23 -19.33
N HIS D 347 -44.55 1.83 -18.31
CA HIS D 347 -45.78 1.32 -17.72
C HIS D 347 -46.66 2.43 -17.20
N GLY D 348 -46.22 3.09 -16.13
CA GLY D 348 -46.97 4.11 -15.47
C GLY D 348 -47.11 5.36 -16.28
N TYR D 349 -46.09 5.69 -17.04
CA TYR D 349 -46.16 6.85 -17.91
C TYR D 349 -47.28 6.69 -18.92
N SER D 350 -47.31 5.58 -19.63
CA SER D 350 -48.33 5.38 -20.66
C SER D 350 -49.73 5.32 -20.05
N LEU D 351 -49.81 4.94 -18.78
CA LEU D 351 -51.08 4.91 -18.08
C LEU D 351 -51.57 6.31 -17.73
N ILE D 352 -50.72 7.12 -17.12
CA ILE D 352 -51.09 8.48 -16.74
C ILE D 352 -51.48 9.30 -17.97
N GLN D 353 -50.65 9.29 -19.00
CA GLN D 353 -50.89 10.13 -20.15
C GLN D 353 -52.18 9.73 -20.86
N ARG D 354 -52.66 8.53 -20.59
CA ARG D 354 -53.96 8.08 -21.07
C ARG D 354 -55.09 8.73 -20.26
N LEU D 355 -54.91 8.78 -18.95
CA LEU D 355 -55.96 9.26 -18.04
C LEU D 355 -55.82 10.75 -17.71
N TYR D 356 -54.60 11.25 -17.71
CA TYR D 356 -54.33 12.64 -17.36
C TYR D 356 -53.27 13.18 -18.29
N PRO D 357 -53.63 13.42 -19.56
CA PRO D 357 -52.68 13.79 -20.60
C PRO D 357 -51.73 14.91 -20.21
N GLU D 358 -52.25 16.10 -19.97
CA GLU D 358 -51.41 17.26 -19.72
C GLU D 358 -50.54 17.06 -18.49
N GLY D 359 -51.04 16.32 -17.51
CA GLY D 359 -50.29 16.02 -16.31
C GLY D 359 -49.15 15.03 -16.49
N GLY D 360 -49.35 14.01 -17.30
CA GLY D 360 -48.35 12.99 -17.52
C GLY D 360 -47.03 13.50 -18.06
N GLN D 361 -47.09 14.33 -19.10
CA GLN D 361 -45.89 14.89 -19.70
C GLN D 361 -45.09 15.71 -18.70
N LEU D 362 -45.78 16.47 -17.87
CA LEU D 362 -45.14 17.35 -16.91
C LEU D 362 -44.48 16.58 -15.77
N LEU D 363 -45.14 15.53 -15.32
CA LEU D 363 -44.57 14.61 -14.35
C LEU D 363 -43.30 14.00 -14.89
N ASP D 364 -43.37 13.52 -16.13
CA ASP D 364 -42.23 12.93 -16.80
C ASP D 364 -41.06 13.90 -16.93
N GLU D 365 -41.33 15.11 -17.39
CA GLU D 365 -40.28 16.12 -17.52
C GLU D 365 -39.64 16.45 -16.18
N LYS D 366 -40.44 16.48 -15.12
CA LYS D 366 -39.94 16.77 -13.79
C LYS D 366 -39.03 15.68 -13.24
N PHE D 367 -39.43 14.42 -13.43
CA PHE D 367 -38.63 13.28 -12.99
C PHE D 367 -37.25 13.32 -13.62
N GLN D 368 -37.23 13.59 -14.93
CA GLN D 368 -35.98 13.59 -15.69
C GLN D 368 -35.15 14.84 -15.39
N ALA D 369 -35.79 15.94 -15.03
CA ALA D 369 -35.05 17.15 -14.72
C ALA D 369 -34.31 17.02 -13.38
N ALA D 370 -34.94 16.38 -12.40
CA ALA D 370 -34.30 16.15 -11.12
C ALA D 370 -33.25 15.04 -11.18
N TYR D 371 -33.58 13.95 -11.86
CA TYR D 371 -32.64 12.85 -12.01
C TYR D 371 -31.37 13.28 -12.72
N SER D 372 -31.52 14.03 -13.81
CA SER D 372 -30.39 14.40 -14.62
C SER D 372 -29.68 15.69 -14.17
N LEU D 373 -30.29 16.46 -13.29
CA LEU D 373 -29.71 17.72 -12.84
C LEU D 373 -28.30 17.58 -12.30
N THR D 374 -27.38 18.37 -12.83
CA THR D 374 -26.01 18.37 -12.34
C THR D 374 -25.30 19.64 -12.75
N TYR D 375 -24.33 20.07 -11.97
CA TYR D 375 -23.48 21.19 -12.31
C TYR D 375 -22.05 20.69 -12.46
N ASN D 376 -21.91 19.37 -12.36
CA ASN D 376 -20.62 18.69 -12.37
C ASN D 376 -19.71 19.21 -11.27
N THR D 377 -20.26 19.40 -10.07
CA THR D 377 -19.45 19.83 -8.93
C THR D 377 -19.59 18.89 -7.73
N ILE D 378 -18.62 18.94 -6.82
CA ILE D 378 -18.74 18.29 -5.51
C ILE D 378 -18.14 19.20 -4.45
N ALA D 379 -18.98 19.75 -3.59
CA ALA D 379 -18.56 20.74 -2.62
C ALA D 379 -17.74 21.83 -3.30
N MET D 380 -16.45 21.87 -3.04
CA MET D 380 -15.59 22.94 -3.55
C MET D 380 -14.84 22.54 -4.83
N HIS D 381 -15.18 21.38 -5.37
CA HIS D 381 -14.52 20.86 -6.57
C HIS D 381 -15.43 20.91 -7.78
N SER D 382 -14.82 21.01 -8.96
CA SER D 382 -15.56 21.09 -10.21
C SER D 382 -14.97 20.15 -11.24
N GLY D 383 -15.67 20.00 -12.35
CA GLY D 383 -15.26 19.07 -13.39
C GLY D 383 -15.48 17.61 -13.03
N VAL D 384 -16.40 17.34 -12.12
CA VAL D 384 -16.64 15.99 -11.61
C VAL D 384 -17.96 15.40 -12.09
N ASP D 385 -17.91 14.17 -12.62
CA ASP D 385 -19.12 13.43 -12.91
C ASP D 385 -19.69 12.89 -11.62
N THR D 386 -20.90 13.31 -11.24
CA THR D 386 -21.47 12.86 -10.00
C THR D 386 -22.61 11.87 -10.15
N SER D 387 -22.82 11.33 -11.35
CA SER D 387 -23.98 10.49 -11.59
C SER D 387 -24.07 9.25 -10.70
N VAL D 388 -22.94 8.79 -10.15
CA VAL D 388 -22.97 7.64 -9.24
C VAL D 388 -23.41 8.03 -7.85
N LEU D 389 -23.03 9.22 -7.42
CA LEU D 389 -23.49 9.77 -6.15
C LEU D 389 -24.99 9.99 -6.21
N ARG D 390 -25.47 10.55 -7.31
CA ARG D 390 -26.88 10.92 -7.40
C ARG D 390 -27.76 9.70 -7.63
N ARG D 391 -27.21 8.69 -8.27
CA ARG D 391 -27.93 7.44 -8.48
C ARG D 391 -28.08 6.69 -7.15
N ALA D 392 -27.08 6.80 -6.29
CA ALA D 392 -27.14 6.14 -5.00
C ALA D 392 -28.25 6.73 -4.13
N ILE D 393 -28.35 8.06 -4.11
CA ILE D 393 -29.42 8.74 -3.39
C ILE D 393 -30.81 8.33 -3.90
N TRP D 394 -30.99 8.35 -5.20
CA TRP D 394 -32.24 7.92 -5.81
C TRP D 394 -32.57 6.47 -5.49
N ASN D 395 -31.60 5.59 -5.57
CA ASN D 395 -31.85 4.17 -5.37
C ASN D 395 -31.99 3.80 -3.91
N TYR D 396 -31.30 4.52 -3.03
CA TYR D 396 -31.53 4.37 -1.61
C TYR D 396 -32.96 4.69 -1.20
N ILE D 397 -33.50 5.79 -1.71
CA ILE D 397 -34.87 6.18 -1.39
C ILE D 397 -35.85 5.16 -1.93
N HIS D 398 -35.69 4.74 -3.18
CA HIS D 398 -36.58 3.72 -3.70
C HIS D 398 -36.45 2.41 -2.92
N CYS D 399 -35.28 2.16 -2.36
CA CYS D 399 -35.03 0.97 -1.56
C CYS D 399 -35.84 1.03 -0.27
N VAL D 400 -35.80 2.17 0.38
CA VAL D 400 -36.67 2.48 1.51
C VAL D 400 -38.14 2.15 1.21
N PHE D 401 -38.57 2.29 -0.04
CA PHE D 401 -39.96 2.00 -0.39
C PHE D 401 -40.11 0.66 -1.08
N GLY D 402 -39.09 -0.18 -0.96
CA GLY D 402 -39.17 -1.58 -1.33
C GLY D 402 -38.88 -1.94 -2.78
N ILE D 403 -38.40 -0.98 -3.54
CA ILE D 403 -38.15 -1.15 -4.97
C ILE D 403 -36.71 -1.54 -5.24
N ARG D 404 -36.51 -2.71 -5.83
CA ARG D 404 -35.18 -3.18 -6.16
C ARG D 404 -34.91 -3.08 -7.66
N TYR D 405 -33.78 -2.49 -8.01
CA TYR D 405 -33.29 -2.49 -9.39
C TYR D 405 -32.30 -3.62 -9.57
N ASP D 406 -32.60 -4.48 -10.54
CA ASP D 406 -31.85 -5.71 -10.77
C ASP D 406 -30.35 -5.52 -10.91
N ASP D 407 -29.96 -4.57 -11.75
CA ASP D 407 -28.57 -4.47 -12.16
C ASP D 407 -27.78 -3.49 -11.32
N TYR D 408 -28.23 -3.25 -10.10
CA TYR D 408 -27.56 -2.28 -9.25
C TYR D 408 -26.94 -2.94 -8.03
N ASP D 409 -25.70 -2.56 -7.73
CA ASP D 409 -24.98 -3.06 -6.57
C ASP D 409 -25.24 -2.17 -5.37
N TYR D 410 -26.15 -2.61 -4.50
CA TYR D 410 -26.58 -1.78 -3.38
C TYR D 410 -25.52 -1.61 -2.31
N GLY D 411 -24.36 -2.22 -2.51
CA GLY D 411 -23.22 -1.95 -1.66
C GLY D 411 -22.69 -0.57 -1.96
N GLU D 412 -23.02 -0.07 -3.16
CA GLU D 412 -22.58 1.25 -3.58
C GLU D 412 -23.19 2.34 -2.71
N VAL D 413 -24.38 2.07 -2.18
CA VAL D 413 -25.02 2.97 -1.24
C VAL D 413 -24.13 3.28 -0.04
N ASN D 414 -23.58 2.26 0.60
CA ASN D 414 -22.75 2.49 1.78
C ASN D 414 -21.38 3.06 1.48
N GLN D 415 -20.89 2.83 0.27
CA GLN D 415 -19.63 3.42 -0.13
C GLN D 415 -19.76 4.94 -0.35
N LEU D 416 -20.94 5.39 -0.77
CA LEU D 416 -21.09 6.78 -1.21
C LEU D 416 -21.87 7.67 -0.25
N LEU D 417 -22.82 7.10 0.48
CA LEU D 417 -23.68 7.87 1.36
C LEU D 417 -23.27 7.73 2.83
N GLU D 418 -22.68 8.77 3.41
CA GLU D 418 -22.27 8.74 4.80
C GLU D 418 -23.50 8.51 5.67
N ARG D 419 -23.29 8.00 6.88
CA ARG D 419 -24.41 7.64 7.75
C ARG D 419 -25.28 8.84 8.11
N ASN D 420 -24.67 9.99 8.32
CA ASN D 420 -25.44 11.18 8.67
C ASN D 420 -26.34 11.65 7.54
N LEU D 421 -25.99 11.28 6.32
CA LEU D 421 -26.79 11.63 5.15
C LEU D 421 -27.93 10.67 5.00
N LYS D 422 -27.67 9.38 5.19
CA LYS D 422 -28.74 8.38 5.16
C LYS D 422 -29.79 8.69 6.21
N VAL D 423 -29.35 9.08 7.39
CA VAL D 423 -30.25 9.45 8.48
C VAL D 423 -31.11 10.66 8.11
N TYR D 424 -30.51 11.66 7.47
CA TYR D 424 -31.24 12.82 6.97
C TYR D 424 -32.24 12.47 5.88
N ILE D 425 -31.80 11.77 4.85
CA ILE D 425 -32.65 11.35 3.75
C ILE D 425 -33.86 10.52 4.19
N LYS D 426 -33.65 9.57 5.09
CA LYS D 426 -34.75 8.70 5.48
C LYS D 426 -35.73 9.44 6.37
N THR D 427 -35.23 10.32 7.23
CA THR D 427 -36.12 11.19 7.99
C THR D 427 -36.97 12.08 7.10
N VAL D 428 -36.34 12.80 6.17
CA VAL D 428 -37.08 13.72 5.30
C VAL D 428 -38.07 12.97 4.40
N ALA D 429 -37.76 11.75 3.99
CA ALA D 429 -38.68 10.97 3.16
C ALA D 429 -39.79 10.27 3.95
N CYS D 430 -39.50 9.82 5.16
CA CYS D 430 -40.45 8.99 5.89
C CYS D 430 -41.08 9.70 7.08
N TYR D 431 -40.34 10.62 7.67
CA TYR D 431 -40.77 11.34 8.86
C TYR D 431 -40.40 12.80 8.85
N PRO D 432 -40.73 13.53 7.77
CA PRO D 432 -40.23 14.89 7.59
C PRO D 432 -40.40 15.78 8.82
N GLU D 433 -41.52 15.67 9.53
CA GLU D 433 -41.81 16.44 10.75
C GLU D 433 -40.66 16.50 11.75
N LYS D 434 -39.82 15.48 11.72
CA LYS D 434 -38.83 15.30 12.74
C LYS D 434 -37.44 15.71 12.28
N THR D 435 -37.38 16.46 11.17
CA THR D 435 -36.13 17.00 10.65
C THR D 435 -35.68 18.20 11.47
N THR D 436 -34.42 18.21 11.87
CA THR D 436 -33.93 19.28 12.72
C THR D 436 -32.79 20.02 12.04
N ARG D 437 -32.49 21.21 12.53
CA ARG D 437 -31.37 21.98 12.03
C ARG D 437 -30.07 21.23 12.28
N ARG D 438 -29.96 20.57 13.42
CA ARG D 438 -28.78 19.81 13.75
C ARG D 438 -28.58 18.65 12.78
N MET D 439 -29.67 17.98 12.43
CA MET D 439 -29.64 16.90 11.48
C MET D 439 -29.20 17.39 10.10
N TYR D 440 -29.67 18.57 9.72
CA TYR D 440 -29.29 19.22 8.48
C TYR D 440 -27.81 19.58 8.48
N ASN D 441 -27.37 20.29 9.50
CA ASN D 441 -25.98 20.72 9.59
C ASN D 441 -24.98 19.58 9.77
N LEU D 442 -25.42 18.45 10.29
CA LEU D 442 -24.53 17.35 10.63
C LEU D 442 -23.94 16.63 9.43
N PHE D 443 -24.71 16.49 8.35
CA PHE D 443 -24.21 15.73 7.19
C PHE D 443 -23.58 16.66 6.17
N TRP D 444 -22.64 16.12 5.39
CA TRP D 444 -21.94 16.86 4.37
C TRP D 444 -21.48 18.23 4.87
N ARG D 445 -20.67 18.22 5.91
CA ARG D 445 -20.28 19.46 6.57
C ARG D 445 -19.55 20.42 5.63
N HIS D 446 -18.94 19.87 4.58
CA HIS D 446 -18.12 20.71 3.70
C HIS D 446 -18.76 21.05 2.35
N PHE D 447 -19.93 20.47 2.10
CA PHE D 447 -20.70 20.77 0.90
C PHE D 447 -21.42 22.11 1.02
N ARG D 448 -22.03 22.53 -0.08
CA ARG D 448 -22.68 23.83 -0.15
C ARG D 448 -24.19 23.70 0.07
N HIS D 449 -24.78 24.71 0.67
CA HIS D 449 -26.21 24.71 0.95
C HIS D 449 -27.05 24.36 -0.26
N SER D 450 -26.63 24.78 -1.43
CA SER D 450 -27.41 24.54 -2.64
C SER D 450 -27.36 23.09 -3.02
N GLU D 451 -26.30 22.40 -2.62
CA GLU D 451 -26.18 20.97 -2.87
C GLU D 451 -27.07 20.17 -1.96
N LYS D 452 -27.37 20.73 -0.79
CA LYS D 452 -28.27 20.09 0.14
C LYS D 452 -29.71 20.29 -0.28
N VAL D 453 -30.03 21.44 -0.84
CA VAL D 453 -31.33 21.64 -1.48
C VAL D 453 -31.49 20.67 -2.65
N HIS D 454 -30.39 20.42 -3.35
CA HIS D 454 -30.32 19.50 -4.49
C HIS D 454 -30.67 18.08 -4.05
N VAL D 455 -30.09 17.64 -2.94
CA VAL D 455 -30.39 16.33 -2.38
C VAL D 455 -31.88 16.22 -2.09
N ASN D 456 -32.45 17.32 -1.66
CA ASN D 456 -33.86 17.40 -1.36
C ASN D 456 -34.78 17.26 -2.55
N LEU D 457 -34.37 17.76 -3.71
CA LEU D 457 -35.30 17.70 -4.82
C LEU D 457 -35.13 16.37 -5.51
N LEU D 458 -33.93 15.83 -5.42
CA LEU D 458 -33.69 14.45 -5.76
C LEU D 458 -34.60 13.53 -4.94
N LEU D 459 -34.62 13.70 -3.63
CA LEU D 459 -35.35 12.80 -2.75
C LEU D 459 -36.87 12.96 -2.86
N LEU D 460 -37.36 14.17 -3.09
CA LEU D 460 -38.79 14.35 -3.21
C LEU D 460 -39.34 13.71 -4.49
N GLU D 461 -38.55 13.72 -5.56
CA GLU D 461 -38.98 13.09 -6.80
C GLU D 461 -38.89 11.57 -6.79
N ALA D 462 -37.84 11.03 -6.16
CA ALA D 462 -37.71 9.60 -5.98
C ALA D 462 -38.86 9.08 -5.15
N ARG D 463 -39.25 9.84 -4.14
CA ARG D 463 -40.35 9.47 -3.26
C ARG D 463 -41.68 9.53 -3.98
N MET D 464 -41.88 10.54 -4.80
CA MET D 464 -43.14 10.72 -5.49
C MET D 464 -43.33 9.69 -6.59
N GLN D 465 -42.25 9.30 -7.24
CA GLN D 465 -42.35 8.30 -8.29
C GLN D 465 -42.68 6.92 -7.72
N ALA D 466 -42.06 6.58 -6.60
CA ALA D 466 -42.36 5.33 -5.93
C ALA D 466 -43.81 5.27 -5.48
N ALA D 467 -44.31 6.32 -4.86
CA ALA D 467 -45.70 6.32 -4.44
C ALA D 467 -46.64 6.26 -5.63
N LEU D 468 -46.34 7.06 -6.65
CA LEU D 468 -47.15 7.08 -7.86
C LEU D 468 -47.18 5.76 -8.62
N LEU D 469 -46.08 5.03 -8.66
CA LEU D 469 -46.05 3.74 -9.37
C LEU D 469 -46.91 2.69 -8.68
N TYR D 470 -46.81 2.62 -7.36
CA TYR D 470 -47.64 1.71 -6.59
C TYR D 470 -49.11 1.97 -6.83
N ALA D 471 -49.45 3.24 -6.97
CA ALA D 471 -50.82 3.65 -7.24
C ALA D 471 -51.24 3.24 -8.63
N LEU D 472 -50.33 3.39 -9.59
CA LEU D 472 -50.68 3.10 -10.97
C LEU D 472 -50.70 1.58 -11.18
N ARG D 473 -49.83 0.88 -10.49
CA ARG D 473 -49.83 -0.57 -10.53
C ARG D 473 -51.14 -1.11 -9.97
N ALA D 474 -51.63 -0.48 -8.90
CA ALA D 474 -52.91 -0.86 -8.34
C ALA D 474 -54.05 -0.56 -9.31
N ILE D 475 -53.95 0.55 -10.02
CA ILE D 475 -54.97 0.93 -11.00
C ILE D 475 -54.86 0.06 -12.24
N THR D 476 -53.63 -0.32 -12.60
CA THR D 476 -53.45 -1.23 -13.72
C THR D 476 -54.17 -2.54 -13.43
N ARG D 477 -54.04 -3.04 -12.22
CA ARG D 477 -54.64 -4.31 -11.84
C ARG D 477 -56.16 -4.24 -11.74
N TYR D 478 -56.69 -3.06 -11.42
CA TYR D 478 -58.13 -2.87 -11.37
C TYR D 478 -58.76 -2.94 -12.76
N MET D 479 -58.12 -2.32 -13.73
CA MET D 479 -58.67 -2.17 -15.08
C MET D 479 -58.57 -3.44 -15.90
N THR D 480 -58.39 -4.58 -15.25
CA THR D 480 -58.38 -5.83 -15.97
C THR D 480 -59.08 -6.91 -15.14
N GLY E 66 43.28 -4.20 4.95
CA GLY E 66 44.19 -3.39 4.15
C GLY E 66 45.63 -3.86 4.29
N LEU E 67 46.51 -3.31 3.47
CA LEU E 67 47.96 -3.57 3.56
C LEU E 67 48.62 -2.72 4.66
N GLU E 68 48.26 -2.97 5.92
CA GLU E 68 48.57 -2.05 6.99
C GLU E 68 50.07 -1.80 7.20
N ALA E 69 50.89 -2.85 7.11
CA ALA E 69 52.32 -2.71 7.38
C ALA E 69 53.01 -1.82 6.37
N LEU E 70 52.62 -1.97 5.11
CA LEU E 70 53.11 -1.12 4.02
C LEU E 70 52.71 0.32 4.23
N MET E 71 51.44 0.52 4.55
CA MET E 71 50.85 1.86 4.58
C MET E 71 51.36 2.71 5.73
N SER E 72 51.70 2.09 6.85
CA SER E 72 52.24 2.85 7.96
C SER E 72 53.75 2.76 8.00
N SER E 73 54.36 2.24 6.94
CA SER E 73 55.80 2.07 6.95
C SER E 73 56.46 3.43 6.80
N GLY E 74 56.02 4.20 5.83
CA GLY E 74 56.62 5.48 5.53
C GLY E 74 57.37 5.42 4.22
N ARG E 75 57.41 4.24 3.62
CA ARG E 75 58.31 4.00 2.49
C ARG E 75 57.61 4.03 1.16
N VAL E 76 56.29 4.21 1.17
CA VAL E 76 55.55 4.42 -0.07
C VAL E 76 54.77 5.75 -0.02
N ASP E 77 54.50 6.34 -1.16
CA ASP E 77 53.85 7.64 -1.14
C ASP E 77 52.37 7.53 -0.87
N ASN E 78 51.77 8.65 -0.50
CA ASN E 78 50.36 8.75 -0.15
C ASN E 78 49.37 8.16 -1.15
N LEU E 79 49.74 8.09 -2.41
CA LEU E 79 48.84 7.52 -3.40
C LEU E 79 48.77 6.02 -3.18
N ALA E 80 49.93 5.39 -3.02
CA ALA E 80 49.98 3.96 -2.76
C ALA E 80 49.31 3.60 -1.46
N VAL E 81 49.53 4.40 -0.43
CA VAL E 81 48.90 4.20 0.86
C VAL E 81 47.39 4.05 0.75
N VAL E 82 46.74 4.96 0.03
CA VAL E 82 45.29 4.94 -0.07
C VAL E 82 44.83 3.80 -0.99
N MET E 83 45.60 3.53 -2.04
CA MET E 83 45.39 2.32 -2.85
C MET E 83 45.41 1.06 -2.01
N GLY E 84 46.22 1.07 -0.96
CA GLY E 84 46.41 -0.09 -0.10
C GLY E 84 45.17 -0.51 0.64
N LEU E 85 44.16 0.35 0.65
CA LEU E 85 42.89 0.11 1.32
C LEU E 85 42.12 -1.02 0.67
N HIS E 86 42.48 -1.32 -0.57
CA HIS E 86 41.86 -2.40 -1.33
C HIS E 86 42.91 -3.26 -2.01
N PRO E 87 43.47 -4.22 -1.26
CA PRO E 87 44.59 -5.06 -1.65
C PRO E 87 44.40 -5.87 -2.93
N ASP E 88 43.17 -6.22 -3.26
CA ASP E 88 42.93 -6.94 -4.51
C ASP E 88 43.05 -6.02 -5.70
N TYR E 89 42.83 -4.74 -5.47
CA TYR E 89 43.05 -3.78 -6.52
C TYR E 89 44.50 -3.33 -6.56
N PHE E 90 45.07 -3.02 -5.39
CA PHE E 90 46.46 -2.59 -5.29
C PHE E 90 47.43 -3.43 -6.11
N THR E 91 47.34 -4.74 -5.98
CA THR E 91 48.27 -5.63 -6.67
C THR E 91 48.17 -5.46 -8.19
N SER E 92 46.95 -5.31 -8.70
CA SER E 92 46.76 -5.09 -10.13
C SER E 92 47.21 -3.71 -10.54
N PHE E 93 46.95 -2.73 -9.68
CA PHE E 93 47.41 -1.38 -9.89
C PHE E 93 48.92 -1.35 -9.93
N TRP E 94 49.54 -1.96 -8.93
CA TRP E 94 50.99 -1.93 -8.80
C TRP E 94 51.69 -2.57 -9.98
N ARG E 95 51.17 -3.69 -10.47
CA ARG E 95 51.80 -4.36 -11.59
C ARG E 95 51.89 -3.48 -12.85
N LEU E 96 50.84 -2.71 -13.14
CA LEU E 96 50.86 -1.86 -14.30
C LEU E 96 51.77 -0.71 -14.07
N HIS E 97 51.69 -0.14 -12.89
CA HIS E 97 52.54 0.97 -12.51
C HIS E 97 54.00 0.62 -12.65
N TYR E 98 54.39 -0.54 -12.15
CA TYR E 98 55.75 -0.99 -12.24
C TYR E 98 56.15 -1.28 -13.69
N LEU E 99 55.22 -1.80 -14.48
CA LEU E 99 55.50 -2.06 -15.88
C LEU E 99 55.74 -0.77 -16.65
N LEU E 100 54.92 0.23 -16.39
CA LEU E 100 54.96 1.46 -17.15
C LEU E 100 56.15 2.35 -16.83
N LEU E 101 56.64 2.28 -15.61
CA LEU E 101 57.62 3.28 -15.22
C LEU E 101 58.89 2.68 -14.65
N HIS E 102 58.97 1.36 -14.57
CA HIS E 102 60.14 0.74 -13.97
C HIS E 102 60.56 -0.53 -14.69
N THR E 103 60.17 -0.65 -15.95
CA THR E 103 60.44 -1.83 -16.77
C THR E 103 60.85 -1.38 -18.16
N ASP E 104 61.93 -1.96 -18.67
CA ASP E 104 62.43 -1.66 -20.01
C ASP E 104 61.33 -1.85 -21.05
N GLY E 105 61.24 -0.90 -21.97
CA GLY E 105 60.25 -0.94 -23.02
C GLY E 105 60.74 -0.15 -24.22
N PRO E 106 59.84 0.10 -25.19
CA PRO E 106 60.20 0.84 -26.40
C PRO E 106 60.65 2.27 -26.11
N LEU E 107 60.15 2.86 -25.03
CA LEU E 107 60.47 4.25 -24.70
C LEU E 107 61.42 4.35 -23.51
N ALA E 108 62.25 5.38 -23.53
CA ALA E 108 63.22 5.62 -22.48
C ALA E 108 62.55 6.14 -21.23
N SER E 109 63.14 5.85 -20.08
CA SER E 109 62.63 6.29 -18.80
C SER E 109 62.29 7.79 -18.74
N SER E 110 63.16 8.62 -19.29
CA SER E 110 62.95 10.06 -19.23
C SER E 110 61.73 10.49 -20.05
N TRP E 111 61.53 9.82 -21.18
CA TRP E 111 60.36 10.10 -22.02
C TRP E 111 59.07 9.67 -21.35
N ARG E 112 59.09 8.52 -20.70
CA ARG E 112 57.90 8.02 -20.05
C ARG E 112 57.47 8.91 -18.89
N HIS E 113 58.44 9.47 -18.16
CA HIS E 113 58.10 10.37 -17.08
C HIS E 113 57.64 11.70 -17.59
N TYR E 114 58.20 12.14 -18.71
CA TYR E 114 57.78 13.39 -19.29
C TYR E 114 56.37 13.29 -19.87
N ILE E 115 56.03 12.13 -20.43
CA ILE E 115 54.69 11.89 -20.93
C ILE E 115 53.71 11.90 -19.77
N ALA E 116 54.12 11.36 -18.62
CA ALA E 116 53.28 11.40 -17.44
C ALA E 116 53.05 12.83 -16.96
N ILE E 117 54.04 13.69 -17.11
CA ILE E 117 53.90 15.10 -16.77
C ILE E 117 52.91 15.80 -17.68
N MET E 118 53.02 15.58 -18.98
CA MET E 118 52.11 16.18 -19.96
C MET E 118 50.67 15.76 -19.68
N ALA E 119 50.49 14.52 -19.27
CA ALA E 119 49.19 13.94 -18.98
C ALA E 119 48.57 14.49 -17.71
N ALA E 120 49.35 14.56 -16.64
CA ALA E 120 48.83 15.03 -15.37
C ALA E 120 48.61 16.53 -15.38
N ALA E 121 49.28 17.21 -16.31
CA ALA E 121 49.14 18.65 -16.42
C ALA E 121 47.80 19.04 -17.05
N ARG E 122 47.16 18.12 -17.77
CA ARG E 122 45.80 18.36 -18.25
C ARG E 122 44.83 18.67 -17.11
N HIS E 123 45.09 18.13 -15.93
CA HIS E 123 44.18 18.34 -14.81
C HIS E 123 44.83 19.10 -13.69
N GLN E 124 45.94 19.79 -13.97
CA GLN E 124 46.56 20.65 -12.97
C GLN E 124 46.90 19.87 -11.71
N CYS E 125 47.37 18.63 -11.89
CA CYS E 125 47.62 17.71 -10.79
C CYS E 125 49.05 17.80 -10.31
N SER E 126 49.31 18.65 -9.32
CA SER E 126 50.67 18.87 -8.85
C SER E 126 51.27 17.65 -8.19
N TYR E 127 50.42 16.81 -7.61
CA TYR E 127 50.91 15.60 -6.99
C TYR E 127 51.65 14.73 -7.99
N LEU E 128 51.09 14.56 -9.18
CA LEU E 128 51.68 13.69 -10.19
C LEU E 128 52.74 14.38 -11.03
N VAL E 129 52.54 15.65 -11.33
CA VAL E 129 53.52 16.42 -12.08
C VAL E 129 54.78 16.58 -11.29
N GLY E 130 54.64 16.91 -10.01
CA GLY E 130 55.78 17.03 -9.12
C GLY E 130 56.52 15.72 -8.96
N SER E 131 55.75 14.66 -8.78
CA SER E 131 56.28 13.33 -8.63
C SER E 131 57.09 12.93 -9.83
N HIS E 132 56.53 13.10 -11.02
CA HIS E 132 57.23 12.71 -12.23
C HIS E 132 58.32 13.66 -12.66
N MET E 133 58.28 14.91 -12.19
CA MET E 133 59.37 15.85 -12.44
C MET E 133 60.61 15.38 -11.71
N ALA E 134 60.44 14.96 -10.46
CA ALA E 134 61.57 14.45 -9.70
C ALA E 134 62.14 13.21 -10.34
N GLU E 135 61.30 12.28 -10.76
CA GLU E 135 61.75 11.04 -11.38
C GLU E 135 62.37 11.27 -12.75
N PHE E 136 61.85 12.22 -13.49
CA PHE E 136 62.43 12.62 -14.77
C PHE E 136 63.86 13.11 -14.57
N LEU E 137 64.10 13.84 -13.51
CA LEU E 137 65.43 14.35 -13.20
C LEU E 137 66.39 13.26 -12.73
N GLN E 138 65.93 12.39 -11.83
CA GLN E 138 66.75 11.31 -11.31
C GLN E 138 67.12 10.27 -12.36
N THR E 139 66.41 10.27 -13.47
CA THR E 139 66.60 9.23 -14.48
C THR E 139 67.35 9.70 -15.72
N GLY E 140 67.80 10.95 -15.72
CA GLY E 140 68.65 11.44 -16.78
C GLY E 140 67.98 12.41 -17.72
N GLY E 141 66.77 12.81 -17.38
CA GLY E 141 66.07 13.76 -18.22
C GLY E 141 66.79 15.08 -18.32
N ASP E 142 66.80 15.63 -19.52
CA ASP E 142 67.30 16.97 -19.75
C ASP E 142 66.46 17.96 -18.93
N PRO E 143 67.08 18.62 -17.95
CA PRO E 143 66.38 19.53 -17.04
C PRO E 143 65.72 20.71 -17.75
N GLU E 144 66.08 20.94 -19.00
CA GLU E 144 65.53 22.05 -19.76
C GLU E 144 64.10 21.83 -20.18
N TRP E 145 63.73 20.56 -20.35
CA TRP E 145 62.37 20.22 -20.71
C TRP E 145 61.39 20.64 -19.65
N LEU E 146 61.85 20.79 -18.42
CA LEU E 146 60.96 21.18 -17.34
C LEU E 146 60.62 22.67 -17.36
N LEU E 147 61.29 23.41 -18.23
CA LEU E 147 61.01 24.82 -18.41
C LEU E 147 59.73 25.03 -19.17
N GLY E 148 59.26 23.99 -19.85
CA GLY E 148 58.01 24.06 -20.59
C GLY E 148 58.02 23.16 -21.81
N LEU E 149 56.84 22.86 -22.32
CA LEU E 149 56.71 21.92 -23.43
C LEU E 149 57.45 22.36 -24.69
N HIS E 150 57.61 23.67 -24.86
CA HIS E 150 58.26 24.21 -26.05
C HIS E 150 59.74 23.88 -26.09
N ARG E 151 60.29 23.39 -24.97
CA ARG E 151 61.71 23.04 -24.92
C ARG E 151 61.92 21.55 -25.10
N ALA E 152 60.84 20.83 -25.39
CA ALA E 152 60.89 19.39 -25.62
C ALA E 152 60.93 19.07 -27.11
N PRO E 153 61.40 17.87 -27.47
CA PRO E 153 61.45 17.47 -28.89
C PRO E 153 60.08 17.58 -29.55
N GLU E 154 60.05 17.83 -30.85
CA GLU E 154 58.79 17.95 -31.58
C GLU E 154 57.98 16.66 -31.49
N LYS E 155 58.68 15.54 -31.39
CA LYS E 155 58.03 14.24 -31.29
C LYS E 155 57.11 14.16 -30.09
N LEU E 156 57.57 14.67 -28.95
CA LEU E 156 56.78 14.71 -27.73
C LEU E 156 55.72 15.79 -27.80
N ARG E 157 56.00 16.86 -28.53
CA ARG E 157 55.03 17.92 -28.71
C ARG E 157 53.87 17.50 -29.61
N LYS E 158 54.11 16.53 -30.48
CA LYS E 158 53.08 16.01 -31.36
C LYS E 158 51.95 15.34 -30.61
N LEU E 159 52.26 14.98 -29.36
CA LEU E 159 51.37 14.19 -28.54
C LEU E 159 50.34 15.03 -27.82
N SER E 160 50.49 16.34 -27.86
CA SER E 160 49.63 17.22 -27.07
C SER E 160 48.18 17.17 -27.46
N GLU E 161 47.90 16.87 -28.73
CA GLU E 161 46.53 16.92 -29.23
C GLU E 161 45.78 15.69 -28.80
N ILE E 162 46.38 14.52 -28.99
CA ILE E 162 45.73 13.29 -28.57
C ILE E 162 45.69 13.19 -27.03
N ASN E 163 46.69 13.75 -26.36
CA ASN E 163 46.68 13.89 -24.92
C ASN E 163 45.44 14.63 -24.48
N LYS E 164 45.25 15.83 -25.01
CA LYS E 164 44.09 16.63 -24.68
C LYS E 164 42.77 15.94 -24.96
N LEU E 165 42.66 15.26 -26.09
CA LEU E 165 41.42 14.60 -26.45
C LEU E 165 41.19 13.40 -25.55
N LEU E 166 42.22 12.59 -25.35
CA LEU E 166 42.18 11.48 -24.40
C LEU E 166 41.64 11.90 -23.03
N ALA E 167 42.11 13.04 -22.54
CA ALA E 167 41.77 13.51 -21.21
C ALA E 167 40.35 14.07 -21.10
N HIS E 168 39.88 14.77 -22.12
CA HIS E 168 38.64 15.53 -21.96
C HIS E 168 37.51 15.11 -22.87
N ARG E 169 37.85 14.61 -24.04
CA ARG E 169 36.86 14.30 -25.08
C ARG E 169 37.34 13.19 -25.98
N PRO E 170 37.51 11.96 -25.44
CA PRO E 170 38.15 10.89 -26.20
C PRO E 170 37.39 10.50 -27.44
N TRP E 171 36.11 10.84 -27.53
CA TRP E 171 35.30 10.46 -28.67
C TRP E 171 35.67 11.22 -29.96
N LEU E 172 36.41 12.32 -29.81
CA LEU E 172 36.89 13.08 -30.95
C LEU E 172 38.14 12.48 -31.59
N ILE E 173 38.73 11.47 -30.95
CA ILE E 173 39.93 10.87 -31.53
C ILE E 173 39.56 10.12 -32.81
N THR E 174 40.23 10.49 -33.89
CA THR E 174 39.91 9.95 -35.20
C THR E 174 41.16 9.31 -35.78
N LYS E 175 41.03 8.62 -36.91
CA LYS E 175 42.18 7.94 -37.52
C LYS E 175 43.19 8.94 -38.06
N GLU E 176 42.74 10.18 -38.23
CA GLU E 176 43.60 11.24 -38.72
C GLU E 176 44.62 11.65 -37.67
N HIS E 177 44.24 11.57 -36.41
CA HIS E 177 45.16 11.83 -35.31
C HIS E 177 46.26 10.80 -35.28
N ILE E 178 45.87 9.53 -35.38
CA ILE E 178 46.79 8.41 -35.47
C ILE E 178 47.70 8.55 -36.68
N GLN E 179 47.11 8.91 -37.81
CA GLN E 179 47.87 9.07 -39.04
C GLN E 179 48.90 10.18 -38.93
N ALA E 180 48.62 11.19 -38.11
CA ALA E 180 49.53 12.31 -37.98
C ALA E 180 50.70 11.97 -37.05
N LEU E 181 50.43 11.14 -36.05
CA LEU E 181 51.47 10.74 -35.11
C LEU E 181 52.52 9.91 -35.83
N LEU E 182 52.06 8.84 -36.47
CA LEU E 182 52.92 8.05 -37.33
C LEU E 182 53.05 8.83 -38.63
N LYS E 183 54.02 8.49 -39.47
CA LYS E 183 54.07 9.01 -40.84
C LYS E 183 53.91 10.53 -41.01
N THR E 184 54.74 11.36 -40.38
CA THR E 184 54.68 12.81 -40.68
C THR E 184 55.98 13.58 -40.38
N GLY E 185 56.30 13.79 -39.10
CA GLY E 185 57.41 14.67 -38.75
C GLY E 185 58.79 14.19 -39.15
N GLU E 186 59.81 14.81 -38.57
CA GLU E 186 61.18 14.35 -38.75
C GLU E 186 61.28 12.98 -38.10
N HIS E 187 61.09 12.98 -36.78
CA HIS E 187 61.04 11.75 -36.00
C HIS E 187 59.59 11.38 -35.70
N THR E 188 59.15 10.25 -36.24
CA THR E 188 57.78 9.83 -36.08
C THR E 188 57.66 8.81 -34.98
N TRP E 189 56.42 8.51 -34.62
CA TRP E 189 56.13 7.43 -33.70
C TRP E 189 55.90 6.12 -34.44
N SER E 190 56.49 5.04 -33.95
CA SER E 190 56.10 3.73 -34.40
C SER E 190 54.81 3.37 -33.67
N LEU E 191 54.17 2.27 -34.05
CA LEU E 191 52.95 1.85 -33.41
C LEU E 191 53.24 1.35 -32.01
N ALA E 192 54.33 0.60 -31.90
CA ALA E 192 54.81 0.08 -30.64
C ALA E 192 55.06 1.22 -29.65
N GLU E 193 55.74 2.27 -30.11
CA GLU E 193 56.00 3.41 -29.24
C GLU E 193 54.72 4.15 -28.93
N LEU E 194 53.86 4.31 -29.93
CA LEU E 194 52.64 5.08 -29.74
C LEU E 194 51.67 4.39 -28.78
N ILE E 195 51.58 3.07 -28.86
CA ILE E 195 50.66 2.35 -27.98
C ILE E 195 51.10 2.46 -26.54
N GLN E 196 52.40 2.37 -26.27
CA GLN E 196 52.84 2.54 -24.90
C GLN E 196 52.53 3.95 -24.43
N ALA E 197 52.68 4.92 -25.29
CA ALA E 197 52.43 6.30 -24.91
C ALA E 197 50.96 6.54 -24.58
N LEU E 198 50.06 5.87 -25.30
CA LEU E 198 48.64 6.06 -25.04
C LEU E 198 48.22 5.46 -23.71
N VAL E 199 48.84 4.36 -23.35
CA VAL E 199 48.61 3.75 -22.05
C VAL E 199 49.10 4.67 -20.92
N LEU E 200 50.32 5.17 -21.03
CA LEU E 200 50.86 6.14 -20.07
C LEU E 200 49.96 7.33 -19.85
N LEU E 201 49.49 7.91 -20.93
CA LEU E 201 48.61 9.07 -20.86
C LEU E 201 47.34 8.78 -20.10
N THR E 202 46.64 7.72 -20.46
CA THR E 202 45.33 7.47 -19.89
C THR E 202 45.48 7.05 -18.42
N HIS E 203 46.57 6.34 -18.15
CA HIS E 203 46.91 5.88 -16.81
C HIS E 203 47.08 7.07 -15.88
N CYS E 204 47.82 8.09 -16.32
CA CYS E 204 47.96 9.32 -15.55
C CYS E 204 46.72 10.21 -15.53
N HIS E 205 45.91 10.18 -16.59
CA HIS E 205 44.66 10.90 -16.56
C HIS E 205 43.77 10.34 -15.47
N SER E 206 43.75 9.02 -15.37
CA SER E 206 42.86 8.33 -14.44
C SER E 206 43.38 8.43 -13.02
N LEU E 207 44.69 8.51 -12.88
CA LEU E 207 45.33 8.66 -11.58
C LEU E 207 45.18 10.08 -11.05
N SER E 208 44.95 11.02 -11.96
CA SER E 208 44.63 12.38 -11.59
C SER E 208 43.24 12.44 -10.99
N SER E 209 42.35 11.61 -11.48
CA SER E 209 41.02 11.54 -10.92
C SER E 209 41.09 11.03 -9.50
N PHE E 210 41.89 9.99 -9.33
CA PHE E 210 42.09 9.36 -8.04
C PHE E 210 42.70 10.32 -7.03
N VAL E 211 43.76 11.03 -7.42
CA VAL E 211 44.41 11.97 -6.51
C VAL E 211 43.43 13.03 -6.00
N PHE E 212 42.69 13.66 -6.90
CA PHE E 212 41.71 14.68 -6.52
C PHE E 212 40.50 14.08 -5.87
N GLY E 213 40.07 12.93 -6.38
CA GLY E 213 38.90 12.28 -5.82
C GLY E 213 39.11 11.84 -4.40
N CYS E 214 40.33 11.46 -4.06
CA CYS E 214 40.65 10.93 -2.74
C CYS E 214 41.37 11.92 -1.84
N GLY E 215 41.52 13.15 -2.30
CA GLY E 215 42.07 14.21 -1.47
C GLY E 215 43.52 14.02 -1.11
N ILE E 216 44.26 13.35 -1.98
CA ILE E 216 45.61 12.97 -1.67
C ILE E 216 46.56 14.17 -1.57
N LEU E 217 47.27 14.22 -0.45
CA LEU E 217 48.11 15.35 -0.09
C LEU E 217 49.52 15.16 -0.61
N PRO E 218 50.26 16.28 -0.77
CA PRO E 218 51.64 16.19 -1.24
C PRO E 218 52.56 15.57 -0.20
N GLU E 219 53.68 15.04 -0.67
CA GLU E 219 54.64 14.40 0.21
C GLU E 219 55.32 15.36 1.17
N GLY E 220 55.32 15.01 2.45
CA GLY E 220 55.94 15.83 3.47
C GLY E 220 55.05 16.95 4.00
N ASP E 221 54.69 17.88 3.13
CA ASP E 221 53.85 19.02 3.53
C ASP E 221 52.47 18.57 4.03
N PRO E 233 48.36 13.27 7.60
CA PRO E 233 47.68 12.18 6.91
C PRO E 233 48.11 12.09 5.44
N PRO E 234 47.73 11.04 4.71
CA PRO E 234 47.94 10.99 3.26
C PRO E 234 46.78 11.61 2.48
N SER E 235 45.71 11.97 3.15
CA SER E 235 44.53 12.49 2.49
C SER E 235 43.87 13.56 3.32
N GLU E 236 43.34 14.58 2.66
CA GLU E 236 42.64 15.65 3.34
C GLU E 236 41.18 15.29 3.48
N GLN E 237 40.79 14.15 2.92
CA GLN E 237 39.39 13.77 2.91
C GLN E 237 39.15 12.44 3.63
N SER E 238 40.06 11.47 3.46
CA SER E 238 39.99 10.19 4.19
C SER E 238 40.81 10.26 5.48
N SER E 239 40.90 9.15 6.19
CA SER E 239 41.77 9.06 7.38
C SER E 239 42.19 7.61 7.69
N PRO E 240 43.21 7.09 6.97
CA PRO E 240 43.77 5.77 7.24
C PRO E 240 44.53 5.70 8.58
N ARG E 256 16.27 5.14 7.30
CA ARG E 256 17.64 5.15 6.79
C ARG E 256 17.63 5.04 5.27
N ASP E 257 18.34 5.95 4.62
CA ASP E 257 18.47 5.96 3.17
C ASP E 257 19.18 4.72 2.65
N VAL E 258 20.09 4.18 3.46
CA VAL E 258 20.80 2.96 3.11
C VAL E 258 19.84 1.78 2.98
N GLU E 259 18.87 1.71 3.90
CA GLU E 259 17.87 0.66 3.82
C GLU E 259 16.93 0.87 2.65
N ALA E 260 16.72 2.12 2.29
CA ALA E 260 15.94 2.44 1.11
C ALA E 260 16.66 1.94 -0.13
N LEU E 261 17.96 2.22 -0.20
CA LEU E 261 18.77 1.84 -1.35
C LEU E 261 18.83 0.34 -1.48
N MET E 262 18.94 -0.34 -0.35
CA MET E 262 19.01 -1.79 -0.34
C MET E 262 17.70 -2.39 -0.81
N GLU E 263 16.60 -1.76 -0.46
CA GLU E 263 15.29 -2.22 -0.89
C GLU E 263 15.16 -2.10 -2.41
N ARG E 264 15.61 -0.97 -2.95
CA ARG E 264 15.54 -0.75 -4.39
C ARG E 264 16.47 -1.69 -5.16
N MET E 265 17.57 -2.12 -4.54
CA MET E 265 18.46 -3.08 -5.18
C MET E 265 17.80 -4.45 -5.29
N GLN E 266 17.13 -4.86 -4.21
CA GLN E 266 16.42 -6.14 -4.17
C GLN E 266 15.38 -6.27 -5.27
N GLN E 267 14.54 -5.25 -5.42
CA GLN E 267 13.53 -5.21 -6.46
C GLN E 267 14.09 -5.50 -7.85
N LEU E 268 15.27 -4.95 -8.15
CA LEU E 268 15.85 -5.07 -9.48
C LEU E 268 16.33 -6.48 -9.81
N GLN E 269 16.37 -7.36 -8.82
CA GLN E 269 16.80 -8.74 -9.06
C GLN E 269 15.61 -9.63 -9.45
N GLU E 270 15.63 -10.10 -10.71
CA GLU E 270 14.61 -10.99 -11.26
C GLU E 270 14.98 -11.39 -12.70
N GLU E 281 13.77 1.59 -27.39
CA GLU E 281 12.88 2.62 -27.92
C GLU E 281 12.71 3.74 -26.90
N GLU E 282 12.23 3.39 -25.71
CA GLU E 282 12.29 4.27 -24.56
C GLU E 282 13.62 3.97 -23.89
N MET E 283 14.21 2.85 -24.30
CA MET E 283 15.53 2.44 -23.84
C MET E 283 16.60 3.44 -24.26
N GLU E 284 16.54 3.84 -25.53
CA GLU E 284 17.51 4.76 -26.09
C GLU E 284 17.29 6.16 -25.56
N SER E 285 16.08 6.43 -25.10
CA SER E 285 15.74 7.75 -24.61
C SER E 285 16.22 7.98 -23.18
N ARG E 286 16.16 6.95 -22.35
CA ARG E 286 16.62 7.03 -20.96
C ARG E 286 18.11 7.22 -20.89
N PHE E 287 18.80 6.73 -21.91
CA PHE E 287 20.21 6.96 -22.06
C PHE E 287 20.46 8.42 -22.39
N GLU E 288 19.93 8.90 -23.52
CA GLU E 288 20.06 10.30 -23.94
C GLU E 288 19.71 11.25 -22.81
N LEU E 289 18.64 10.93 -22.11
CA LEU E 289 18.19 11.71 -20.97
C LEU E 289 19.27 11.84 -19.91
N GLU E 290 20.08 10.80 -19.80
CA GLU E 290 21.09 10.69 -18.75
C GLU E 290 22.45 11.24 -19.20
N LYS E 291 22.67 11.20 -20.50
CA LYS E 291 23.95 11.60 -21.08
C LYS E 291 24.04 13.11 -21.17
N SER E 292 22.89 13.76 -21.14
CA SER E 292 22.79 15.19 -21.43
C SER E 292 22.65 16.02 -20.18
N GLU E 293 22.20 15.38 -19.12
CA GLU E 293 22.06 15.97 -17.79
C GLU E 293 23.34 16.71 -17.37
N SER E 294 23.20 17.89 -16.78
CA SER E 294 24.37 18.67 -16.41
C SER E 294 24.45 18.95 -14.91
N LEU E 295 25.56 18.55 -14.30
CA LEU E 295 25.80 18.79 -12.87
C LEU E 295 27.21 19.36 -12.62
N PRO E 310 49.62 26.68 -12.64
CA PRO E 310 50.27 27.94 -13.03
C PRO E 310 51.67 27.70 -13.58
N ASP E 311 52.47 26.96 -12.83
CA ASP E 311 53.77 26.46 -13.29
C ASP E 311 53.54 25.23 -14.18
N MET E 312 52.32 24.69 -14.11
CA MET E 312 51.97 23.50 -14.86
C MET E 312 51.39 23.83 -16.24
N LEU E 313 50.98 25.07 -16.44
CA LEU E 313 50.50 25.53 -17.76
C LEU E 313 51.59 25.47 -18.83
N CYS E 314 52.83 25.48 -18.41
CA CYS E 314 53.96 25.39 -19.32
C CYS E 314 54.02 24.08 -20.07
N PHE E 315 53.12 23.15 -19.72
CA PHE E 315 53.19 21.78 -20.21
C PHE E 315 51.95 21.36 -20.98
N VAL E 316 51.01 22.28 -21.15
CA VAL E 316 49.81 21.95 -21.88
C VAL E 316 49.62 22.86 -23.09
N GLU E 317 48.88 22.33 -24.05
CA GLU E 317 48.41 23.10 -25.19
C GLU E 317 46.92 23.26 -24.99
N ASP E 318 46.42 24.48 -25.13
CA ASP E 318 45.00 24.73 -25.02
C ASP E 318 44.53 24.34 -23.64
N PRO E 319 44.87 25.15 -22.63
CA PRO E 319 44.67 24.80 -21.23
C PRO E 319 43.21 24.68 -20.80
N THR E 320 42.30 25.35 -21.48
CA THR E 320 40.93 25.45 -21.00
C THR E 320 40.03 24.47 -21.70
N PHE E 321 40.57 23.77 -22.68
CA PHE E 321 39.85 22.67 -23.31
C PHE E 321 39.48 21.66 -22.26
N GLY E 322 38.20 21.46 -22.05
CA GLY E 322 37.73 20.57 -21.02
C GLY E 322 36.57 19.76 -21.54
N TYR E 323 35.88 19.11 -20.62
CA TYR E 323 34.76 18.26 -21.01
C TYR E 323 33.64 19.13 -21.60
N GLU E 324 33.37 20.27 -20.98
CA GLU E 324 32.31 21.16 -21.43
C GLU E 324 32.79 22.13 -22.50
N ASP E 325 31.96 22.35 -23.52
CA ASP E 325 32.25 23.32 -24.55
C ASP E 325 31.53 24.63 -24.27
N PHE E 326 32.29 25.69 -24.03
CA PHE E 326 31.69 26.98 -23.75
C PHE E 326 31.49 27.77 -25.04
N THR E 327 32.04 27.24 -26.12
CA THR E 327 31.77 27.70 -27.47
C THR E 327 30.28 27.56 -27.80
N ARG E 328 29.63 26.57 -27.22
CA ARG E 328 28.22 26.32 -27.52
C ARG E 328 27.32 26.44 -26.31
N ARG E 329 26.15 27.04 -26.51
CA ARG E 329 25.13 27.05 -25.49
C ARG E 329 24.66 25.62 -25.23
N GLY E 330 24.38 25.31 -23.96
CA GLY E 330 23.93 23.99 -23.59
C GLY E 330 25.05 23.12 -23.06
N ALA E 331 24.68 22.09 -22.31
CA ALA E 331 25.63 21.18 -21.69
C ALA E 331 26.30 20.31 -22.74
N GLN E 332 27.38 19.64 -22.33
CA GLN E 332 28.11 18.74 -23.21
C GLN E 332 27.37 17.42 -23.33
N ALA E 333 27.18 17.00 -24.58
CA ALA E 333 26.60 15.71 -24.88
C ALA E 333 27.40 15.09 -26.01
N PRO E 334 28.27 14.13 -25.68
CA PRO E 334 29.04 13.42 -26.69
C PRO E 334 28.11 12.62 -27.59
N PRO E 335 28.54 12.33 -28.82
CA PRO E 335 27.70 11.48 -29.65
C PRO E 335 27.54 10.11 -29.02
N THR E 336 26.36 9.52 -29.18
CA THR E 336 26.10 8.18 -28.70
C THR E 336 26.89 7.15 -29.46
N PHE E 337 27.69 6.38 -28.73
CA PHE E 337 28.42 5.29 -29.33
C PHE E 337 27.80 4.03 -28.79
N ARG E 338 27.17 3.28 -29.66
CA ARG E 338 26.70 1.97 -29.29
C ARG E 338 27.95 1.20 -28.97
N ALA E 339 27.98 0.51 -27.84
CA ALA E 339 29.10 -0.36 -27.50
C ALA E 339 29.16 -1.46 -28.54
N GLN E 340 29.37 -2.70 -28.15
CA GLN E 340 29.33 -3.84 -29.10
C GLN E 340 30.07 -3.60 -30.43
N ASP E 341 29.82 -2.46 -31.08
CA ASP E 341 30.60 -2.00 -32.22
C ASP E 341 32.11 -2.04 -31.93
N TYR E 342 32.50 -1.80 -30.67
CA TYR E 342 33.90 -1.88 -30.26
C TYR E 342 34.08 -2.04 -28.73
N THR E 343 34.25 -3.29 -28.29
CA THR E 343 34.36 -3.61 -26.86
C THR E 343 35.78 -3.97 -26.47
N TRP E 344 36.06 -3.91 -25.18
CA TRP E 344 37.36 -4.33 -24.69
C TRP E 344 37.52 -5.82 -24.89
N GLU E 345 36.49 -6.58 -24.55
CA GLU E 345 36.55 -8.03 -24.56
C GLU E 345 36.95 -8.65 -25.91
N ASP E 346 36.32 -8.22 -27.00
CA ASP E 346 36.62 -8.80 -28.31
C ASP E 346 37.01 -7.80 -29.41
N HIS E 347 37.75 -6.76 -29.06
CA HIS E 347 38.31 -5.82 -30.03
C HIS E 347 39.57 -5.16 -29.48
N GLY E 348 39.41 -4.37 -28.43
CA GLY E 348 40.50 -3.62 -27.84
C GLY E 348 41.58 -4.47 -27.23
N TYR E 349 41.20 -5.47 -26.45
CA TYR E 349 42.16 -6.37 -25.85
C TYR E 349 42.99 -7.08 -26.91
N SER E 350 42.36 -7.54 -27.97
CA SER E 350 43.07 -8.27 -29.02
C SER E 350 44.08 -7.37 -29.73
N LEU E 351 43.71 -6.11 -29.90
CA LEU E 351 44.60 -5.14 -30.53
C LEU E 351 45.77 -4.81 -29.63
N ILE E 352 45.47 -4.45 -28.38
CA ILE E 352 46.51 -4.09 -27.43
C ILE E 352 47.54 -5.19 -27.27
N GLN E 353 47.08 -6.42 -27.07
CA GLN E 353 48.02 -7.50 -26.80
C GLN E 353 48.80 -7.87 -28.06
N ARG E 354 48.27 -7.53 -29.22
CA ARG E 354 49.03 -7.65 -30.45
C ARG E 354 50.16 -6.65 -30.46
N LEU E 355 49.82 -5.42 -30.09
CA LEU E 355 50.74 -4.28 -30.19
C LEU E 355 51.59 -4.01 -28.95
N TYR E 356 51.17 -4.56 -27.81
CA TYR E 356 51.78 -4.26 -26.52
C TYR E 356 51.47 -5.38 -25.55
N PRO E 357 52.04 -6.56 -25.79
CA PRO E 357 51.71 -7.82 -25.09
C PRO E 357 51.57 -7.71 -23.59
N GLU E 358 52.65 -7.39 -22.88
CA GLU E 358 52.65 -7.38 -21.42
C GLU E 358 51.70 -6.32 -20.87
N GLY E 359 51.58 -5.22 -21.59
CA GLY E 359 50.68 -4.15 -21.21
C GLY E 359 49.22 -4.54 -21.28
N GLY E 360 48.88 -5.38 -22.25
CA GLY E 360 47.50 -5.80 -22.43
C GLY E 360 46.94 -6.71 -21.38
N GLN E 361 47.72 -7.73 -20.99
CA GLN E 361 47.30 -8.66 -19.95
C GLN E 361 47.06 -7.92 -18.64
N LEU E 362 47.99 -7.04 -18.32
CA LEU E 362 47.92 -6.26 -17.09
C LEU E 362 46.75 -5.29 -17.10
N LEU E 363 46.46 -4.70 -18.25
CA LEU E 363 45.28 -3.86 -18.39
C LEU E 363 44.00 -4.66 -18.24
N ASP E 364 43.96 -5.85 -18.83
CA ASP E 364 42.78 -6.67 -18.72
C ASP E 364 42.52 -7.11 -17.29
N GLU E 365 43.57 -7.48 -16.57
CA GLU E 365 43.39 -7.94 -15.22
C GLU E 365 42.94 -6.82 -14.29
N LYS E 366 43.43 -5.61 -14.50
CA LYS E 366 43.01 -4.48 -13.68
C LYS E 366 41.57 -4.03 -13.91
N PHE E 367 41.11 -4.08 -15.17
CA PHE E 367 39.73 -3.80 -15.49
C PHE E 367 38.81 -4.77 -14.75
N GLN E 368 39.17 -6.05 -14.80
CA GLN E 368 38.38 -7.09 -14.18
C GLN E 368 38.44 -7.05 -12.67
N ALA E 369 39.59 -6.70 -12.12
CA ALA E 369 39.74 -6.57 -10.68
C ALA E 369 38.85 -5.46 -10.13
N ALA E 370 38.82 -4.30 -10.79
CA ALA E 370 37.99 -3.19 -10.31
C ALA E 370 36.49 -3.45 -10.49
N TYR E 371 36.10 -3.91 -11.67
CA TYR E 371 34.72 -4.21 -11.95
C TYR E 371 34.11 -5.24 -10.99
N SER E 372 34.88 -6.26 -10.64
CA SER E 372 34.33 -7.34 -9.82
C SER E 372 34.66 -7.26 -8.34
N LEU E 373 35.51 -6.32 -7.95
CA LEU E 373 35.81 -6.10 -6.54
C LEU E 373 34.57 -5.90 -5.70
N THR E 374 34.41 -6.71 -4.66
CA THR E 374 33.35 -6.53 -3.69
C THR E 374 33.71 -7.19 -2.38
N TYR E 375 33.16 -6.67 -1.30
CA TYR E 375 33.30 -7.28 0.01
C TYR E 375 31.91 -7.70 0.46
N ASN E 376 30.99 -7.63 -0.48
CA ASN E 376 29.58 -7.89 -0.24
C ASN E 376 29.05 -7.10 0.94
N THR E 377 29.44 -5.83 1.04
CA THR E 377 28.93 -4.96 2.09
C THR E 377 28.24 -3.72 1.51
N ILE E 378 27.48 -3.05 2.35
CA ILE E 378 26.82 -1.80 2.01
C ILE E 378 26.75 -1.00 3.29
N ALA E 379 27.48 0.10 3.34
CA ALA E 379 27.60 0.88 4.57
C ALA E 379 27.86 -0.03 5.75
N MET E 380 26.89 -0.13 6.66
CA MET E 380 27.05 -0.94 7.87
C MET E 380 26.49 -2.36 7.72
N HIS E 381 25.99 -2.68 6.54
CA HIS E 381 25.33 -3.95 6.29
C HIS E 381 26.23 -4.94 5.54
N SER E 382 26.11 -6.23 5.86
CA SER E 382 26.87 -7.24 5.15
C SER E 382 25.96 -8.34 4.60
N GLY E 383 26.50 -9.17 3.73
CA GLY E 383 25.75 -10.24 3.13
C GLY E 383 24.93 -9.81 1.94
N VAL E 384 25.35 -8.72 1.30
CA VAL E 384 24.60 -8.10 0.21
C VAL E 384 25.32 -8.21 -1.14
N ASP E 385 24.60 -8.64 -2.17
CA ASP E 385 25.07 -8.50 -3.53
C ASP E 385 24.93 -7.04 -3.92
N THR E 386 26.06 -6.40 -4.22
CA THR E 386 26.04 -4.99 -4.59
C THR E 386 26.38 -4.79 -6.05
N SER E 387 26.17 -5.80 -6.89
CA SER E 387 26.69 -5.71 -8.23
C SER E 387 25.82 -4.87 -9.16
N VAL E 388 24.56 -4.61 -8.82
CA VAL E 388 23.77 -3.65 -9.60
C VAL E 388 24.16 -2.24 -9.26
N LEU E 389 24.57 -2.01 -8.03
CA LEU E 389 25.02 -0.70 -7.63
C LEU E 389 26.31 -0.36 -8.34
N ARG E 390 27.20 -1.33 -8.43
CA ARG E 390 28.50 -1.12 -9.03
C ARG E 390 28.41 -1.08 -10.54
N ARG E 391 27.44 -1.80 -11.09
CA ARG E 391 27.22 -1.77 -12.52
C ARG E 391 26.70 -0.39 -12.95
N ALA E 392 25.86 0.23 -12.13
CA ALA E 392 25.32 1.53 -12.43
C ALA E 392 26.39 2.62 -12.39
N ILE E 393 27.30 2.56 -11.43
CA ILE E 393 28.40 3.48 -11.36
C ILE E 393 29.27 3.39 -12.61
N TRP E 394 29.53 2.17 -13.06
CA TRP E 394 30.37 1.96 -14.23
C TRP E 394 29.67 2.44 -15.48
N ASN E 395 28.39 2.14 -15.59
CA ASN E 395 27.65 2.44 -16.80
C ASN E 395 27.27 3.91 -16.90
N TYR E 396 27.15 4.58 -15.76
CA TYR E 396 26.92 6.00 -15.72
C TYR E 396 28.14 6.77 -16.21
N ILE E 397 29.32 6.27 -15.90
CA ILE E 397 30.56 6.92 -16.29
C ILE E 397 30.83 6.71 -17.76
N HIS E 398 30.46 5.55 -18.27
CA HIS E 398 30.64 5.24 -19.67
C HIS E 398 29.60 5.98 -20.50
N CYS E 399 28.49 6.29 -19.86
CA CYS E 399 27.43 7.08 -20.46
C CYS E 399 27.89 8.53 -20.64
N VAL E 400 28.55 9.04 -19.62
CA VAL E 400 29.10 10.38 -19.62
C VAL E 400 30.09 10.54 -20.77
N PHE E 401 30.69 9.44 -21.22
CA PHE E 401 31.62 9.49 -22.34
C PHE E 401 31.00 8.92 -23.61
N GLY E 402 29.68 8.76 -23.57
CA GLY E 402 28.92 8.47 -24.77
C GLY E 402 28.72 7.03 -25.14
N ILE E 403 29.21 6.12 -24.31
CA ILE E 403 29.12 4.69 -24.60
C ILE E 403 27.82 4.08 -24.10
N ARG E 404 27.06 3.45 -24.99
CA ARG E 404 25.77 2.88 -24.59
C ARG E 404 25.71 1.35 -24.68
N TYR E 405 25.20 0.73 -23.63
CA TYR E 405 25.05 -0.72 -23.58
C TYR E 405 23.64 -1.13 -23.93
N ASP E 406 23.54 -1.99 -24.95
CA ASP E 406 22.28 -2.43 -25.54
C ASP E 406 21.19 -2.81 -24.56
N ASP E 407 21.51 -3.77 -23.71
CA ASP E 407 20.49 -4.44 -22.90
C ASP E 407 20.41 -3.87 -21.51
N TYR E 408 20.91 -2.65 -21.32
CA TYR E 408 20.91 -2.02 -20.02
C TYR E 408 19.81 -0.97 -19.92
N ASP E 409 19.07 -0.98 -18.81
CA ASP E 409 18.06 0.03 -18.54
C ASP E 409 18.65 1.19 -17.74
N TYR E 410 18.86 2.33 -18.40
CA TYR E 410 19.53 3.45 -17.75
C TYR E 410 18.64 4.18 -16.75
N GLY E 411 17.43 3.68 -16.57
CA GLY E 411 16.57 4.22 -15.54
C GLY E 411 17.09 3.77 -14.20
N GLU E 412 17.83 2.66 -14.19
CA GLU E 412 18.40 2.12 -12.96
C GLU E 412 19.37 3.10 -12.32
N VAL E 413 19.98 3.95 -13.13
CA VAL E 413 20.98 4.90 -12.64
C VAL E 413 20.39 5.89 -11.63
N ASN E 414 19.18 6.36 -11.84
CA ASN E 414 18.59 7.30 -10.89
C ASN E 414 17.90 6.62 -9.73
N GLN E 415 17.66 5.33 -9.87
CA GLN E 415 17.13 4.56 -8.76
C GLN E 415 18.21 4.24 -7.75
N LEU E 416 19.44 4.08 -8.22
CA LEU E 416 20.52 3.61 -7.36
C LEU E 416 21.52 4.70 -6.98
N LEU E 417 21.73 5.65 -7.88
CA LEU E 417 22.75 6.67 -7.68
C LEU E 417 22.15 7.99 -7.20
N GLU E 418 22.37 8.35 -5.95
CA GLU E 418 21.80 9.59 -5.44
C GLU E 418 22.44 10.77 -6.18
N ARG E 419 21.75 11.91 -6.19
CA ARG E 419 22.25 13.06 -6.92
C ARG E 419 23.63 13.50 -6.47
N ASN E 420 23.87 13.50 -5.16
CA ASN E 420 25.16 13.96 -4.65
C ASN E 420 26.31 13.04 -5.03
N LEU E 421 26.00 11.77 -5.25
CA LEU E 421 26.98 10.83 -5.77
C LEU E 421 27.23 11.10 -7.24
N LYS E 422 26.18 11.37 -8.00
CA LYS E 422 26.36 11.68 -9.41
C LYS E 422 27.15 12.97 -9.65
N VAL E 423 26.97 13.97 -8.79
CA VAL E 423 27.74 15.20 -8.90
C VAL E 423 29.20 14.90 -8.67
N TYR E 424 29.47 14.07 -7.65
CA TYR E 424 30.83 13.67 -7.27
C TYR E 424 31.55 12.92 -8.37
N ILE E 425 30.90 11.88 -8.90
CA ILE E 425 31.44 11.11 -10.01
C ILE E 425 31.77 11.93 -11.26
N LYS E 426 30.87 12.82 -11.65
CA LYS E 426 31.06 13.60 -12.86
C LYS E 426 32.18 14.61 -12.68
N THR E 427 32.28 15.20 -11.51
CA THR E 427 33.39 16.07 -11.20
C THR E 427 34.71 15.30 -11.26
N VAL E 428 34.82 14.22 -10.50
CA VAL E 428 36.08 13.45 -10.47
C VAL E 428 36.44 12.85 -11.83
N ALA E 429 35.44 12.45 -12.61
CA ALA E 429 35.68 11.91 -13.94
C ALA E 429 36.03 12.99 -14.97
N CYS E 430 35.34 14.13 -14.93
CA CYS E 430 35.48 15.15 -15.97
C CYS E 430 36.24 16.39 -15.55
N TYR E 431 36.17 16.74 -14.27
CA TYR E 431 36.76 17.97 -13.74
C TYR E 431 37.44 17.78 -12.39
N PRO E 432 38.37 16.84 -12.31
CA PRO E 432 38.89 16.44 -11.00
C PRO E 432 39.36 17.62 -10.15
N GLU E 433 39.99 18.61 -10.76
CA GLU E 433 40.55 19.77 -10.04
C GLU E 433 39.52 20.53 -9.20
N LYS E 434 38.25 20.32 -9.51
CA LYS E 434 37.19 21.05 -8.86
C LYS E 434 36.55 20.23 -7.76
N THR E 435 37.19 19.13 -7.37
CA THR E 435 36.68 18.30 -6.29
C THR E 435 37.04 18.90 -4.96
N THR E 436 36.06 18.96 -4.08
CA THR E 436 36.25 19.55 -2.76
C THR E 436 35.89 18.55 -1.67
N ARG E 437 36.34 18.83 -0.45
CA ARG E 437 36.02 18.05 0.72
C ARG E 437 34.52 18.06 0.98
N ARG E 438 33.89 19.21 0.75
CA ARG E 438 32.45 19.34 0.94
C ARG E 438 31.67 18.41 0.01
N MET E 439 32.14 18.27 -1.23
CA MET E 439 31.53 17.38 -2.19
C MET E 439 31.75 15.91 -1.84
N TYR E 440 32.90 15.62 -1.25
CA TYR E 440 33.22 14.28 -0.80
C TYR E 440 32.37 13.90 0.41
N ASN E 441 32.25 14.81 1.38
CA ASN E 441 31.47 14.52 2.58
C ASN E 441 29.97 14.49 2.34
N LEU E 442 29.52 15.05 1.22
CA LEU E 442 28.11 15.28 1.01
C LEU E 442 27.34 14.04 0.59
N PHE E 443 27.99 13.15 -0.14
CA PHE E 443 27.31 11.98 -0.66
C PHE E 443 27.61 10.78 0.23
N TRP E 444 26.64 9.87 0.31
CA TRP E 444 26.81 8.63 1.06
C TRP E 444 27.29 8.91 2.47
N ARG E 445 26.52 9.71 3.19
CA ARG E 445 26.91 10.18 4.51
C ARG E 445 27.08 9.01 5.47
N HIS E 446 26.33 7.95 5.25
CA HIS E 446 26.38 6.80 6.12
C HIS E 446 27.26 5.66 5.61
N PHE E 447 28.01 5.90 4.55
CA PHE E 447 28.93 4.89 4.03
C PHE E 447 30.29 5.07 4.63
N ARG E 448 31.13 4.06 4.44
CA ARG E 448 32.47 4.04 4.98
C ARG E 448 33.44 4.70 4.01
N HIS E 449 34.50 5.31 4.54
CA HIS E 449 35.51 5.94 3.71
C HIS E 449 36.11 4.97 2.71
N SER E 450 36.20 3.70 3.09
CA SER E 450 36.78 2.70 2.23
C SER E 450 35.89 2.47 1.03
N GLU E 451 34.59 2.66 1.22
CA GLU E 451 33.63 2.46 0.15
C GLU E 451 33.67 3.57 -0.86
N LYS E 452 34.01 4.76 -0.37
CA LYS E 452 34.21 5.93 -1.21
C LYS E 452 35.46 5.82 -2.06
N VAL E 453 36.54 5.28 -1.51
CA VAL E 453 37.74 5.00 -2.30
C VAL E 453 37.44 3.95 -3.35
N HIS E 454 36.58 3.00 -3.00
CA HIS E 454 36.14 1.95 -3.91
C HIS E 454 35.46 2.57 -5.13
N VAL E 455 34.60 3.57 -4.91
CA VAL E 455 33.90 4.25 -6.00
C VAL E 455 34.89 4.91 -6.92
N ASN E 456 35.92 5.49 -6.31
CA ASN E 456 37.00 6.10 -7.05
C ASN E 456 37.80 5.15 -7.92
N LEU E 457 37.94 3.89 -7.54
CA LEU E 457 38.73 3.03 -8.39
C LEU E 457 37.85 2.40 -9.45
N LEU E 458 36.58 2.28 -9.15
CA LEU E 458 35.61 1.92 -10.16
C LEU E 458 35.55 2.97 -11.25
N LEU E 459 35.59 4.24 -10.86
CA LEU E 459 35.44 5.35 -11.79
C LEU E 459 36.70 5.60 -12.61
N LEU E 460 37.86 5.50 -11.99
CA LEU E 460 39.10 5.67 -12.73
C LEU E 460 39.26 4.59 -13.81
N GLU E 461 38.82 3.36 -13.51
CA GLU E 461 38.89 2.28 -14.49
C GLU E 461 37.86 2.40 -15.59
N ALA E 462 36.63 2.77 -15.23
CA ALA E 462 35.61 3.02 -16.23
C ALA E 462 36.05 4.12 -17.19
N ARG E 463 36.55 5.22 -16.64
CA ARG E 463 37.04 6.32 -17.44
C ARG E 463 38.20 5.95 -18.35
N MET E 464 39.16 5.20 -17.84
CA MET E 464 40.30 4.79 -18.64
C MET E 464 39.94 3.81 -19.73
N GLN E 465 39.02 2.90 -19.47
CA GLN E 465 38.62 1.96 -20.49
C GLN E 465 37.90 2.66 -21.65
N ALA E 466 37.03 3.63 -21.33
CA ALA E 466 36.36 4.40 -22.38
C ALA E 466 37.36 5.17 -23.23
N ALA E 467 38.28 5.89 -22.59
CA ALA E 467 39.28 6.67 -23.31
C ALA E 467 40.17 5.78 -24.15
N LEU E 468 40.59 4.67 -23.58
CA LEU E 468 41.46 3.73 -24.27
C LEU E 468 40.75 3.02 -25.43
N LEU E 469 39.45 2.76 -25.29
CA LEU E 469 38.68 2.18 -26.39
C LEU E 469 38.51 3.14 -27.57
N TYR E 470 38.20 4.39 -27.29
CA TYR E 470 38.12 5.38 -28.35
C TYR E 470 39.44 5.52 -29.10
N ALA E 471 40.56 5.45 -28.37
CA ALA E 471 41.87 5.53 -28.99
C ALA E 471 42.14 4.33 -29.86
N LEU E 472 41.82 3.15 -29.35
CA LEU E 472 42.05 1.92 -30.08
C LEU E 472 41.16 1.78 -31.31
N ARG E 473 39.92 2.25 -31.22
CA ARG E 473 39.03 2.25 -32.36
C ARG E 473 39.59 3.11 -33.49
N ALA E 474 40.23 4.22 -33.14
CA ALA E 474 40.81 5.11 -34.13
C ALA E 474 42.02 4.48 -34.77
N ILE E 475 42.69 3.60 -34.04
CA ILE E 475 43.86 2.91 -34.55
C ILE E 475 43.45 1.77 -35.48
N THR E 476 42.39 1.06 -35.09
CA THR E 476 41.85 0.00 -35.93
C THR E 476 41.37 0.56 -37.28
N ARG E 477 40.69 1.69 -37.26
CA ARG E 477 40.25 2.34 -38.47
C ARG E 477 41.43 2.85 -39.29
N TYR E 478 42.50 3.25 -38.64
CA TYR E 478 43.68 3.68 -39.37
C TYR E 478 44.32 2.50 -40.10
N MET E 479 44.45 1.38 -39.40
CA MET E 479 45.13 0.20 -39.94
C MET E 479 44.35 -0.48 -41.08
N THR E 480 43.09 -0.14 -41.24
CA THR E 480 42.32 -0.61 -42.38
C THR E 480 42.46 0.38 -43.54
N LEU F . 8.71 -20.91 21.19
CA LEU F . 8.92 -21.40 19.83
C LEU F . 8.12 -22.67 19.58
O LEU F . 8.11 -23.23 18.50
CB LEU F . 10.41 -21.65 19.59
CG LEU F . 11.24 -20.61 18.86
CD1 LEU F . 10.76 -19.20 19.19
CD2 LEU F . 12.71 -20.76 19.19
OXT LEU F . 7.46 -23.16 20.45
N LEU G . 11.71 22.86 -17.52
CA LEU G . 10.69 22.10 -18.19
C LEU G . 11.25 21.38 -19.41
O LEU G . 12.43 21.50 -19.71
CB LEU G . 9.54 23.01 -18.59
CG LEU G . 8.18 22.75 -17.96
CD1 LEU G . 8.31 22.53 -16.47
CD2 LEU G . 7.21 23.89 -18.27
OXT LEU G . 10.57 20.67 -20.13
N LEU H . -24.96 -7.88 16.89
CA LEU H . -24.60 -8.92 15.94
C LEU H . -25.79 -9.21 15.03
O LEU H . -25.77 -10.04 14.12
CB LEU H . -24.14 -10.18 16.66
CG LEU H . -22.66 -10.25 17.11
CD1 LEU H . -22.08 -8.91 17.49
CD2 LEU H . -22.47 -11.24 18.25
OXT LEU H . -26.84 -8.60 15.20
N LEU I . -23.13 19.36 -6.89
CA LEU I . -23.58 18.04 -7.33
C LEU I . -23.76 18.00 -8.83
O LEU I . -24.12 16.97 -9.41
CB LEU I . -24.88 17.67 -6.64
CG LEU I . -24.79 16.65 -5.53
CD1 LEU I . -23.65 17.01 -4.61
CD2 LEU I . -26.10 16.56 -4.78
OXT LEU I . -23.54 18.99 -9.50
N LEU J . 31.24 -2.28 -0.15
CA LEU J . 30.64 -2.39 -1.47
C LEU J . 30.88 -3.77 -2.05
O LEU J . 31.57 -4.58 -1.48
CB LEU J . 31.20 -1.31 -2.38
CG LEU J . 30.20 -0.42 -3.11
CD1 LEU J . 29.16 0.08 -2.13
CD2 LEU J . 30.92 0.73 -3.79
OXT LEU J . 30.40 -4.15 -3.11
#